data_7TSK
#
_entry.id   7TSK
#
_cell.length_a   59.745
_cell.length_b   154.022
_cell.length_c   109.190
_cell.angle_alpha   90.000
_cell.angle_beta   90.490
_cell.angle_gamma   90.000
#
_symmetry.space_group_name_H-M   'P 1 21 1'
#
loop_
_entity.id
_entity.type
_entity.pdbx_description
1 polymer 'Nitric oxide synthase, endothelial'
2 non-polymer 'PROTOPORPHYRIN IX CONTAINING FE'
3 non-polymer 5,6,7,8-TETRAHYDROBIOPTERIN
4 non-polymer 4-methyl-6-[3-(methylamino)prop-1-yn-1-yl]pyridin-2-amine
5 non-polymer 2-[BIS-(2-HYDROXY-ETHYL)-AMINO]-2-HYDROXYMETHYL-PROPANE-1,3-DIOL
6 non-polymer GLYCEROL
7 non-polymer 'CHLORIDE ION'
8 non-polymer 'GADOLINIUM ATOM'
9 non-polymer 'ZINC ION'
10 water water
#
_entity_poly.entity_id   1
_entity_poly.type   'polypeptide(L)'
_entity_poly.pdbx_seq_one_letter_code
;APASLLPPAPEHSPPSSPLTQPPEGPKFPRVKNWEVGSITYDTLSAQAQQDGPCTPRRCLGSLVFPRKLQGRPSPGPPAP
EQLLSQARDFINQYYSSIKRSGSQAHEQRLQEVEAEVAATGTYQLRESELVFGAKQAWRNAPRCVGRIQWGKLQVFDARD
CRSAQEMFTYICNHIKYATNRGNLRSAITVFPQRCPGRGDFRIWNSQLVRYAGYRQQDGSVRGDPANVEITELCIQHGWT
PGNGRFDVLPLLLQAPDEPPELFLLPPELVLEVPLEHPTLEWFAALGLRWYALPAVSNMLLEIGGLEFPAAPFSGWYMST
EIGTRNLCDPHRYNILEDVAVCMDLDTRTTSSLWKDKAAVEINVAVLHSYQLAKVTIVDHHAATASFMKHLENEQKARGG
CPADWAWIVPPISGSLTPVFHQEMVNYFLSPAFRYQPDPW
;
_entity_poly.pdbx_strand_id   A,B,C,D
#
loop_
_chem_comp.id
_chem_comp.type
_chem_comp.name
_chem_comp.formula
BTB non-polymer 2-[BIS-(2-HYDROXY-ETHYL)-AMINO]-2-HYDROXYMETHYL-PROPANE-1,3-DIOL 'C8 H19 N O5'
CL non-polymer 'CHLORIDE ION' 'Cl -1'
GD non-polymer 'GADOLINIUM ATOM' Gd
GOL non-polymer GLYCEROL 'C3 H8 O3'
H4B non-polymer 5,6,7,8-TETRAHYDROBIOPTERIN 'C9 H15 N5 O3'
HEM non-polymer 'PROTOPORPHYRIN IX CONTAINING FE' 'C34 H32 Fe N4 O4'
K9C non-polymer 4-methyl-6-[3-(methylamino)prop-1-yn-1-yl]pyridin-2-amine 'C10 H13 N3'
ZN non-polymer 'ZINC ION' 'Zn 2'
#
# COMPACT_ATOMS: atom_id res chain seq x y z
N PHE A 28 -3.78 -27.06 -42.99
CA PHE A 28 -3.32 -25.77 -42.45
C PHE A 28 -3.46 -25.67 -40.92
N PRO A 29 -2.37 -25.33 -40.22
CA PRO A 29 -2.38 -25.36 -38.74
C PRO A 29 -3.45 -24.45 -38.15
N ARG A 30 -4.28 -25.04 -37.27
CA ARG A 30 -5.23 -24.29 -36.47
C ARG A 30 -4.47 -23.55 -35.36
N VAL A 31 -4.84 -22.29 -35.14
CA VAL A 31 -4.17 -21.41 -34.19
C VAL A 31 -5.24 -20.75 -33.35
N LYS A 32 -5.15 -20.89 -32.05
CA LYS A 32 -6.17 -20.40 -31.14
C LYS A 32 -5.60 -19.33 -30.23
N ASN A 33 -6.41 -18.33 -29.92
CA ASN A 33 -6.12 -17.39 -28.84
C ASN A 33 -6.99 -17.75 -27.64
N TRP A 34 -6.34 -18.12 -26.52
CA TRP A 34 -7.04 -18.66 -25.35
C TRP A 34 -7.65 -17.57 -24.46
N GLU A 35 -7.27 -16.31 -24.63
CA GLU A 35 -7.96 -15.24 -23.91
C GLU A 35 -9.36 -15.03 -24.45
N VAL A 36 -9.49 -15.01 -25.79
CA VAL A 36 -10.73 -14.63 -26.45
C VAL A 36 -11.48 -15.82 -27.01
N GLY A 37 -10.79 -16.91 -27.38
CA GLY A 37 -11.42 -18.06 -27.97
C GLY A 37 -11.35 -18.09 -29.48
N SER A 38 -10.79 -17.06 -30.11
CA SER A 38 -10.79 -16.94 -31.55
C SER A 38 -9.76 -17.87 -32.20
N ILE A 39 -10.03 -18.24 -33.45
CA ILE A 39 -9.29 -19.25 -34.19
C ILE A 39 -8.89 -18.67 -35.53
N THR A 40 -7.64 -18.90 -35.95
CA THR A 40 -7.21 -18.62 -37.32
C THR A 40 -6.46 -19.84 -37.88
N TYR A 41 -6.18 -19.79 -39.19
CA TYR A 41 -5.39 -20.80 -39.87
C TYR A 41 -4.21 -20.14 -40.57
N ASP A 42 -3.01 -20.63 -40.29
CA ASP A 42 -1.79 -20.10 -40.89
C ASP A 42 -1.64 -20.76 -42.26
N THR A 43 -2.15 -20.09 -43.30
CA THR A 43 -1.84 -20.54 -44.65
C THR A 43 -0.45 -20.12 -45.10
N LEU A 44 0.12 -19.08 -44.46
CA LEU A 44 1.44 -18.59 -44.84
C LEU A 44 2.52 -19.60 -44.55
N SER A 45 2.31 -20.48 -43.56
CA SER A 45 3.26 -21.54 -43.27
C SER A 45 3.58 -22.40 -44.48
N ALA A 46 2.64 -22.49 -45.44
CA ALA A 46 2.85 -23.32 -46.63
C ALA A 46 4.06 -22.89 -47.44
N GLN A 47 4.40 -21.60 -47.43
CA GLN A 47 5.48 -21.07 -48.26
C GLN A 47 6.87 -21.23 -47.63
N ALA A 48 7.02 -22.00 -46.56
CA ALA A 48 8.28 -22.02 -45.83
C ALA A 48 9.44 -22.50 -46.71
N GLN A 49 10.65 -22.02 -46.38
CA GLN A 49 11.84 -22.35 -47.16
C GLN A 49 12.76 -23.18 -46.29
N GLN A 50 13.66 -22.59 -45.51
CA GLN A 50 14.75 -23.33 -44.89
C GLN A 50 14.19 -24.12 -43.71
N ASP A 51 14.18 -25.44 -43.82
CA ASP A 51 13.67 -26.31 -42.78
C ASP A 51 14.26 -25.94 -41.42
N GLY A 52 13.43 -25.99 -40.38
CA GLY A 52 13.87 -25.72 -39.03
C GLY A 52 14.39 -26.95 -38.30
N PRO A 53 14.56 -26.85 -36.99
CA PRO A 53 15.19 -27.93 -36.22
C PRO A 53 14.26 -29.03 -35.72
N CYS A 54 12.95 -28.91 -35.93
CA CYS A 54 11.97 -29.81 -35.30
C CYS A 54 11.60 -30.95 -36.24
N THR A 55 11.35 -32.12 -35.68
CA THR A 55 10.85 -33.30 -36.37
C THR A 55 9.65 -33.84 -35.61
N PRO A 56 8.82 -34.68 -36.26
CA PRO A 56 7.68 -35.27 -35.54
C PRO A 56 8.10 -36.02 -34.29
N ARG A 57 9.36 -36.44 -34.20
CA ARG A 57 9.86 -37.19 -33.06
C ARG A 57 10.07 -36.32 -31.82
N ARG A 58 10.52 -35.08 -32.01
CA ARG A 58 10.87 -34.21 -30.88
C ARG A 58 10.87 -32.77 -31.35
N CYS A 59 10.46 -31.88 -30.46
CA CYS A 59 10.44 -30.45 -30.70
C CYS A 59 11.70 -29.81 -30.14
N LEU A 60 12.30 -28.91 -30.91
CA LEU A 60 13.53 -28.25 -30.51
C LEU A 60 13.40 -26.74 -30.55
N GLY A 61 12.18 -26.22 -30.40
CA GLY A 61 11.92 -24.81 -30.58
C GLY A 61 12.54 -23.92 -29.51
N SER A 62 12.94 -24.49 -28.37
CA SER A 62 13.53 -23.72 -27.29
C SER A 62 15.04 -23.57 -27.43
N LEU A 63 15.65 -24.12 -28.49
CA LEU A 63 17.08 -23.97 -28.71
C LEU A 63 17.33 -22.63 -29.39
N VAL A 64 18.43 -21.97 -29.00
CA VAL A 64 18.72 -20.63 -29.52
C VAL A 64 19.36 -20.69 -30.90
N PHE A 65 20.53 -21.33 -30.99
CA PHE A 65 21.22 -21.51 -32.27
C PHE A 65 21.05 -22.94 -32.73
N PRO A 66 19.90 -23.30 -33.33
CA PRO A 66 19.42 -24.67 -33.57
C PRO A 66 20.47 -25.66 -34.07
N PRO A 80 26.32 -24.14 -58.56
CA PRO A 80 26.33 -22.68 -58.45
C PRO A 80 24.97 -22.04 -58.77
N GLU A 81 24.32 -22.50 -59.84
CA GLU A 81 23.19 -21.83 -60.45
C GLU A 81 21.91 -21.89 -59.62
N GLN A 82 21.95 -22.39 -58.39
CA GLN A 82 20.77 -22.32 -57.53
C GLN A 82 20.54 -20.92 -56.99
N LEU A 83 21.48 -20.00 -57.22
CA LEU A 83 21.30 -18.60 -56.88
C LEU A 83 20.14 -17.95 -57.64
N LEU A 84 19.77 -18.52 -58.80
CA LEU A 84 18.73 -17.97 -59.66
C LEU A 84 17.34 -18.22 -59.09
N SER A 85 17.08 -19.42 -58.59
CA SER A 85 15.74 -19.75 -58.10
C SER A 85 15.31 -18.82 -56.96
N GLN A 86 16.24 -18.47 -56.07
CA GLN A 86 15.91 -17.53 -54.99
C GLN A 86 15.78 -16.11 -55.52
N ALA A 87 16.44 -15.78 -56.63
CA ALA A 87 16.35 -14.44 -57.20
C ALA A 87 15.01 -14.24 -57.92
N ARG A 88 14.65 -15.18 -58.78
CA ARG A 88 13.31 -15.20 -59.36
C ARG A 88 12.25 -15.02 -58.30
N ASP A 89 12.29 -15.83 -57.24
CA ASP A 89 11.25 -15.79 -56.21
C ASP A 89 11.20 -14.43 -55.53
N PHE A 90 12.36 -13.81 -55.27
CA PHE A 90 12.32 -12.50 -54.63
C PHE A 90 11.75 -11.44 -55.54
N ILE A 91 12.12 -11.47 -56.83
CA ILE A 91 11.58 -10.48 -57.79
C ILE A 91 10.07 -10.63 -57.89
N ASN A 92 9.59 -11.87 -57.95
CA ASN A 92 8.15 -12.13 -57.94
C ASN A 92 7.48 -11.51 -56.71
N GLN A 93 8.13 -11.61 -55.55
CA GLN A 93 7.58 -10.98 -54.35
C GLN A 93 7.47 -9.47 -54.52
N TYR A 94 8.56 -8.83 -54.97
CA TYR A 94 8.57 -7.39 -55.14
C TYR A 94 7.38 -6.90 -55.96
N TYR A 95 7.16 -7.51 -57.12
CA TYR A 95 6.21 -6.96 -58.07
C TYR A 95 4.75 -7.22 -57.66
N SER A 96 4.46 -8.37 -57.07
CA SER A 96 3.10 -8.58 -56.56
C SER A 96 2.80 -7.64 -55.40
N SER A 97 3.82 -7.32 -54.59
CA SER A 97 3.65 -6.37 -53.48
C SER A 97 3.34 -4.96 -53.98
N ILE A 98 3.84 -4.57 -55.14
CA ILE A 98 3.46 -3.29 -55.73
C ILE A 98 2.43 -3.49 -56.84
N LYS A 99 1.72 -4.63 -56.83
CA LYS A 99 0.63 -4.90 -57.77
C LYS A 99 1.12 -4.91 -59.21
N ARG A 100 2.19 -5.66 -59.45
CA ARG A 100 2.86 -5.60 -60.76
C ARG A 100 3.24 -7.00 -61.24
N SER A 101 2.32 -7.95 -61.08
CA SER A 101 2.44 -9.26 -61.70
C SER A 101 1.64 -9.27 -63.00
N GLY A 102 2.24 -9.82 -64.06
CA GLY A 102 1.62 -9.72 -65.37
C GLY A 102 1.79 -8.33 -65.96
N SER A 103 3.01 -7.81 -65.90
CA SER A 103 3.30 -6.44 -66.32
C SER A 103 4.64 -6.42 -67.03
N GLN A 104 4.95 -5.24 -67.59
CA GLN A 104 6.13 -5.11 -68.44
C GLN A 104 7.42 -5.17 -67.61
N ALA A 105 7.58 -4.23 -66.67
CA ALA A 105 8.81 -4.19 -65.88
C ALA A 105 9.03 -5.48 -65.11
N HIS A 106 7.95 -6.16 -64.70
CA HIS A 106 8.08 -7.48 -64.11
C HIS A 106 8.72 -8.45 -65.10
N GLU A 107 8.05 -8.68 -66.23
CA GLU A 107 8.63 -9.46 -67.33
C GLU A 107 10.07 -9.01 -67.62
N GLN A 108 10.28 -7.70 -67.73
CA GLN A 108 11.58 -7.15 -68.10
C GLN A 108 12.66 -7.40 -67.04
N ARG A 109 12.34 -7.13 -65.77
CA ARG A 109 13.34 -7.29 -64.69
C ARG A 109 13.76 -8.74 -64.52
N LEU A 110 12.89 -9.69 -64.88
CA LEU A 110 13.28 -11.09 -64.80
C LEU A 110 14.47 -11.40 -65.70
N GLN A 111 14.55 -10.74 -66.87
CA GLN A 111 15.60 -11.07 -67.81
C GLN A 111 16.94 -10.54 -67.34
N GLU A 112 16.96 -9.32 -66.80
CA GLU A 112 18.22 -8.68 -66.41
C GLU A 112 18.96 -9.50 -65.37
N VAL A 113 18.25 -9.98 -64.33
CA VAL A 113 18.91 -10.86 -63.38
C VAL A 113 19.36 -12.13 -64.09
N GLU A 114 18.50 -12.70 -64.95
CA GLU A 114 18.92 -13.83 -65.78
C GLU A 114 20.24 -13.50 -66.50
N ALA A 115 20.27 -12.40 -67.24
CA ALA A 115 21.47 -12.00 -67.97
C ALA A 115 22.64 -11.71 -67.03
N GLU A 116 22.37 -11.04 -65.89
CA GLU A 116 23.45 -10.65 -64.99
C GLU A 116 24.16 -11.87 -64.40
N VAL A 117 23.41 -12.89 -63.98
CA VAL A 117 24.03 -14.10 -63.46
C VAL A 117 24.82 -14.80 -64.56
N ALA A 118 24.18 -15.03 -65.72
CA ALA A 118 24.87 -15.66 -66.85
C ALA A 118 26.21 -15.00 -67.14
N ALA A 119 26.23 -13.65 -67.15
CA ALA A 119 27.45 -12.93 -67.48
C ALA A 119 28.42 -12.79 -66.30
N THR A 120 27.91 -12.68 -65.06
CA THR A 120 28.77 -12.37 -63.92
C THR A 120 28.77 -13.41 -62.80
N GLY A 121 27.79 -14.31 -62.76
CA GLY A 121 27.70 -15.27 -61.68
C GLY A 121 26.95 -14.77 -60.46
N THR A 122 26.33 -13.60 -60.54
CA THR A 122 25.55 -13.01 -59.46
C THR A 122 24.71 -11.87 -60.02
N TYR A 123 24.30 -10.92 -59.19
CA TYR A 123 23.52 -9.80 -59.66
C TYR A 123 23.49 -8.71 -58.60
N GLN A 124 23.07 -7.51 -59.02
CA GLN A 124 22.84 -6.39 -58.13
C GLN A 124 21.35 -6.10 -58.02
N LEU A 125 20.90 -5.80 -56.81
CA LEU A 125 19.51 -5.44 -56.58
C LEU A 125 19.25 -3.98 -56.94
N ARG A 126 18.14 -3.74 -57.63
CA ARG A 126 17.62 -2.38 -57.76
C ARG A 126 17.38 -1.79 -56.38
N GLU A 127 17.65 -0.49 -56.26
CA GLU A 127 17.63 0.20 -54.97
C GLU A 127 16.31 0.00 -54.26
N SER A 128 15.20 0.03 -55.00
CA SER A 128 13.90 -0.18 -54.37
C SER A 128 13.78 -1.59 -53.83
N GLU A 129 14.39 -2.56 -54.52
CA GLU A 129 14.33 -3.95 -54.10
C GLU A 129 15.11 -4.17 -52.82
N LEU A 130 16.28 -3.56 -52.72
CA LEU A 130 17.04 -3.63 -51.47
C LEU A 130 16.22 -3.03 -50.32
N VAL A 131 15.49 -1.95 -50.60
CA VAL A 131 14.57 -1.38 -49.61
C VAL A 131 13.48 -2.38 -49.26
N PHE A 132 12.82 -2.92 -50.28
CA PHE A 132 11.74 -3.86 -50.03
C PHE A 132 12.22 -5.14 -49.38
N GLY A 133 13.45 -5.58 -49.73
CA GLY A 133 14.02 -6.76 -49.11
C GLY A 133 14.43 -6.56 -47.67
N ALA A 134 14.91 -5.38 -47.30
CA ALA A 134 15.27 -5.14 -45.91
C ALA A 134 14.04 -5.15 -45.00
N LYS A 135 12.97 -4.46 -45.43
CA LYS A 135 11.74 -4.44 -44.63
C LYS A 135 11.15 -5.84 -44.47
N GLN A 136 11.23 -6.66 -45.53
CA GLN A 136 10.60 -7.97 -45.50
C GLN A 136 11.37 -8.93 -44.60
N ALA A 137 12.71 -8.85 -44.64
CA ALA A 137 13.54 -9.56 -43.66
C ALA A 137 13.11 -9.21 -42.23
N TRP A 138 13.02 -7.91 -41.92
CA TRP A 138 12.53 -7.51 -40.61
C TRP A 138 11.18 -8.14 -40.33
N ARG A 139 10.24 -7.99 -41.27
CA ARG A 139 8.88 -8.48 -41.11
C ARG A 139 8.83 -9.98 -40.87
N ASN A 140 9.76 -10.73 -41.45
CA ASN A 140 9.79 -12.18 -41.35
C ASN A 140 10.58 -12.69 -40.15
N ALA A 141 11.15 -11.81 -39.32
CA ALA A 141 11.94 -12.20 -38.17
C ALA A 141 11.06 -12.76 -37.06
N PRO A 142 11.03 -14.08 -36.84
CA PRO A 142 10.06 -14.65 -35.88
C PRO A 142 10.30 -14.21 -34.46
N ARG A 143 11.53 -13.83 -34.12
CA ARG A 143 11.87 -13.54 -32.74
C ARG A 143 11.69 -12.07 -32.36
N CYS A 144 11.23 -11.23 -33.29
CA CYS A 144 11.09 -9.80 -33.07
C CYS A 144 9.64 -9.50 -32.67
N VAL A 145 9.45 -8.93 -31.47
CA VAL A 145 8.13 -8.49 -31.00
C VAL A 145 7.73 -7.11 -31.51
N GLY A 146 8.66 -6.35 -32.11
CA GLY A 146 8.37 -4.99 -32.53
C GLY A 146 8.07 -4.80 -34.00
N ARG A 147 7.58 -5.86 -34.67
CA ARG A 147 7.34 -5.83 -36.11
C ARG A 147 6.07 -5.08 -36.51
N ILE A 148 5.30 -4.54 -35.56
CA ILE A 148 4.24 -3.63 -35.95
C ILE A 148 4.84 -2.45 -36.74
N GLN A 149 6.13 -2.19 -36.54
CA GLN A 149 6.87 -1.06 -37.09
C GLN A 149 7.54 -1.37 -38.42
N TRP A 150 7.32 -2.57 -38.98
CA TRP A 150 8.21 -3.05 -40.04
C TRP A 150 8.15 -2.19 -41.29
N GLY A 151 7.04 -1.49 -41.52
CA GLY A 151 6.98 -0.68 -42.72
C GLY A 151 7.73 0.63 -42.65
N LYS A 152 8.20 1.04 -41.47
CA LYS A 152 8.97 2.27 -41.30
C LYS A 152 10.42 1.87 -41.01
N LEU A 153 11.23 1.84 -42.07
CA LEU A 153 12.65 1.49 -41.96
C LEU A 153 13.44 2.35 -42.95
N GLN A 154 14.46 3.03 -42.43
CA GLN A 154 15.36 3.84 -43.25
C GLN A 154 16.52 2.96 -43.71
N VAL A 155 16.76 2.91 -45.03
CA VAL A 155 17.73 1.99 -45.62
C VAL A 155 18.90 2.79 -46.17
N PHE A 156 20.04 2.74 -45.46
CA PHE A 156 21.30 3.32 -45.93
C PHE A 156 22.02 2.31 -46.83
N ASP A 157 22.33 2.73 -48.04
CA ASP A 157 22.94 1.85 -49.04
C ASP A 157 24.45 2.12 -49.05
N ALA A 158 25.22 1.22 -48.44
CA ALA A 158 26.67 1.28 -48.44
C ALA A 158 27.26 0.22 -49.37
N ARG A 159 26.57 -0.10 -50.46
CA ARG A 159 27.04 -1.17 -51.33
C ARG A 159 28.33 -0.82 -52.06
N ASP A 160 28.60 0.48 -52.28
CA ASP A 160 29.88 0.87 -52.84
C ASP A 160 30.92 1.18 -51.77
N CYS A 161 30.87 0.50 -50.62
CA CYS A 161 31.88 0.71 -49.58
C CYS A 161 33.20 0.09 -49.99
N ARG A 162 34.29 0.66 -49.46
CA ARG A 162 35.61 0.37 -50.01
C ARG A 162 36.66 0.02 -48.95
N SER A 163 36.51 0.48 -47.72
CA SER A 163 37.52 0.20 -46.71
C SER A 163 36.91 0.22 -45.32
N ALA A 164 37.73 -0.20 -44.34
CA ALA A 164 37.32 -0.13 -42.95
C ALA A 164 37.13 1.31 -42.49
N GLN A 165 37.97 2.22 -43.00
CA GLN A 165 37.79 3.64 -42.73
C GLN A 165 36.47 4.15 -43.31
N GLU A 166 36.02 3.55 -44.42
CA GLU A 166 34.74 3.92 -45.02
C GLU A 166 33.57 3.31 -44.25
N MET A 167 33.69 2.03 -43.87
CA MET A 167 32.70 1.44 -42.97
C MET A 167 32.43 2.35 -41.80
N PHE A 168 33.48 2.76 -41.10
CA PHE A 168 33.32 3.55 -39.88
C PHE A 168 32.50 4.80 -40.11
N THR A 169 32.61 5.43 -41.28
CA THR A 169 31.85 6.65 -41.51
C THR A 169 30.38 6.35 -41.78
N TYR A 170 30.09 5.27 -42.50
CA TYR A 170 28.71 4.79 -42.62
C TYR A 170 28.13 4.46 -41.25
N ILE A 171 28.87 3.68 -40.46
CA ILE A 171 28.43 3.32 -39.12
C ILE A 171 28.13 4.57 -38.32
N CYS A 172 28.97 5.59 -38.47
CA CYS A 172 28.81 6.80 -37.68
C CYS A 172 27.63 7.64 -38.19
N ASN A 173 27.36 7.63 -39.50
CA ASN A 173 26.15 8.27 -40.02
C ASN A 173 24.90 7.60 -39.47
N HIS A 174 24.83 6.27 -39.61
CA HIS A 174 23.74 5.46 -39.08
C HIS A 174 23.42 5.82 -37.63
N ILE A 175 24.40 5.61 -36.73
CA ILE A 175 24.23 5.88 -35.31
C ILE A 175 23.63 7.26 -35.09
N LYS A 176 24.24 8.30 -35.68
CA LYS A 176 23.73 9.65 -35.45
C LYS A 176 22.33 9.81 -36.04
N TYR A 177 22.07 9.20 -37.20
CA TYR A 177 20.72 9.20 -37.74
C TYR A 177 19.77 8.41 -36.84
N ALA A 178 20.14 7.19 -36.48
CA ALA A 178 19.23 6.37 -35.68
C ALA A 178 18.97 7.02 -34.32
N THR A 179 20.03 7.57 -33.71
CA THR A 179 19.89 8.12 -32.36
C THR A 179 19.02 9.37 -32.37
N ASN A 180 19.35 10.34 -33.22
CA ASN A 180 18.46 11.47 -33.46
C ASN A 180 18.15 12.21 -32.16
N ARG A 181 19.16 12.36 -31.31
CA ARG A 181 19.01 13.05 -30.01
C ARG A 181 17.98 12.36 -29.12
N GLY A 182 17.83 11.04 -29.25
CA GLY A 182 16.96 10.27 -28.39
C GLY A 182 15.60 9.94 -28.99
N ASN A 183 15.22 10.59 -30.09
CA ASN A 183 13.98 10.25 -30.78
C ASN A 183 14.33 9.21 -31.85
N LEU A 184 14.50 7.97 -31.38
CA LEU A 184 15.13 6.94 -32.19
C LEU A 184 14.32 6.63 -33.45
N ARG A 185 15.04 6.27 -34.51
CA ARG A 185 14.44 5.92 -35.79
C ARG A 185 15.05 4.61 -36.28
N SER A 186 14.20 3.64 -36.64
CA SER A 186 14.68 2.38 -37.17
C SER A 186 15.51 2.61 -38.43
N ALA A 187 16.62 1.87 -38.52
CA ALA A 187 17.53 2.10 -39.65
C ALA A 187 18.43 0.87 -39.81
N ILE A 188 18.76 0.58 -41.07
CA ILE A 188 19.73 -0.46 -41.42
C ILE A 188 20.67 0.12 -42.47
N THR A 189 21.95 -0.19 -42.34
CA THR A 189 22.97 0.15 -43.31
C THR A 189 23.46 -1.14 -43.95
N VAL A 190 23.46 -1.20 -45.28
CA VAL A 190 23.69 -2.44 -46.02
C VAL A 190 25.02 -2.33 -46.76
N PHE A 191 26.01 -3.09 -46.30
CA PHE A 191 27.34 -3.10 -46.87
C PHE A 191 27.35 -4.04 -48.08
N PRO A 192 28.47 -4.13 -48.83
CA PRO A 192 28.43 -4.86 -50.10
C PRO A 192 28.16 -6.34 -49.93
N GLN A 193 27.52 -6.92 -50.95
CA GLN A 193 27.21 -8.34 -50.92
C GLN A 193 28.47 -9.17 -51.12
N ARG A 194 28.69 -10.13 -50.24
CA ARG A 194 29.82 -11.04 -50.37
C ARG A 194 29.87 -11.65 -51.76
N CYS A 195 31.09 -11.91 -52.23
CA CYS A 195 31.32 -12.41 -53.57
C CYS A 195 32.26 -13.61 -53.50
N PRO A 196 32.21 -14.49 -54.50
CA PRO A 196 33.07 -15.68 -54.45
C PRO A 196 34.55 -15.33 -54.57
N GLY A 197 35.37 -16.18 -53.94
CA GLY A 197 36.82 -16.08 -54.04
C GLY A 197 37.42 -14.79 -53.54
N ARG A 198 36.74 -14.09 -52.63
CA ARG A 198 37.20 -12.80 -52.18
C ARG A 198 36.57 -12.48 -50.83
N GLY A 199 37.30 -11.74 -50.01
CA GLY A 199 36.97 -11.54 -48.61
C GLY A 199 35.60 -11.01 -48.27
N ASP A 200 35.34 -10.90 -46.97
CA ASP A 200 34.05 -10.51 -46.43
C ASP A 200 34.14 -9.16 -45.74
N PHE A 201 33.10 -8.34 -45.89
CA PHE A 201 32.87 -7.24 -44.96
C PHE A 201 32.14 -7.77 -43.72
N ARG A 202 32.64 -7.44 -42.53
CA ARG A 202 32.09 -7.92 -41.27
C ARG A 202 32.36 -6.90 -40.18
N ILE A 203 31.39 -6.72 -39.29
CA ILE A 203 31.59 -6.04 -38.02
C ILE A 203 31.81 -7.10 -36.97
N TRP A 204 32.83 -6.93 -36.13
CA TRP A 204 33.22 -7.98 -35.20
C TRP A 204 32.45 -7.95 -33.89
N ASN A 205 32.08 -6.76 -33.41
CA ASN A 205 31.21 -6.66 -32.24
C ASN A 205 29.81 -7.15 -32.60
N SER A 206 29.17 -7.79 -31.62
CA SER A 206 27.80 -8.27 -31.79
C SER A 206 26.81 -7.12 -31.88
N GLN A 207 27.12 -5.99 -31.26
CA GLN A 207 26.34 -4.77 -31.38
C GLN A 207 27.27 -3.58 -31.60
N LEU A 208 26.69 -2.49 -32.08
CA LEU A 208 27.47 -1.27 -32.27
C LEU A 208 27.92 -0.69 -30.93
N VAL A 209 27.15 -0.87 -29.88
CA VAL A 209 27.51 -0.41 -28.54
C VAL A 209 27.53 -1.61 -27.61
N ARG A 210 28.68 -1.85 -26.97
CA ARG A 210 28.85 -2.93 -26.01
C ARG A 210 29.81 -2.47 -24.93
N TYR A 211 29.50 -2.81 -23.67
CA TYR A 211 30.37 -2.50 -22.55
C TYR A 211 31.44 -3.56 -22.36
N ALA A 212 32.56 -3.14 -21.78
CA ALA A 212 33.73 -3.98 -21.67
C ALA A 212 33.49 -5.16 -20.73
N GLY A 213 34.26 -6.23 -20.95
CA GLY A 213 34.29 -7.35 -20.03
C GLY A 213 35.70 -7.71 -19.63
N TYR A 214 36.17 -7.17 -18.51
CA TYR A 214 37.52 -7.39 -18.04
C TYR A 214 37.57 -8.58 -17.09
N ARG A 215 38.64 -9.36 -17.17
CA ARG A 215 38.87 -10.44 -16.21
C ARG A 215 39.85 -9.97 -15.13
N GLN A 216 39.64 -10.44 -13.90
CA GLN A 216 40.24 -9.81 -12.74
C GLN A 216 41.21 -10.75 -12.03
N GLN A 217 41.72 -10.26 -10.89
CA GLN A 217 42.76 -10.89 -10.08
C GLN A 217 42.25 -12.22 -9.52
N ASP A 218 41.00 -12.53 -9.79
CA ASP A 218 40.38 -13.79 -9.38
C ASP A 218 39.61 -14.39 -10.54
N GLY A 219 40.12 -14.23 -11.76
CA GLY A 219 39.48 -14.76 -12.95
C GLY A 219 38.23 -14.03 -13.38
N SER A 220 37.33 -13.75 -12.42
CA SER A 220 36.00 -13.21 -12.69
C SER A 220 36.01 -11.84 -13.38
N VAL A 221 34.83 -11.27 -13.58
CA VAL A 221 34.63 -10.21 -14.57
C VAL A 221 34.21 -8.91 -13.90
N ARG A 222 34.86 -7.82 -14.29
CA ARG A 222 34.40 -6.45 -14.07
C ARG A 222 33.76 -5.96 -15.36
N GLY A 223 32.53 -5.47 -15.27
CA GLY A 223 31.79 -5.04 -16.45
C GLY A 223 30.75 -6.02 -16.94
N ASP A 224 30.57 -6.09 -18.27
CA ASP A 224 29.57 -6.97 -18.87
C ASP A 224 30.22 -8.30 -19.24
N PRO A 225 29.82 -9.41 -18.60
CA PRO A 225 30.42 -10.72 -18.94
C PRO A 225 30.02 -11.26 -20.30
N ALA A 226 28.96 -10.73 -20.92
CA ALA A 226 28.61 -11.12 -22.29
C ALA A 226 29.71 -10.76 -23.30
N ASN A 227 30.55 -9.77 -23.01
CA ASN A 227 31.51 -9.27 -23.99
C ASN A 227 32.97 -9.53 -23.62
N VAL A 228 33.22 -10.41 -22.64
CA VAL A 228 34.56 -10.77 -22.19
C VAL A 228 35.47 -11.09 -23.38
N GLU A 229 34.95 -11.85 -24.34
CA GLU A 229 35.75 -12.30 -25.48
C GLU A 229 36.10 -11.15 -26.41
N ILE A 230 35.10 -10.34 -26.78
CA ILE A 230 35.38 -9.26 -27.73
C ILE A 230 36.16 -8.15 -27.05
N THR A 231 35.99 -7.99 -25.74
CA THR A 231 36.88 -7.11 -24.99
C THR A 231 38.32 -7.56 -25.11
N GLU A 232 38.56 -8.89 -25.10
CA GLU A 232 39.93 -9.38 -25.19
C GLU A 232 40.45 -9.38 -26.61
N LEU A 233 39.55 -9.45 -27.61
CA LEU A 233 39.98 -9.22 -28.97
C LEU A 233 40.38 -7.76 -29.18
N CYS A 234 39.73 -6.84 -28.46
CA CYS A 234 40.03 -5.41 -28.62
C CYS A 234 41.31 -5.02 -27.89
N ILE A 235 41.44 -5.41 -26.61
CA ILE A 235 42.68 -5.15 -25.87
C ILE A 235 43.88 -5.63 -26.65
N GLN A 236 43.74 -6.81 -27.28
CA GLN A 236 44.72 -7.36 -28.20
C GLN A 236 45.16 -6.34 -29.24
N HIS A 237 44.24 -5.97 -30.13
CA HIS A 237 44.53 -5.14 -31.30
C HIS A 237 44.76 -3.67 -30.97
N GLY A 238 45.41 -3.35 -29.84
CA GLY A 238 45.91 -2.01 -29.58
C GLY A 238 45.15 -1.22 -28.53
N TRP A 239 43.90 -1.58 -28.24
CA TRP A 239 43.08 -0.79 -27.34
C TRP A 239 43.69 -0.74 -25.93
N THR A 240 43.72 0.45 -25.36
CA THR A 240 44.19 0.64 -24.00
C THR A 240 43.03 0.37 -23.06
N PRO A 241 43.05 -0.71 -22.27
CA PRO A 241 41.88 -1.07 -21.49
C PRO A 241 41.66 -0.14 -20.30
N GLY A 242 40.40 0.21 -20.08
CA GLY A 242 40.00 0.97 -18.91
C GLY A 242 39.80 0.06 -17.71
N ASN A 243 39.15 0.63 -16.69
CA ASN A 243 38.87 -0.13 -15.48
C ASN A 243 37.41 -0.04 -15.05
N GLY A 244 36.51 0.52 -15.90
CA GLY A 244 35.15 0.75 -15.49
C GLY A 244 34.20 -0.41 -15.82
N ARG A 245 33.04 -0.39 -15.14
CA ARG A 245 31.97 -1.33 -15.39
C ARG A 245 31.12 -0.98 -16.61
N PHE A 246 31.30 0.21 -17.17
CA PHE A 246 30.53 0.69 -18.32
C PHE A 246 31.46 1.50 -19.21
N ASP A 247 32.31 0.79 -19.95
CA ASP A 247 33.19 1.39 -20.94
C ASP A 247 32.72 0.96 -22.32
N VAL A 248 32.44 1.93 -23.18
CA VAL A 248 32.01 1.63 -24.54
C VAL A 248 33.18 1.02 -25.29
N LEU A 249 33.03 -0.23 -25.71
CA LEU A 249 34.10 -0.90 -26.42
C LEU A 249 34.40 -0.19 -27.74
N PRO A 250 35.64 -0.25 -28.21
CA PRO A 250 35.94 0.25 -29.56
C PRO A 250 35.61 -0.79 -30.62
N LEU A 251 35.12 -0.31 -31.75
CA LEU A 251 34.71 -1.19 -32.84
C LEU A 251 35.92 -1.87 -33.48
N LEU A 252 35.67 -3.05 -34.06
CA LEU A 252 36.65 -3.79 -34.86
C LEU A 252 36.03 -4.03 -36.22
N LEU A 253 36.48 -3.28 -37.23
CA LEU A 253 35.89 -3.31 -38.56
C LEU A 253 36.83 -3.98 -39.56
N GLN A 254 36.26 -4.81 -40.43
CA GLN A 254 36.99 -5.78 -41.23
C GLN A 254 36.76 -5.49 -42.70
N ALA A 255 37.78 -4.87 -43.34
CA ALA A 255 37.82 -4.80 -44.79
C ALA A 255 38.14 -6.19 -45.36
N PRO A 256 37.64 -6.50 -46.55
CA PRO A 256 37.84 -7.84 -47.10
C PRO A 256 39.32 -8.17 -47.29
N ASP A 257 39.69 -9.37 -46.85
CA ASP A 257 41.05 -9.91 -46.98
C ASP A 257 42.10 -8.99 -46.38
N GLU A 258 41.70 -8.16 -45.41
CA GLU A 258 42.58 -7.36 -44.59
C GLU A 258 42.22 -7.63 -43.13
N PRO A 259 43.16 -7.47 -42.21
CA PRO A 259 42.85 -7.73 -40.80
C PRO A 259 41.94 -6.64 -40.25
N PRO A 260 41.21 -6.93 -39.18
CA PRO A 260 40.34 -5.90 -38.59
C PRO A 260 41.13 -4.72 -38.07
N GLU A 261 40.44 -3.59 -37.93
CA GLU A 261 41.05 -2.34 -37.52
C GLU A 261 40.23 -1.71 -36.40
N LEU A 262 40.90 -1.33 -35.31
CA LEU A 262 40.24 -0.67 -34.21
C LEU A 262 39.75 0.72 -34.61
N PHE A 263 38.54 1.06 -34.18
CA PHE A 263 37.97 2.40 -34.34
C PHE A 263 37.31 2.80 -33.03
N LEU A 264 37.74 3.92 -32.46
CA LEU A 264 37.06 4.45 -31.27
C LEU A 264 35.79 5.16 -31.71
N LEU A 265 34.72 4.98 -30.93
CA LEU A 265 33.50 5.73 -31.23
C LEU A 265 33.56 7.09 -30.53
N PRO A 266 33.17 8.17 -31.21
CA PRO A 266 33.16 9.49 -30.55
C PRO A 266 32.13 9.53 -29.43
N PRO A 267 32.57 9.84 -28.20
CA PRO A 267 31.64 9.74 -27.05
C PRO A 267 30.41 10.60 -27.17
N GLU A 268 30.52 11.79 -27.78
CA GLU A 268 29.34 12.61 -28.04
C GLU A 268 28.29 11.85 -28.84
N LEU A 269 28.70 10.85 -29.61
CA LEU A 269 27.77 10.14 -30.47
C LEU A 269 27.13 8.93 -29.80
N VAL A 270 27.65 8.48 -28.66
CA VAL A 270 27.13 7.30 -27.96
C VAL A 270 26.23 7.82 -26.85
N LEU A 271 24.94 7.95 -27.17
CA LEU A 271 24.00 8.48 -26.20
C LEU A 271 23.71 7.41 -25.14
N GLU A 272 23.83 7.80 -23.87
CA GLU A 272 23.70 6.89 -22.74
C GLU A 272 22.76 7.47 -21.69
N VAL A 273 22.13 6.59 -20.92
CA VAL A 273 21.09 6.99 -19.97
C VAL A 273 21.48 6.58 -18.56
N PRO A 274 21.82 7.51 -17.67
CA PRO A 274 22.09 7.11 -16.29
C PRO A 274 20.79 6.66 -15.65
N LEU A 275 20.87 5.59 -14.86
CA LEU A 275 19.66 4.97 -14.34
C LEU A 275 19.35 5.52 -12.95
N GLU A 276 18.09 5.94 -12.75
CA GLU A 276 17.62 6.38 -11.45
C GLU A 276 16.18 5.94 -11.27
N HIS A 277 15.76 5.83 -10.01
CA HIS A 277 14.41 5.35 -9.72
C HIS A 277 13.56 6.51 -9.24
N PRO A 278 12.31 6.62 -9.70
CA PRO A 278 11.51 7.81 -9.36
C PRO A 278 11.30 8.00 -7.86
N THR A 279 11.29 6.95 -7.05
CA THR A 279 11.08 7.13 -5.62
C THR A 279 12.15 6.51 -4.73
N LEU A 280 13.03 5.69 -5.28
CA LEU A 280 14.12 5.08 -4.50
C LEU A 280 15.34 5.95 -4.73
N GLU A 281 15.54 6.91 -3.83
CA GLU A 281 16.57 7.94 -4.00
C GLU A 281 17.97 7.34 -4.09
N TRP A 282 18.22 6.20 -3.45
CA TRP A 282 19.55 5.60 -3.48
C TRP A 282 19.88 4.92 -4.81
N PHE A 283 18.89 4.63 -5.66
CA PHE A 283 19.15 3.82 -6.86
C PHE A 283 20.18 4.49 -7.77
N ALA A 284 20.12 5.83 -7.91
CA ALA A 284 21.10 6.55 -8.73
C ALA A 284 22.54 6.29 -8.26
N ALA A 285 22.74 6.14 -6.95
CA ALA A 285 24.09 5.98 -6.42
C ALA A 285 24.75 4.67 -6.85
N LEU A 286 23.98 3.65 -7.19
CA LEU A 286 24.54 2.42 -7.73
C LEU A 286 25.28 2.64 -9.06
N GLY A 287 25.31 3.86 -9.61
CA GLY A 287 26.08 4.11 -10.82
C GLY A 287 25.73 3.28 -12.04
N LEU A 288 24.47 2.89 -12.19
CA LEU A 288 24.07 2.07 -13.33
C LEU A 288 23.75 2.95 -14.53
N ARG A 289 24.15 2.48 -15.72
CA ARG A 289 23.85 3.15 -16.98
C ARG A 289 23.55 2.12 -18.04
N TRP A 290 22.81 2.54 -19.07
CA TRP A 290 22.73 1.76 -20.31
C TRP A 290 22.70 2.72 -21.50
N TYR A 291 23.00 2.19 -22.68
CA TYR A 291 23.04 3.01 -23.88
C TYR A 291 21.67 3.04 -24.58
N ALA A 292 21.52 4.02 -25.47
CA ALA A 292 20.23 4.33 -26.10
C ALA A 292 19.92 3.49 -27.33
N LEU A 293 20.91 3.12 -28.12
CA LEU A 293 20.65 2.51 -29.43
C LEU A 293 20.91 1.01 -29.43
N PRO A 294 19.89 0.17 -29.60
CA PRO A 294 20.17 -1.27 -29.79
C PRO A 294 20.43 -1.55 -31.26
N ALA A 295 21.65 -1.94 -31.63
CA ALA A 295 22.06 -2.01 -33.04
C ALA A 295 22.85 -3.29 -33.27
N VAL A 296 22.19 -4.30 -33.83
CA VAL A 296 22.75 -5.63 -33.97
C VAL A 296 23.64 -5.66 -35.21
N SER A 297 24.92 -5.93 -35.00
CA SER A 297 25.91 -5.79 -36.05
C SER A 297 26.61 -7.10 -36.36
N ASN A 298 25.97 -8.23 -36.07
CA ASN A 298 26.58 -9.53 -36.34
C ASN A 298 25.68 -10.49 -37.13
N MET A 299 24.55 -10.04 -37.64
CA MET A 299 23.67 -10.94 -38.37
C MET A 299 23.79 -10.71 -39.87
N LEU A 300 23.37 -11.71 -40.63
CA LEU A 300 23.60 -11.75 -42.07
C LEU A 300 22.27 -11.57 -42.80
N LEU A 301 22.16 -10.49 -43.56
CA LEU A 301 20.97 -10.19 -44.34
C LEU A 301 21.02 -10.92 -45.66
N GLU A 302 19.94 -11.64 -45.97
CA GLU A 302 19.85 -12.45 -47.19
C GLU A 302 18.61 -12.00 -47.96
N ILE A 303 18.80 -11.45 -49.15
CA ILE A 303 17.70 -11.02 -50.01
C ILE A 303 17.88 -11.65 -51.37
N GLY A 304 16.86 -12.37 -51.84
CA GLY A 304 16.86 -12.92 -53.18
C GLY A 304 18.03 -13.78 -53.53
N GLY A 305 18.67 -14.41 -52.55
CA GLY A 305 19.84 -15.21 -52.79
C GLY A 305 21.15 -14.52 -52.47
N LEU A 306 21.15 -13.21 -52.26
CA LEU A 306 22.37 -12.48 -51.98
C LEU A 306 22.58 -12.38 -50.48
N GLU A 307 23.82 -12.53 -50.04
CA GLU A 307 24.17 -12.61 -48.63
C GLU A 307 25.03 -11.41 -48.26
N PHE A 308 24.56 -10.63 -47.29
CA PHE A 308 25.26 -9.43 -46.83
C PHE A 308 25.76 -9.67 -45.40
N PRO A 309 26.99 -10.15 -45.21
CA PRO A 309 27.48 -10.44 -43.86
C PRO A 309 27.69 -9.21 -42.98
N ALA A 310 27.59 -8.01 -43.53
CA ALA A 310 27.67 -6.76 -42.76
C ALA A 310 26.46 -5.92 -43.15
N ALA A 311 25.51 -5.77 -42.21
CA ALA A 311 24.26 -5.06 -42.44
C ALA A 311 23.60 -4.69 -41.13
N PRO A 312 24.18 -3.76 -40.36
CA PRO A 312 23.65 -3.49 -39.01
C PRO A 312 22.29 -2.83 -39.06
N PHE A 313 21.36 -3.35 -38.25
CA PHE A 313 20.03 -2.80 -38.08
C PHE A 313 19.81 -2.38 -36.64
N SER A 314 18.97 -1.37 -36.45
CA SER A 314 18.74 -0.79 -35.15
C SER A 314 17.30 -0.32 -35.04
N GLY A 315 16.81 -0.28 -33.81
CA GLY A 315 15.50 0.27 -33.53
C GLY A 315 15.53 1.03 -32.22
N TRP A 316 14.61 0.71 -31.33
CA TRP A 316 14.67 1.18 -29.95
C TRP A 316 14.37 0.00 -29.03
N TYR A 317 14.74 0.16 -27.77
CA TYR A 317 14.70 -0.93 -26.80
C TYR A 317 13.29 -1.17 -26.29
N MET A 318 13.00 -2.43 -25.98
CA MET A 318 11.93 -2.79 -25.06
C MET A 318 12.54 -2.89 -23.68
N SER A 319 11.85 -2.33 -22.68
CA SER A 319 12.51 -2.07 -21.41
C SER A 319 12.95 -3.36 -20.70
N THR A 320 12.25 -4.49 -20.93
CA THR A 320 12.68 -5.69 -20.23
C THR A 320 14.03 -6.17 -20.73
N GLU A 321 14.45 -5.78 -21.94
CA GLU A 321 15.75 -6.21 -22.44
C GLU A 321 16.87 -5.68 -21.56
N ILE A 322 16.75 -4.43 -21.13
CA ILE A 322 17.76 -3.82 -20.28
C ILE A 322 17.52 -4.18 -18.83
N GLY A 323 16.31 -3.88 -18.35
CA GLY A 323 16.02 -4.03 -16.93
C GLY A 323 15.99 -5.46 -16.45
N THR A 324 15.55 -6.40 -17.29
CA THR A 324 15.47 -7.79 -16.85
C THR A 324 16.67 -8.62 -17.33
N ARG A 325 16.92 -8.69 -18.64
CA ARG A 325 17.96 -9.60 -19.11
C ARG A 325 19.37 -9.06 -18.83
N ASN A 326 19.66 -7.84 -19.31
CA ASN A 326 21.04 -7.31 -19.25
C ASN A 326 21.46 -7.00 -17.82
N LEU A 327 20.55 -6.50 -17.00
CA LEU A 327 20.87 -6.14 -15.63
C LEU A 327 20.65 -7.28 -14.63
N CYS A 328 19.72 -8.22 -14.86
CA CYS A 328 19.40 -9.19 -13.82
C CYS A 328 19.77 -10.65 -14.14
N ASP A 329 20.17 -10.98 -15.36
CA ASP A 329 20.63 -12.34 -15.63
C ASP A 329 21.81 -12.69 -14.73
N PRO A 330 21.86 -13.92 -14.19
CA PRO A 330 23.00 -14.27 -13.33
C PRO A 330 24.33 -14.18 -14.05
N HIS A 331 24.34 -14.37 -15.36
CA HIS A 331 25.56 -14.35 -16.16
C HIS A 331 25.77 -13.02 -16.88
N ARG A 332 24.91 -12.03 -16.63
CA ARG A 332 25.11 -10.68 -17.14
C ARG A 332 25.51 -9.80 -15.95
N TYR A 333 24.84 -8.68 -15.69
CA TYR A 333 25.32 -7.81 -14.64
C TYR A 333 24.93 -8.31 -13.25
N ASN A 334 23.90 -9.16 -13.13
CA ASN A 334 23.58 -9.85 -11.88
C ASN A 334 23.39 -8.89 -10.70
N ILE A 335 22.62 -7.82 -10.91
CA ILE A 335 22.45 -6.80 -9.87
C ILE A 335 21.30 -7.12 -8.92
N LEU A 336 20.62 -8.24 -9.13
CA LEU A 336 19.36 -8.49 -8.45
C LEU A 336 19.50 -8.41 -6.93
N GLU A 337 20.53 -9.05 -6.38
CA GLU A 337 20.69 -9.08 -4.93
C GLU A 337 21.05 -7.70 -4.37
N ASP A 338 21.87 -6.93 -5.10
CA ASP A 338 22.27 -5.62 -4.61
C ASP A 338 21.08 -4.69 -4.48
N VAL A 339 20.18 -4.69 -5.47
CA VAL A 339 18.98 -3.87 -5.37
C VAL A 339 18.11 -4.34 -4.22
N ALA A 340 18.11 -5.65 -3.94
CA ALA A 340 17.23 -6.17 -2.90
C ALA A 340 17.71 -5.80 -1.50
N VAL A 341 19.03 -5.85 -1.25
CA VAL A 341 19.57 -5.33 0.00
C VAL A 341 19.17 -3.87 0.20
N CYS A 342 19.40 -3.05 -0.83
CA CYS A 342 19.09 -1.63 -0.74
C CYS A 342 17.62 -1.39 -0.39
N MET A 343 16.72 -2.23 -0.91
CA MET A 343 15.31 -2.10 -0.57
C MET A 343 14.99 -2.70 0.80
N ASP A 344 15.99 -3.25 1.47
CA ASP A 344 15.82 -3.95 2.74
C ASP A 344 14.80 -5.08 2.62
N LEU A 345 14.90 -5.86 1.55
CA LEU A 345 14.02 -7.01 1.38
C LEU A 345 14.55 -8.21 2.15
N ASP A 346 13.66 -9.15 2.46
CA ASP A 346 14.07 -10.37 3.14
C ASP A 346 14.57 -11.36 2.10
N THR A 347 15.89 -11.45 1.95
CA THR A 347 16.51 -12.32 0.96
C THR A 347 16.83 -13.70 1.50
N ARG A 348 16.36 -14.04 2.70
CA ARG A 348 16.67 -15.33 3.31
C ARG A 348 15.73 -16.45 2.85
N THR A 349 14.57 -16.11 2.28
CA THR A 349 13.61 -17.09 1.83
C THR A 349 13.08 -16.71 0.45
N THR A 350 12.97 -17.71 -0.44
CA THR A 350 12.54 -17.44 -1.80
C THR A 350 11.09 -17.02 -1.87
N SER A 351 10.28 -17.43 -0.88
CA SER A 351 8.85 -17.22 -0.95
C SER A 351 8.41 -15.84 -0.50
N SER A 352 9.35 -14.98 -0.07
CA SER A 352 9.06 -13.56 0.03
C SER A 352 8.94 -12.89 -1.33
N LEU A 353 9.35 -13.60 -2.40
CA LEU A 353 9.36 -13.08 -3.78
C LEU A 353 10.16 -11.78 -3.87
N TRP A 354 11.28 -11.73 -3.13
CA TRP A 354 12.15 -10.56 -3.19
C TRP A 354 12.83 -10.43 -4.55
N LYS A 355 13.10 -11.56 -5.21
CA LYS A 355 13.62 -11.48 -6.57
C LYS A 355 12.63 -10.78 -7.48
N ASP A 356 11.34 -11.10 -7.33
CA ASP A 356 10.30 -10.51 -8.16
C ASP A 356 10.11 -9.02 -7.86
N LYS A 357 10.13 -8.65 -6.59
CA LYS A 357 9.99 -7.23 -6.24
C LYS A 357 11.17 -6.42 -6.76
N ALA A 358 12.40 -6.92 -6.55
CA ALA A 358 13.58 -6.17 -7.00
C ALA A 358 13.61 -6.04 -8.50
N ALA A 359 13.25 -7.11 -9.23
CA ALA A 359 13.23 -7.03 -10.68
C ALA A 359 12.24 -5.98 -11.16
N VAL A 360 11.01 -5.96 -10.62
CA VAL A 360 10.02 -4.99 -11.10
C VAL A 360 10.53 -3.56 -10.94
N GLU A 361 11.26 -3.26 -9.86
CA GLU A 361 11.71 -1.89 -9.61
C GLU A 361 12.85 -1.51 -10.54
N ILE A 362 13.72 -2.48 -10.87
CA ILE A 362 14.77 -2.26 -11.86
C ILE A 362 14.18 -1.90 -13.22
N ASN A 363 13.10 -2.60 -13.61
CA ASN A 363 12.40 -2.24 -14.84
C ASN A 363 11.73 -0.87 -14.73
N VAL A 364 11.19 -0.54 -13.55
CA VAL A 364 10.61 0.79 -13.36
C VAL A 364 11.68 1.84 -13.56
N ALA A 365 12.88 1.59 -13.03
CA ALA A 365 13.95 2.56 -13.10
C ALA A 365 14.42 2.75 -14.53
N VAL A 366 14.39 1.68 -15.33
CA VAL A 366 14.78 1.80 -16.73
C VAL A 366 13.79 2.69 -17.48
N LEU A 367 12.51 2.35 -17.38
CA LEU A 367 11.47 3.13 -18.05
C LEU A 367 11.52 4.59 -17.63
N HIS A 368 11.59 4.86 -16.33
CA HIS A 368 11.58 6.24 -15.85
C HIS A 368 12.80 7.00 -16.37
N SER A 369 13.97 6.37 -16.35
CA SER A 369 15.21 7.03 -16.77
C SER A 369 15.18 7.40 -18.24
N TYR A 370 14.82 6.44 -19.11
CA TYR A 370 14.78 6.73 -20.54
C TYR A 370 13.74 7.78 -20.87
N GLN A 371 12.58 7.73 -20.19
CA GLN A 371 11.56 8.76 -20.39
C GLN A 371 12.04 10.13 -19.91
N LEU A 372 12.71 10.19 -18.76
CA LEU A 372 13.21 11.46 -18.28
C LEU A 372 14.23 12.03 -19.23
N ALA A 373 15.07 11.17 -19.82
CA ALA A 373 16.06 11.62 -20.79
C ALA A 373 15.49 11.79 -22.18
N LYS A 374 14.20 11.56 -22.36
CA LYS A 374 13.58 11.63 -23.68
C LYS A 374 14.35 10.76 -24.67
N VAL A 375 14.44 9.48 -24.34
CA VAL A 375 14.95 8.47 -25.26
C VAL A 375 13.80 7.51 -25.53
N THR A 376 13.54 7.22 -26.80
CA THR A 376 12.46 6.31 -27.16
C THR A 376 12.66 4.93 -26.52
N ILE A 377 11.68 4.48 -25.74
CA ILE A 377 11.65 3.13 -25.18
C ILE A 377 10.20 2.70 -25.04
N VAL A 378 9.97 1.38 -25.02
CA VAL A 378 8.62 0.85 -24.91
C VAL A 378 8.58 -0.30 -23.89
N ASP A 379 7.54 -0.31 -23.05
CA ASP A 379 7.40 -1.34 -22.02
C ASP A 379 6.84 -2.62 -22.64
N HIS A 380 6.97 -3.73 -21.89
CA HIS A 380 6.55 -5.03 -22.44
C HIS A 380 5.04 -5.13 -22.62
N HIS A 381 4.25 -4.41 -21.82
CA HIS A 381 2.81 -4.44 -22.05
C HIS A 381 2.45 -3.73 -23.36
N ALA A 382 2.95 -2.49 -23.55
CA ALA A 382 2.67 -1.79 -24.81
C ALA A 382 3.25 -2.55 -25.99
N ALA A 383 4.48 -3.08 -25.85
CA ALA A 383 5.11 -3.79 -26.95
C ALA A 383 4.28 -5.01 -27.37
N THR A 384 3.90 -5.87 -26.41
CA THR A 384 3.18 -7.08 -26.77
C THR A 384 1.77 -6.76 -27.26
N ALA A 385 1.14 -5.71 -26.74
CA ALA A 385 -0.17 -5.38 -27.24
C ALA A 385 -0.09 -4.93 -28.70
N SER A 386 0.97 -4.20 -29.07
CA SER A 386 1.13 -3.81 -30.46
CA SER A 386 1.15 -3.81 -30.46
C SER A 386 1.41 -5.03 -31.33
N PHE A 387 2.05 -6.06 -30.77
CA PHE A 387 2.34 -7.23 -31.57
C PHE A 387 1.09 -8.05 -31.85
N MET A 388 0.15 -8.08 -30.91
CA MET A 388 -1.14 -8.72 -31.19
C MET A 388 -1.85 -8.01 -32.34
N LYS A 389 -1.71 -6.69 -32.40
CA LYS A 389 -2.23 -5.94 -33.53
C LYS A 389 -1.49 -6.31 -34.81
N HIS A 390 -0.17 -6.46 -34.73
CA HIS A 390 0.57 -6.88 -35.91
C HIS A 390 0.06 -8.24 -36.39
N LEU A 391 -0.07 -9.21 -35.47
CA LEU A 391 -0.51 -10.54 -35.86
C LEU A 391 -1.82 -10.48 -36.63
N GLU A 392 -2.75 -9.65 -36.14
CA GLU A 392 -4.03 -9.50 -36.82
C GLU A 392 -3.85 -8.90 -38.20
N ASN A 393 -3.08 -7.80 -38.32
CA ASN A 393 -2.77 -7.24 -39.63
C ASN A 393 -2.16 -8.30 -40.55
N GLU A 394 -1.23 -9.09 -40.03
CA GLU A 394 -0.56 -10.04 -40.91
C GLU A 394 -1.51 -11.14 -41.35
N GLN A 395 -2.50 -11.49 -40.51
CA GLN A 395 -3.47 -12.52 -40.89
C GLN A 395 -4.31 -12.07 -42.09
N LYS A 396 -4.68 -10.79 -42.12
CA LYS A 396 -5.47 -10.31 -43.24
C LYS A 396 -4.62 -10.18 -44.50
N ALA A 397 -3.38 -9.67 -44.37
CA ALA A 397 -2.53 -9.41 -45.53
C ALA A 397 -1.90 -10.68 -46.10
N ARG A 398 -1.21 -11.46 -45.26
CA ARG A 398 -0.46 -12.63 -45.72
C ARG A 398 -0.97 -13.96 -45.19
N GLY A 399 -2.08 -13.99 -44.45
CA GLY A 399 -2.59 -15.27 -43.96
C GLY A 399 -1.72 -15.95 -42.92
N GLY A 400 -1.08 -15.18 -42.06
CA GLY A 400 -0.33 -15.76 -40.96
C GLY A 400 0.89 -14.93 -40.64
N CYS A 401 1.73 -15.47 -39.78
CA CYS A 401 2.88 -14.74 -39.28
C CYS A 401 3.81 -15.69 -38.55
N PRO A 402 5.08 -15.81 -38.95
CA PRO A 402 6.00 -16.66 -38.19
C PRO A 402 6.42 -15.96 -36.90
N ALA A 403 6.15 -16.61 -35.78
CA ALA A 403 6.46 -16.05 -34.48
C ALA A 403 7.02 -17.16 -33.61
N ASP A 404 8.05 -16.80 -32.85
CA ASP A 404 8.72 -17.73 -31.95
C ASP A 404 8.23 -17.43 -30.54
N TRP A 405 7.40 -18.32 -30.00
CA TRP A 405 6.69 -18.04 -28.76
C TRP A 405 7.64 -17.67 -27.63
N ALA A 406 8.71 -18.47 -27.45
CA ALA A 406 9.60 -18.29 -26.29
C ALA A 406 10.31 -16.93 -26.31
N TRP A 407 10.46 -16.33 -27.48
CA TRP A 407 11.12 -15.05 -27.64
C TRP A 407 10.16 -13.87 -27.66
N ILE A 408 8.91 -14.09 -28.06
CA ILE A 408 7.93 -13.00 -28.08
C ILE A 408 7.39 -12.74 -26.67
N VAL A 409 7.14 -13.80 -25.90
CA VAL A 409 6.72 -13.67 -24.50
C VAL A 409 7.83 -12.97 -23.70
N PRO A 410 7.54 -11.89 -23.00
CA PRO A 410 8.59 -11.17 -22.28
C PRO A 410 9.10 -11.99 -21.11
N PRO A 411 10.32 -11.71 -20.62
CA PRO A 411 10.90 -12.52 -19.54
C PRO A 411 10.47 -12.13 -18.13
N ILE A 412 9.63 -11.13 -17.95
CA ILE A 412 8.89 -10.95 -16.70
C ILE A 412 7.43 -10.85 -17.08
N SER A 413 6.56 -11.33 -16.18
CA SER A 413 5.11 -11.12 -16.30
C SER A 413 4.53 -11.73 -17.58
N GLY A 414 5.14 -12.80 -18.09
CA GLY A 414 4.64 -13.57 -19.22
C GLY A 414 3.13 -13.59 -19.40
N SER A 415 2.38 -14.28 -18.53
CA SER A 415 0.93 -14.44 -18.71
C SER A 415 0.12 -13.19 -18.43
N LEU A 416 0.75 -12.11 -17.93
CA LEU A 416 0.06 -10.82 -17.87
C LEU A 416 0.01 -10.14 -19.23
N THR A 417 0.81 -10.61 -20.24
CA THR A 417 0.72 -10.02 -21.57
C THR A 417 -0.15 -10.89 -22.46
N PRO A 418 -0.75 -10.32 -23.51
CA PRO A 418 -1.70 -11.12 -24.31
C PRO A 418 -1.02 -12.18 -25.18
N VAL A 419 0.24 -11.99 -25.57
CA VAL A 419 0.94 -12.99 -26.38
C VAL A 419 1.08 -14.34 -25.66
N PHE A 420 1.14 -14.32 -24.31
CA PHE A 420 1.24 -15.58 -23.58
C PHE A 420 0.10 -16.52 -23.97
N HIS A 421 -1.09 -15.98 -24.16
CA HIS A 421 -2.31 -16.72 -24.39
C HIS A 421 -2.56 -17.00 -25.87
N GLN A 422 -1.61 -16.64 -26.72
CA GLN A 422 -1.72 -16.73 -28.15
C GLN A 422 -0.87 -17.90 -28.63
N GLU A 423 -1.50 -18.85 -29.30
CA GLU A 423 -0.74 -19.90 -30.00
C GLU A 423 -0.05 -19.30 -31.21
N MET A 424 1.17 -19.77 -31.48
CA MET A 424 2.00 -19.24 -32.55
C MET A 424 2.62 -20.38 -33.35
N VAL A 425 2.92 -20.08 -34.62
CA VAL A 425 3.55 -21.03 -35.54
C VAL A 425 4.89 -20.44 -35.98
N ASN A 426 5.96 -21.21 -35.80
CA ASN A 426 7.30 -20.78 -36.16
C ASN A 426 7.75 -21.47 -37.44
N TYR A 427 8.38 -20.69 -38.33
CA TYR A 427 8.90 -21.17 -39.62
C TYR A 427 9.74 -20.06 -40.26
N PHE A 428 10.44 -20.41 -41.34
CA PHE A 428 11.44 -19.56 -41.97
C PHE A 428 10.95 -19.07 -43.33
N LEU A 429 10.83 -17.76 -43.50
CA LEU A 429 10.55 -17.15 -44.80
C LEU A 429 11.74 -16.32 -45.25
N SER A 430 11.88 -16.17 -46.58
CA SER A 430 12.90 -15.31 -47.16
C SER A 430 12.23 -14.10 -47.82
N PRO A 431 12.87 -12.91 -47.80
CA PRO A 431 14.19 -12.58 -47.24
C PRO A 431 14.24 -12.62 -45.71
N ALA A 432 15.43 -12.80 -45.15
CA ALA A 432 15.54 -13.08 -43.72
C ALA A 432 16.85 -12.56 -43.14
N PHE A 433 16.82 -12.30 -41.83
CA PHE A 433 18.03 -12.16 -41.03
C PHE A 433 18.43 -13.54 -40.51
N ARG A 434 19.67 -13.94 -40.79
CA ARG A 434 20.21 -15.23 -40.38
C ARG A 434 21.37 -15.04 -39.42
N TYR A 435 21.58 -16.02 -38.56
CA TYR A 435 22.81 -16.08 -37.77
C TYR A 435 23.97 -16.51 -38.67
N GLN A 436 25.20 -16.20 -38.24
CA GLN A 436 26.37 -16.55 -39.05
C GLN A 436 27.56 -16.77 -38.13
N PRO A 437 28.52 -17.62 -38.53
CA PRO A 437 29.64 -17.93 -37.65
C PRO A 437 30.50 -16.70 -37.36
N ASP A 438 31.36 -16.81 -36.36
CA ASP A 438 32.23 -15.71 -36.00
C ASP A 438 33.47 -15.69 -36.89
N PRO A 439 33.86 -14.53 -37.44
CA PRO A 439 34.97 -14.46 -38.41
C PRO A 439 36.34 -14.57 -37.76
N TRP A 440 36.55 -15.64 -37.01
CA TRP A 440 37.85 -15.97 -36.45
C TRP A 440 37.86 -17.39 -35.88
N PHE B 28 22.44 -36.76 -31.99
CA PHE B 28 21.43 -36.48 -30.99
C PHE B 28 21.45 -35.03 -30.57
N PRO B 29 20.26 -34.47 -30.27
CA PRO B 29 20.17 -33.02 -30.01
C PRO B 29 21.08 -32.56 -28.89
N ARG B 30 21.87 -31.54 -29.18
CA ARG B 30 22.69 -30.87 -28.17
C ARG B 30 21.85 -29.85 -27.42
N VAL B 31 21.96 -29.86 -26.09
CA VAL B 31 21.14 -29.03 -25.20
C VAL B 31 22.07 -28.13 -24.41
N LYS B 32 21.82 -26.83 -24.45
CA LYS B 32 22.67 -25.88 -23.72
C LYS B 32 21.92 -25.25 -22.57
N ASN B 33 22.63 -25.05 -21.46
CA ASN B 33 22.21 -24.18 -20.38
C ASN B 33 22.93 -22.85 -20.57
N TRP B 34 22.17 -21.76 -20.73
CA TRP B 34 22.79 -20.50 -21.09
C TRP B 34 23.27 -19.71 -19.89
N GLU B 35 22.94 -20.14 -18.68
CA GLU B 35 23.41 -19.47 -17.48
C GLU B 35 24.77 -19.97 -17.02
N VAL B 36 25.09 -21.24 -17.28
CA VAL B 36 26.30 -21.88 -16.78
C VAL B 36 27.28 -22.17 -17.91
N GLY B 37 26.78 -22.58 -19.07
CA GLY B 37 27.58 -23.09 -20.16
C GLY B 37 27.52 -24.60 -20.34
N SER B 38 26.84 -25.31 -19.46
CA SER B 38 26.78 -26.76 -19.55
C SER B 38 26.14 -27.20 -20.87
N ILE B 39 26.56 -28.36 -21.35
CA ILE B 39 26.09 -28.92 -22.61
C ILE B 39 25.88 -30.42 -22.45
N THR B 40 24.71 -30.91 -22.81
CA THR B 40 24.41 -32.34 -22.80
C THR B 40 23.79 -32.72 -24.15
N TYR B 41 23.65 -34.02 -24.37
CA TYR B 41 23.03 -34.54 -25.58
C TYR B 41 21.88 -35.46 -25.17
N ASP B 42 20.69 -35.18 -25.68
CA ASP B 42 19.48 -35.94 -25.34
C ASP B 42 19.47 -37.22 -26.19
N THR B 43 20.04 -38.28 -25.63
CA THR B 43 19.97 -39.60 -26.26
C THR B 43 18.61 -40.25 -26.03
N LEU B 44 17.94 -39.91 -24.93
CA LEU B 44 16.63 -40.51 -24.62
C LEU B 44 15.60 -40.16 -25.68
N SER B 45 15.77 -39.02 -26.36
CA SER B 45 14.83 -38.60 -27.40
C SER B 45 14.76 -39.59 -28.55
N ALA B 46 15.85 -40.32 -28.81
CA ALA B 46 15.86 -41.29 -29.90
C ALA B 46 14.72 -42.29 -29.75
N GLN B 47 14.38 -42.65 -28.52
CA GLN B 47 13.41 -43.69 -28.23
C GLN B 47 11.97 -43.19 -28.19
N ALA B 48 11.71 -41.98 -28.68
CA ALA B 48 10.34 -41.46 -28.65
C ALA B 48 9.50 -42.23 -29.66
N GLN B 49 8.57 -43.05 -29.16
CA GLN B 49 7.77 -43.93 -30.02
C GLN B 49 6.32 -43.46 -30.10
N GLN B 50 6.12 -42.14 -30.19
CA GLN B 50 4.91 -41.54 -30.74
C GLN B 50 5.27 -40.14 -31.23
N ASP B 51 4.48 -39.63 -32.17
CA ASP B 51 4.80 -38.38 -32.83
C ASP B 51 4.05 -37.21 -32.21
N GLY B 52 4.73 -36.06 -32.11
CA GLY B 52 4.11 -34.81 -31.75
C GLY B 52 3.76 -33.99 -32.99
N PRO B 53 3.53 -32.68 -32.80
CA PRO B 53 2.96 -31.88 -33.88
C PRO B 53 3.92 -31.17 -34.83
N CYS B 54 5.21 -31.10 -34.52
CA CYS B 54 6.13 -30.30 -35.33
C CYS B 54 6.65 -31.09 -36.51
N THR B 55 6.99 -30.37 -37.57
CA THR B 55 7.69 -30.89 -38.74
C THR B 55 8.93 -30.04 -38.99
N PRO B 56 9.80 -30.45 -39.93
CA PRO B 56 10.91 -29.56 -40.30
C PRO B 56 10.47 -28.28 -40.99
N ARG B 57 9.25 -28.20 -41.51
CA ARG B 57 8.79 -26.94 -42.06
C ARG B 57 8.44 -25.94 -40.96
N ARG B 58 7.81 -26.41 -39.90
CA ARG B 58 7.17 -25.51 -38.95
C ARG B 58 7.10 -26.13 -37.57
N CYS B 59 7.35 -25.30 -36.55
CA CYS B 59 7.24 -25.72 -35.16
C CYS B 59 5.87 -25.32 -34.63
N LEU B 60 5.18 -26.27 -33.97
CA LEU B 60 3.91 -26.00 -33.31
C LEU B 60 3.97 -26.25 -31.81
N GLY B 61 5.16 -26.21 -31.22
CA GLY B 61 5.34 -26.48 -29.80
C GLY B 61 4.48 -25.65 -28.85
N SER B 62 4.03 -24.46 -29.28
CA SER B 62 3.22 -23.59 -28.43
C SER B 62 1.73 -23.90 -28.47
N LEU B 63 1.29 -24.89 -29.24
CA LEU B 63 -0.12 -25.24 -29.22
C LEU B 63 -0.44 -26.03 -27.95
N VAL B 64 -1.60 -25.71 -27.33
CA VAL B 64 -2.01 -26.45 -26.14
C VAL B 64 -2.45 -27.86 -26.51
N PHE B 65 -3.39 -27.99 -27.46
CA PHE B 65 -3.96 -29.29 -27.84
C PHE B 65 -3.59 -29.55 -29.30
N PRO B 66 -2.39 -30.06 -29.55
CA PRO B 66 -2.03 -30.44 -30.94
C PRO B 66 -2.97 -31.47 -31.54
N ARG B 67 -3.26 -32.55 -30.81
CA ARG B 67 -3.93 -33.72 -31.39
C ARG B 67 -5.45 -33.66 -31.21
N ALA B 79 -6.45 -53.82 -33.02
CA ALA B 79 -5.46 -54.66 -33.69
C ALA B 79 -4.43 -55.16 -32.67
N PRO B 80 -4.20 -56.49 -32.64
CA PRO B 80 -3.35 -57.04 -31.58
C PRO B 80 -1.88 -56.73 -31.76
N GLU B 81 -1.41 -56.55 -33.00
CA GLU B 81 0.02 -56.42 -33.24
C GLU B 81 0.63 -55.29 -32.45
N GLN B 82 -0.05 -54.14 -32.40
CA GLN B 82 0.48 -52.94 -31.79
C GLN B 82 0.25 -52.91 -30.28
N LEU B 83 -0.88 -53.44 -29.81
CA LEU B 83 -1.02 -53.72 -28.39
C LEU B 83 0.18 -54.52 -27.89
N LEU B 84 0.55 -55.56 -28.64
CA LEU B 84 1.63 -56.44 -28.21
C LEU B 84 2.95 -55.69 -28.08
N SER B 85 3.32 -54.90 -29.10
CA SER B 85 4.63 -54.28 -29.08
C SER B 85 4.72 -53.16 -28.03
N GLN B 86 3.61 -52.51 -27.71
CA GLN B 86 3.59 -51.60 -26.56
C GLN B 86 3.76 -52.38 -25.25
N ALA B 87 2.99 -53.46 -25.09
CA ALA B 87 3.08 -54.25 -23.88
C ALA B 87 4.49 -54.83 -23.71
N ARG B 88 5.04 -55.38 -24.80
CA ARG B 88 6.40 -55.90 -24.79
C ARG B 88 7.38 -54.84 -24.31
N ASP B 89 7.24 -53.60 -24.78
CA ASP B 89 8.19 -52.57 -24.40
C ASP B 89 8.03 -52.17 -22.95
N PHE B 90 6.78 -52.08 -22.47
CA PHE B 90 6.59 -51.71 -21.06
C PHE B 90 7.17 -52.77 -20.13
N ILE B 91 6.93 -54.05 -20.43
CA ILE B 91 7.45 -55.13 -19.59
C ILE B 91 8.97 -55.08 -19.56
N ASN B 92 9.60 -54.80 -20.71
CA ASN B 92 11.05 -54.61 -20.70
C ASN B 92 11.44 -53.49 -19.77
N GLN B 93 10.67 -52.41 -19.79
CA GLN B 93 10.90 -51.32 -18.85
C GLN B 93 10.79 -51.81 -17.41
N TYR B 94 9.69 -52.51 -17.11
CA TYR B 94 9.51 -52.98 -15.74
C TYR B 94 10.66 -53.88 -15.31
N TYR B 95 11.03 -54.83 -16.16
CA TYR B 95 12.08 -55.76 -15.74
C TYR B 95 13.46 -55.12 -15.76
N SER B 96 13.65 -53.98 -16.43
CA SER B 96 14.86 -53.20 -16.23
C SER B 96 14.89 -52.56 -14.86
N SER B 97 13.77 -51.96 -14.45
CA SER B 97 13.69 -51.28 -13.16
C SER B 97 13.89 -52.21 -11.97
N ILE B 98 13.59 -53.51 -12.10
CA ILE B 98 13.87 -54.44 -11.01
C ILE B 98 15.18 -55.19 -11.23
N LYS B 99 16.01 -54.74 -12.17
CA LYS B 99 17.33 -55.33 -12.42
C LYS B 99 17.23 -56.82 -12.71
N ARG B 100 16.21 -57.20 -13.48
CA ARG B 100 16.03 -58.59 -13.88
C ARG B 100 15.88 -58.73 -15.40
N SER B 101 16.48 -57.80 -16.15
CA SER B 101 16.41 -57.85 -17.60
CA SER B 101 16.41 -57.85 -17.61
C SER B 101 17.05 -59.13 -18.11
N GLY B 102 16.34 -59.81 -19.03
CA GLY B 102 16.84 -61.05 -19.61
C GLY B 102 16.80 -62.25 -18.69
N SER B 103 15.81 -62.35 -17.81
CA SER B 103 15.77 -63.42 -16.83
C SER B 103 14.61 -64.37 -17.12
N GLN B 104 14.51 -65.41 -16.29
CA GLN B 104 13.40 -66.36 -16.36
C GLN B 104 12.07 -65.62 -16.32
N ALA B 105 11.79 -64.97 -15.19
CA ALA B 105 10.60 -64.17 -14.98
C ALA B 105 10.30 -63.26 -16.17
N HIS B 106 11.34 -62.71 -16.79
CA HIS B 106 11.17 -61.67 -17.81
C HIS B 106 10.53 -62.24 -19.07
N GLU B 107 11.10 -63.31 -19.63
CA GLU B 107 10.49 -63.92 -20.80
C GLU B 107 9.23 -64.69 -20.42
N GLN B 108 9.17 -65.17 -19.17
CA GLN B 108 7.91 -65.74 -18.69
C GLN B 108 6.77 -64.76 -18.95
N ARG B 109 6.91 -63.54 -18.42
CA ARG B 109 5.85 -62.54 -18.49
C ARG B 109 5.54 -62.14 -19.93
N LEU B 110 6.57 -62.01 -20.77
CA LEU B 110 6.36 -61.70 -22.17
C LEU B 110 5.49 -62.76 -22.85
N GLN B 111 5.92 -64.03 -22.81
CA GLN B 111 5.11 -65.09 -23.38
C GLN B 111 3.71 -65.08 -22.79
N GLU B 112 3.62 -64.91 -21.48
CA GLU B 112 2.33 -64.82 -20.80
C GLU B 112 1.45 -63.74 -21.39
N VAL B 113 2.01 -62.55 -21.65
CA VAL B 113 1.18 -61.45 -22.12
C VAL B 113 0.70 -61.71 -23.55
N GLU B 114 1.58 -62.23 -24.41
CA GLU B 114 1.15 -62.58 -25.76
C GLU B 114 0.03 -63.61 -25.74
N ALA B 115 0.17 -64.64 -24.92
CA ALA B 115 -0.85 -65.68 -24.85
C ALA B 115 -2.16 -65.12 -24.33
N GLU B 116 -2.10 -64.15 -23.41
CA GLU B 116 -3.33 -63.53 -22.93
C GLU B 116 -3.94 -62.61 -23.98
N VAL B 117 -3.12 -61.99 -24.84
CA VAL B 117 -3.67 -61.19 -25.93
C VAL B 117 -4.30 -62.12 -26.97
N ALA B 118 -3.53 -63.11 -27.45
CA ALA B 118 -4.06 -64.14 -28.34
C ALA B 118 -5.41 -64.69 -27.87
N ALA B 119 -5.52 -65.03 -26.58
CA ALA B 119 -6.75 -65.63 -26.09
C ALA B 119 -7.85 -64.60 -25.87
N THR B 120 -7.49 -63.39 -25.41
CA THR B 120 -8.51 -62.43 -24.99
C THR B 120 -8.48 -61.10 -25.74
N GLY B 121 -7.41 -60.79 -26.48
CA GLY B 121 -7.29 -59.49 -27.12
C GLY B 121 -6.83 -58.37 -26.22
N THR B 122 -6.32 -58.69 -25.05
CA THR B 122 -5.86 -57.71 -24.06
C THR B 122 -5.06 -58.47 -23.02
N TYR B 123 -4.83 -57.87 -21.86
CA TYR B 123 -4.11 -58.51 -20.76
C TYR B 123 -4.26 -57.63 -19.52
N GLN B 124 -3.83 -58.16 -18.38
CA GLN B 124 -3.96 -57.49 -17.09
C GLN B 124 -2.59 -57.19 -16.53
N LEU B 125 -2.45 -56.02 -15.89
CA LEU B 125 -1.22 -55.67 -15.20
C LEU B 125 -1.16 -56.33 -13.82
N ARG B 126 0.01 -56.86 -13.47
CA ARG B 126 0.27 -57.19 -12.08
C ARG B 126 0.33 -55.91 -11.27
N GLU B 127 0.10 -56.04 -9.97
CA GLU B 127 -0.01 -54.86 -9.12
C GLU B 127 1.28 -54.05 -9.13
N SER B 128 2.44 -54.68 -8.97
CA SER B 128 3.70 -53.93 -8.97
CA SER B 128 3.68 -53.92 -8.96
C SER B 128 3.98 -53.30 -10.33
N GLU B 129 3.53 -53.94 -11.41
CA GLU B 129 3.65 -53.34 -12.72
C GLU B 129 2.79 -52.09 -12.81
N LEU B 130 1.61 -52.11 -12.19
CA LEU B 130 0.75 -50.92 -12.19
C LEU B 130 1.44 -49.76 -11.47
N VAL B 131 2.12 -50.05 -10.35
CA VAL B 131 2.73 -48.99 -9.55
C VAL B 131 3.91 -48.37 -10.27
N PHE B 132 4.75 -49.22 -10.85
CA PHE B 132 5.84 -48.73 -11.68
C PHE B 132 5.29 -47.95 -12.87
N GLY B 133 4.19 -48.43 -13.44
CA GLY B 133 3.60 -47.77 -14.60
C GLY B 133 3.02 -46.40 -14.31
N ALA B 134 2.51 -46.19 -13.10
CA ALA B 134 1.98 -44.85 -12.79
C ALA B 134 3.13 -43.87 -12.51
N LYS B 135 4.16 -44.34 -11.80
CA LYS B 135 5.31 -43.51 -11.51
C LYS B 135 6.03 -43.05 -12.79
N GLN B 136 6.19 -43.96 -13.76
CA GLN B 136 6.88 -43.58 -15.00
C GLN B 136 6.03 -42.59 -15.79
N ALA B 137 4.71 -42.74 -15.74
CA ALA B 137 3.84 -41.82 -16.45
C ALA B 137 4.03 -40.39 -15.93
N TRP B 138 4.09 -40.23 -14.61
CA TRP B 138 4.41 -38.93 -14.03
C TRP B 138 5.82 -38.49 -14.43
N ARG B 139 6.78 -39.40 -14.32
CA ARG B 139 8.15 -39.11 -14.75
C ARG B 139 8.20 -38.57 -16.18
N ASN B 140 7.43 -39.16 -17.10
CA ASN B 140 7.48 -38.87 -18.53
C ASN B 140 6.70 -37.63 -18.94
N ALA B 141 5.99 -36.97 -18.01
CA ALA B 141 5.06 -35.88 -18.33
C ALA B 141 5.79 -34.56 -18.61
N PRO B 142 5.83 -34.11 -19.86
CA PRO B 142 6.74 -32.99 -20.22
C PRO B 142 6.32 -31.63 -19.66
N ARG B 143 5.06 -31.46 -19.28
CA ARG B 143 4.54 -30.18 -18.85
C ARG B 143 4.45 -30.08 -17.33
N CYS B 144 5.11 -30.98 -16.60
CA CYS B 144 5.07 -31.03 -15.14
C CYS B 144 6.42 -30.55 -14.59
N VAL B 145 6.38 -29.46 -13.83
CA VAL B 145 7.61 -28.93 -13.24
C VAL B 145 7.94 -29.62 -11.94
N GLY B 146 7.01 -30.40 -11.38
CA GLY B 146 7.23 -31.00 -10.08
C GLY B 146 7.72 -32.43 -10.11
N ARG B 147 8.39 -32.83 -11.19
CA ARG B 147 8.76 -34.23 -11.36
C ARG B 147 9.95 -34.66 -10.52
N ILE B 148 10.55 -33.76 -9.71
CA ILE B 148 11.60 -34.20 -8.79
C ILE B 148 11.06 -35.30 -7.87
N GLN B 149 9.77 -35.21 -7.54
CA GLN B 149 9.01 -36.07 -6.64
C GLN B 149 8.50 -37.36 -7.29
N TRP B 150 8.91 -37.66 -8.54
CA TRP B 150 8.18 -38.64 -9.35
C TRP B 150 8.17 -40.04 -8.72
N GLY B 151 9.19 -40.37 -7.92
CA GLY B 151 9.22 -41.64 -7.23
C GLY B 151 8.28 -41.75 -6.05
N LYS B 152 7.94 -40.63 -5.42
CA LYS B 152 7.11 -40.64 -4.22
C LYS B 152 5.66 -40.44 -4.65
N LEU B 153 4.95 -41.55 -4.85
CA LEU B 153 3.59 -41.53 -5.35
C LEU B 153 2.82 -42.70 -4.74
N GLN B 154 1.66 -42.40 -4.14
CA GLN B 154 0.79 -43.42 -3.54
C GLN B 154 -0.22 -43.88 -4.58
N VAL B 155 -0.19 -45.17 -4.90
CA VAL B 155 -1.00 -45.71 -6.00
C VAL B 155 -2.14 -46.52 -5.40
N PHE B 156 -3.38 -46.06 -5.61
CA PHE B 156 -4.56 -46.77 -5.14
C PHE B 156 -5.16 -47.60 -6.29
N ASP B 157 -5.19 -48.92 -6.10
CA ASP B 157 -5.67 -49.84 -7.14
C ASP B 157 -7.17 -50.01 -7.00
N ALA B 158 -7.93 -49.26 -7.79
CA ALA B 158 -9.38 -49.39 -7.79
C ALA B 158 -9.88 -50.13 -9.03
N ARG B 159 -9.06 -51.02 -9.59
CA ARG B 159 -9.46 -51.74 -10.80
C ARG B 159 -10.53 -52.76 -10.55
N ASP B 160 -10.87 -53.05 -9.31
CA ASP B 160 -12.05 -53.88 -9.06
C ASP B 160 -13.33 -53.07 -8.99
N CYS B 161 -13.26 -51.76 -9.14
CA CYS B 161 -14.44 -50.93 -8.93
C CYS B 161 -15.54 -51.35 -9.89
N ARG B 162 -16.78 -51.35 -9.39
CA ARG B 162 -17.89 -51.94 -10.11
C ARG B 162 -19.06 -51.00 -10.36
N SER B 163 -19.05 -49.79 -9.84
CA SER B 163 -20.18 -48.90 -10.02
C SER B 163 -19.76 -47.47 -9.74
N ALA B 164 -20.63 -46.53 -10.11
CA ALA B 164 -20.37 -45.13 -9.81
C ALA B 164 -20.38 -44.89 -8.30
N GLN B 165 -21.21 -45.63 -7.57
CA GLN B 165 -21.29 -45.47 -6.11
C GLN B 165 -19.96 -45.87 -5.44
N GLU B 166 -19.44 -47.05 -5.78
CA GLU B 166 -18.12 -47.44 -5.32
C GLU B 166 -17.05 -46.48 -5.83
N MET B 167 -17.19 -46.04 -7.08
CA MET B 167 -16.25 -45.06 -7.63
C MET B 167 -16.18 -43.82 -6.73
N PHE B 168 -17.34 -43.33 -6.31
CA PHE B 168 -17.37 -42.17 -5.42
C PHE B 168 -16.63 -42.43 -4.12
N THR B 169 -16.86 -43.60 -3.50
CA THR B 169 -16.21 -43.91 -2.23
C THR B 169 -14.69 -43.92 -2.37
N TYR B 170 -14.18 -44.49 -3.47
CA TYR B 170 -12.75 -44.48 -3.73
C TYR B 170 -12.22 -43.05 -3.88
N ILE B 171 -12.99 -42.18 -4.51
CA ILE B 171 -12.50 -40.83 -4.78
C ILE B 171 -12.43 -40.03 -3.49
N CYS B 172 -13.45 -40.20 -2.62
CA CYS B 172 -13.42 -39.54 -1.33
C CYS B 172 -12.21 -39.99 -0.51
N ASN B 173 -11.91 -41.28 -0.55
CA ASN B 173 -10.73 -41.78 0.16
C ASN B 173 -9.45 -41.18 -0.41
N HIS B 174 -9.38 -41.02 -1.74
CA HIS B 174 -8.22 -40.38 -2.37
C HIS B 174 -8.02 -38.97 -1.83
N ILE B 175 -9.08 -38.14 -1.91
CA ILE B 175 -9.04 -36.77 -1.42
C ILE B 175 -8.63 -36.71 0.05
N LYS B 176 -9.19 -37.62 0.87
CA LYS B 176 -8.88 -37.65 2.30
C LYS B 176 -7.41 -37.93 2.52
N TYR B 177 -6.89 -38.99 1.90
CA TYR B 177 -5.48 -39.34 2.06
C TYR B 177 -4.57 -38.24 1.52
N ALA B 178 -4.88 -37.73 0.32
CA ALA B 178 -3.97 -36.79 -0.32
C ALA B 178 -3.90 -35.47 0.43
N THR B 179 -5.05 -35.01 0.91
CA THR B 179 -5.09 -33.75 1.64
C THR B 179 -4.33 -33.85 2.95
N ASN B 180 -4.57 -34.92 3.72
CA ASN B 180 -3.81 -35.20 4.94
C ASN B 180 -3.77 -33.97 5.86
N ARG B 181 -4.92 -33.32 6.03
CA ARG B 181 -5.07 -32.15 6.92
C ARG B 181 -4.17 -30.97 6.52
N GLY B 182 -3.67 -30.95 5.29
CA GLY B 182 -2.85 -29.87 4.82
C GLY B 182 -1.43 -30.25 4.55
N ASN B 183 -1.00 -31.41 5.02
CA ASN B 183 0.33 -31.89 4.71
C ASN B 183 0.21 -32.85 3.50
N LEU B 184 0.15 -32.26 2.31
CA LEU B 184 -0.35 -32.97 1.14
C LEU B 184 0.60 -34.09 0.71
N ARG B 185 -0.01 -35.20 0.23
CA ARG B 185 0.69 -36.37 -0.28
C ARG B 185 0.28 -36.66 -1.73
N SER B 186 1.24 -36.95 -2.59
CA SER B 186 0.98 -37.26 -3.98
C SER B 186 0.36 -38.66 -4.12
N ALA B 187 -0.80 -38.74 -4.76
CA ALA B 187 -1.45 -40.03 -4.96
C ALA B 187 -2.16 -40.08 -6.29
N ILE B 188 -2.49 -41.30 -6.70
CA ILE B 188 -3.32 -41.55 -7.88
C ILE B 188 -4.18 -42.80 -7.62
N THR B 189 -5.45 -42.73 -8.01
CA THR B 189 -6.38 -43.86 -7.95
C THR B 189 -6.64 -44.36 -9.37
N VAL B 190 -6.44 -45.64 -9.61
CA VAL B 190 -6.55 -46.21 -10.96
C VAL B 190 -7.81 -47.07 -11.05
N PHE B 191 -8.77 -46.64 -11.86
CA PHE B 191 -10.03 -47.33 -12.07
C PHE B 191 -9.91 -48.33 -13.21
N PRO B 192 -10.93 -49.18 -13.44
CA PRO B 192 -10.78 -50.27 -14.42
C PRO B 192 -10.45 -49.76 -15.82
N GLN B 193 -9.53 -50.48 -16.47
CA GLN B 193 -9.05 -50.16 -17.80
C GLN B 193 -10.15 -50.30 -18.86
N ARG B 194 -9.98 -49.55 -19.96
CA ARG B 194 -10.79 -49.75 -21.15
C ARG B 194 -10.64 -51.18 -21.62
N CYS B 195 -11.77 -51.81 -21.91
CA CYS B 195 -11.76 -53.18 -22.43
C CYS B 195 -12.91 -53.34 -23.39
N PRO B 196 -12.76 -54.18 -24.41
CA PRO B 196 -13.84 -54.32 -25.39
C PRO B 196 -15.07 -54.98 -24.79
N GLY B 197 -16.23 -54.50 -25.21
CA GLY B 197 -17.51 -55.01 -24.78
C GLY B 197 -18.22 -54.15 -23.77
N ARG B 198 -17.52 -53.18 -23.18
CA ARG B 198 -18.06 -52.36 -22.12
C ARG B 198 -17.58 -50.91 -22.31
N GLY B 199 -18.38 -49.98 -21.83
CA GLY B 199 -17.97 -48.59 -21.83
C GLY B 199 -16.95 -48.29 -20.74
N ASP B 200 -16.41 -47.07 -20.81
CA ASP B 200 -15.40 -46.61 -19.87
C ASP B 200 -16.02 -46.07 -18.59
N PHE B 201 -15.32 -46.26 -17.47
CA PHE B 201 -15.43 -45.31 -16.37
C PHE B 201 -14.90 -43.95 -16.81
N ARG B 202 -15.61 -42.89 -16.45
CA ARG B 202 -15.11 -41.54 -16.68
C ARG B 202 -15.48 -40.65 -15.50
N ILE B 203 -14.59 -39.73 -15.16
CA ILE B 203 -14.90 -38.61 -14.29
C ILE B 203 -15.15 -37.42 -15.22
N TRP B 204 -16.39 -36.94 -15.28
CA TRP B 204 -16.68 -35.87 -16.22
C TRP B 204 -15.96 -34.57 -15.84
N ASN B 205 -15.71 -34.36 -14.53
CA ASN B 205 -15.07 -33.15 -14.05
C ASN B 205 -13.59 -33.14 -14.39
N SER B 206 -13.08 -31.97 -14.81
CA SER B 206 -11.66 -31.85 -15.16
C SER B 206 -10.74 -31.92 -13.94
N GLN B 207 -11.25 -31.57 -12.76
CA GLN B 207 -10.52 -31.77 -11.50
C GLN B 207 -11.51 -32.19 -10.44
N LEU B 208 -10.98 -32.81 -9.37
CA LEU B 208 -11.87 -33.24 -8.29
C LEU B 208 -12.45 -32.06 -7.53
N VAL B 209 -11.70 -30.96 -7.40
CA VAL B 209 -12.20 -29.73 -6.80
C VAL B 209 -12.24 -28.65 -7.89
N ARG B 210 -13.44 -28.10 -8.16
CA ARG B 210 -13.64 -27.02 -9.11
C ARG B 210 -14.70 -26.08 -8.57
N TYR B 211 -14.56 -24.79 -8.83
CA TYR B 211 -15.56 -23.82 -8.41
C TYR B 211 -16.52 -23.54 -9.55
N ALA B 212 -17.79 -23.37 -9.20
CA ALA B 212 -18.83 -23.14 -10.19
C ALA B 212 -18.59 -21.82 -10.93
N GLY B 213 -19.15 -21.75 -12.13
CA GLY B 213 -19.18 -20.54 -12.93
C GLY B 213 -20.57 -20.37 -13.51
N TYR B 214 -21.29 -19.37 -13.01
CA TYR B 214 -22.65 -19.08 -13.44
C TYR B 214 -22.65 -17.84 -14.34
N ARG B 215 -23.36 -17.94 -15.46
CA ARG B 215 -23.59 -16.75 -16.30
C ARG B 215 -24.60 -15.83 -15.63
N GLN B 216 -24.30 -14.53 -15.65
CA GLN B 216 -25.03 -13.57 -14.84
C GLN B 216 -26.25 -13.02 -15.58
N GLN B 217 -26.91 -12.06 -14.94
CA GLN B 217 -27.96 -11.27 -15.57
C GLN B 217 -27.48 -10.67 -16.88
N ASP B 218 -26.42 -9.86 -16.81
CA ASP B 218 -25.82 -9.22 -17.98
C ASP B 218 -25.13 -10.25 -18.88
N GLY B 219 -23.82 -10.15 -19.01
CA GLY B 219 -23.09 -11.14 -19.79
C GLY B 219 -21.99 -11.81 -19.01
N SER B 220 -21.81 -11.38 -17.76
CA SER B 220 -20.66 -11.75 -16.96
C SER B 220 -20.83 -13.14 -16.34
N VAL B 221 -19.72 -13.72 -15.93
CA VAL B 221 -19.72 -15.00 -15.22
C VAL B 221 -19.48 -14.70 -13.75
N ARG B 222 -20.26 -15.35 -12.88
CA ARG B 222 -19.98 -15.35 -11.46
C ARG B 222 -19.34 -16.68 -11.11
N GLY B 223 -18.22 -16.63 -10.36
CA GLY B 223 -17.44 -17.82 -10.16
C GLY B 223 -16.30 -17.97 -11.15
N ASP B 224 -15.88 -19.20 -11.45
CA ASP B 224 -14.73 -19.44 -12.32
C ASP B 224 -15.23 -19.62 -13.76
N PRO B 225 -14.87 -18.71 -14.69
CA PRO B 225 -15.38 -18.86 -16.07
C PRO B 225 -14.86 -20.09 -16.80
N ALA B 226 -13.78 -20.70 -16.34
CA ALA B 226 -13.31 -21.92 -16.97
C ALA B 226 -14.28 -23.09 -16.79
N ASN B 227 -15.32 -22.95 -15.96
CA ASN B 227 -16.16 -24.07 -15.56
C ASN B 227 -17.63 -23.86 -15.90
N VAL B 228 -17.92 -22.94 -16.81
CA VAL B 228 -19.30 -22.74 -17.23
C VAL B 228 -19.91 -24.02 -17.78
N GLU B 229 -19.12 -24.78 -18.55
CA GLU B 229 -19.67 -25.95 -19.23
C GLU B 229 -20.03 -27.04 -18.23
N ILE B 230 -19.07 -27.43 -17.39
CA ILE B 230 -19.30 -28.48 -16.39
C ILE B 230 -20.37 -28.05 -15.40
N THR B 231 -20.44 -26.75 -15.10
CA THR B 231 -21.51 -26.23 -14.24
C THR B 231 -22.87 -26.44 -14.88
N GLU B 232 -23.00 -26.14 -16.18
CA GLU B 232 -24.26 -26.38 -16.89
C GLU B 232 -24.64 -27.86 -16.87
N LEU B 233 -23.65 -28.74 -17.04
CA LEU B 233 -23.93 -30.17 -17.03
C LEU B 233 -24.48 -30.63 -15.68
N CYS B 234 -23.87 -30.16 -14.58
CA CYS B 234 -24.34 -30.55 -13.26
C CYS B 234 -25.78 -30.13 -13.03
N ILE B 235 -26.12 -28.89 -13.40
CA ILE B 235 -27.48 -28.38 -13.22
C ILE B 235 -28.45 -29.17 -14.08
N GLN B 236 -28.07 -29.43 -15.33
CA GLN B 236 -28.89 -30.25 -16.21
C GLN B 236 -29.11 -31.65 -15.64
N HIS B 237 -28.15 -32.16 -14.85
CA HIS B 237 -28.28 -33.44 -14.17
C HIS B 237 -28.78 -33.28 -12.74
N GLY B 238 -29.49 -32.20 -12.45
CA GLY B 238 -30.24 -32.09 -11.21
C GLY B 238 -29.52 -31.50 -10.03
N TRP B 239 -28.33 -30.90 -10.23
CA TRP B 239 -27.71 -30.21 -9.12
C TRP B 239 -28.45 -28.92 -8.83
N THR B 240 -28.56 -28.57 -7.54
CA THR B 240 -29.15 -27.32 -7.13
C THR B 240 -28.04 -26.28 -7.00
N PRO B 241 -27.99 -25.27 -7.87
CA PRO B 241 -26.85 -24.35 -7.86
C PRO B 241 -26.90 -23.39 -6.68
N GLY B 242 -25.72 -22.88 -6.34
CA GLY B 242 -25.58 -21.74 -5.45
C GLY B 242 -25.50 -20.45 -6.26
N ASN B 243 -24.90 -19.43 -5.64
CA ASN B 243 -24.68 -18.18 -6.34
C ASN B 243 -23.53 -17.39 -5.73
N GLY B 244 -22.54 -18.11 -5.16
CA GLY B 244 -21.29 -17.50 -4.77
C GLY B 244 -20.26 -17.59 -5.88
N ARG B 245 -19.08 -17.03 -5.60
CA ARG B 245 -17.96 -17.09 -6.51
C ARG B 245 -17.05 -18.27 -6.24
N PHE B 246 -17.30 -19.05 -5.19
CA PHE B 246 -16.41 -20.14 -4.83
C PHE B 246 -17.21 -21.38 -4.39
N ASP B 247 -18.31 -21.68 -5.08
CA ASP B 247 -19.12 -22.86 -4.75
C ASP B 247 -18.43 -24.10 -5.31
N VAL B 248 -18.06 -25.04 -4.45
CA VAL B 248 -17.45 -26.30 -4.90
C VAL B 248 -18.50 -27.11 -5.66
N LEU B 249 -18.14 -27.56 -6.88
CA LEU B 249 -19.03 -28.31 -7.78
C LEU B 249 -19.18 -29.77 -7.34
N PRO B 250 -20.32 -30.39 -7.62
CA PRO B 250 -20.44 -31.84 -7.43
C PRO B 250 -19.66 -32.60 -8.49
N LEU B 251 -19.49 -33.89 -8.25
CA LEU B 251 -18.86 -34.78 -9.22
C LEU B 251 -19.89 -35.45 -10.10
N LEU B 252 -19.55 -35.61 -11.38
CA LEU B 252 -20.34 -36.34 -12.36
C LEU B 252 -19.55 -37.59 -12.70
N LEU B 253 -20.03 -38.74 -12.24
CA LEU B 253 -19.29 -39.99 -12.33
C LEU B 253 -20.02 -40.96 -13.25
N GLN B 254 -19.29 -41.48 -14.23
CA GLN B 254 -19.87 -42.36 -15.24
C GLN B 254 -19.29 -43.76 -15.03
N ALA B 255 -20.17 -44.70 -14.71
CA ALA B 255 -19.90 -46.14 -14.80
C ALA B 255 -20.11 -46.62 -16.23
N PRO B 256 -19.49 -47.74 -16.62
CA PRO B 256 -19.64 -48.23 -18.00
C PRO B 256 -21.09 -48.36 -18.43
N ASP B 257 -21.38 -47.81 -19.62
CA ASP B 257 -22.70 -47.97 -20.26
C ASP B 257 -23.82 -47.49 -19.34
N GLU B 258 -23.57 -46.34 -18.72
CA GLU B 258 -24.36 -45.77 -17.65
C GLU B 258 -24.35 -44.26 -17.85
N PRO B 259 -25.48 -43.59 -17.66
CA PRO B 259 -25.46 -42.12 -17.63
C PRO B 259 -24.66 -41.64 -16.42
N PRO B 260 -24.08 -40.44 -16.46
CA PRO B 260 -23.32 -39.98 -15.30
C PRO B 260 -24.26 -39.79 -14.13
N GLU B 261 -23.71 -39.94 -12.93
CA GLU B 261 -24.45 -39.78 -11.69
C GLU B 261 -23.81 -38.67 -10.87
N LEU B 262 -24.66 -37.85 -10.27
CA LEU B 262 -24.23 -36.72 -9.46
C LEU B 262 -23.87 -37.21 -8.05
N PHE B 263 -22.81 -36.65 -7.49
CA PHE B 263 -22.35 -36.99 -6.14
C PHE B 263 -21.80 -35.74 -5.48
N LEU B 264 -22.35 -35.36 -4.33
CA LEU B 264 -21.89 -34.18 -3.62
C LEU B 264 -20.66 -34.49 -2.78
N LEU B 265 -19.71 -33.54 -2.74
CA LEU B 265 -18.57 -33.77 -1.86
C LEU B 265 -18.86 -33.22 -0.46
N PRO B 266 -18.72 -34.01 0.59
CA PRO B 266 -18.94 -33.49 1.95
C PRO B 266 -18.06 -32.29 2.21
N PRO B 267 -18.64 -31.15 2.61
CA PRO B 267 -17.84 -29.92 2.71
C PRO B 267 -16.57 -30.09 3.53
N GLU B 268 -16.61 -30.86 4.63
CA GLU B 268 -15.42 -31.01 5.47
C GLU B 268 -14.38 -31.93 4.84
N LEU B 269 -14.64 -32.42 3.64
CA LEU B 269 -13.64 -33.19 2.92
C LEU B 269 -12.77 -32.33 1.99
N VAL B 270 -13.27 -31.17 1.59
CA VAL B 270 -12.60 -30.27 0.65
C VAL B 270 -11.92 -29.15 1.45
N LEU B 271 -10.62 -29.27 1.66
CA LEU B 271 -9.89 -28.26 2.43
C LEU B 271 -9.63 -27.03 1.57
N GLU B 272 -10.02 -25.87 2.09
CA GLU B 272 -9.86 -24.60 1.39
C GLU B 272 -8.97 -23.65 2.20
N VAL B 273 -8.51 -22.60 1.54
CA VAL B 273 -7.64 -21.61 2.18
C VAL B 273 -8.16 -20.21 1.89
N PRO B 274 -8.69 -19.49 2.88
CA PRO B 274 -9.02 -18.09 2.65
C PRO B 274 -7.74 -17.31 2.37
N LEU B 275 -7.83 -16.38 1.41
CA LEU B 275 -6.65 -15.64 0.97
C LEU B 275 -6.55 -14.31 1.71
N GLU B 276 -5.42 -14.08 2.35
CA GLU B 276 -5.12 -12.78 2.95
C GLU B 276 -3.70 -12.36 2.60
N HIS B 277 -3.41 -11.05 2.72
CA HIS B 277 -2.06 -10.58 2.43
C HIS B 277 -1.34 -10.16 3.72
N PRO B 278 -0.06 -10.50 3.89
CA PRO B 278 0.60 -10.26 5.19
C PRO B 278 0.74 -8.80 5.56
N THR B 279 0.84 -7.88 4.60
CA THR B 279 0.81 -6.48 4.92
C THR B 279 -0.36 -5.70 4.33
N LEU B 280 -1.14 -6.23 3.39
CA LEU B 280 -2.25 -5.42 2.85
C LEU B 280 -3.56 -5.94 3.46
N GLU B 281 -3.92 -5.36 4.61
CA GLU B 281 -5.04 -5.89 5.39
C GLU B 281 -6.36 -5.78 4.67
N TRP B 282 -6.49 -4.86 3.71
CA TRP B 282 -7.72 -4.81 2.95
C TRP B 282 -7.87 -6.04 2.04
N PHE B 283 -6.79 -6.79 1.78
CA PHE B 283 -6.86 -7.92 0.85
C PHE B 283 -7.86 -8.97 1.29
N ALA B 284 -7.97 -9.20 2.60
CA ALA B 284 -8.90 -10.22 3.09
C ALA B 284 -10.34 -9.88 2.74
N ALA B 285 -10.64 -8.61 2.54
CA ALA B 285 -12.02 -8.24 2.28
C ALA B 285 -12.43 -8.53 0.85
N LEU B 286 -11.49 -9.01 0.02
CA LEU B 286 -11.85 -9.43 -1.32
C LEU B 286 -12.69 -10.69 -1.30
N GLY B 287 -12.66 -11.45 -0.21
CA GLY B 287 -13.45 -12.66 -0.13
C GLY B 287 -12.95 -13.77 -1.02
N LEU B 288 -11.64 -13.87 -1.21
CA LEU B 288 -11.09 -14.84 -2.11
C LEU B 288 -10.60 -16.07 -1.35
N ARG B 289 -10.74 -17.21 -2.00
CA ARG B 289 -10.40 -18.53 -1.50
C ARG B 289 -9.74 -19.32 -2.62
N TRP B 290 -8.90 -20.28 -2.26
CA TRP B 290 -8.61 -21.38 -3.19
C TRP B 290 -8.60 -22.67 -2.39
N TYR B 291 -8.69 -23.80 -3.11
CA TYR B 291 -8.67 -25.11 -2.44
C TYR B 291 -7.25 -25.66 -2.37
N ALA B 292 -7.07 -26.63 -1.47
CA ALA B 292 -5.74 -27.15 -1.19
C ALA B 292 -5.25 -28.15 -2.26
N LEU B 293 -6.15 -28.95 -2.81
CA LEU B 293 -5.74 -30.18 -3.49
C LEU B 293 -5.88 -30.05 -5.00
N PRO B 294 -4.80 -30.04 -5.75
CA PRO B 294 -4.96 -30.05 -7.21
C PRO B 294 -5.01 -31.47 -7.74
N ALA B 295 -6.20 -31.91 -8.17
CA ALA B 295 -6.41 -33.31 -8.56
C ALA B 295 -7.00 -33.33 -9.95
N VAL B 296 -6.17 -33.61 -10.95
CA VAL B 296 -6.63 -33.68 -12.33
C VAL B 296 -7.33 -35.01 -12.53
N SER B 297 -8.55 -34.96 -13.07
CA SER B 297 -9.44 -36.11 -13.13
C SER B 297 -9.93 -36.45 -14.54
N ASN B 298 -9.44 -35.78 -15.60
CA ASN B 298 -9.96 -35.99 -16.94
C ASN B 298 -8.91 -36.48 -17.92
N MET B 299 -7.74 -36.91 -17.44
CA MET B 299 -6.70 -37.37 -18.33
C MET B 299 -6.68 -38.89 -18.38
N LEU B 300 -6.02 -39.41 -19.42
CA LEU B 300 -5.94 -40.83 -19.67
C LEU B 300 -4.55 -41.34 -19.31
N LEU B 301 -4.50 -42.36 -18.44
CA LEU B 301 -3.27 -43.05 -18.12
C LEU B 301 -3.11 -44.23 -19.09
N GLU B 302 -1.98 -44.26 -19.79
CA GLU B 302 -1.65 -45.34 -20.71
C GLU B 302 -0.43 -46.08 -20.21
N ILE B 303 -0.55 -47.40 -20.02
CA ILE B 303 0.57 -48.22 -19.60
C ILE B 303 0.62 -49.45 -20.50
N GLY B 304 1.75 -49.64 -21.17
CA GLY B 304 1.97 -50.88 -21.92
C GLY B 304 0.91 -51.21 -22.92
N GLY B 305 0.35 -50.19 -23.57
CA GLY B 305 -0.72 -50.37 -24.50
C GLY B 305 -2.10 -50.33 -23.89
N LEU B 306 -2.24 -50.49 -22.59
CA LEU B 306 -3.54 -50.49 -21.95
C LEU B 306 -3.94 -49.07 -21.60
N GLU B 307 -5.24 -48.84 -21.55
CA GLU B 307 -5.78 -47.49 -21.39
C GLU B 307 -6.69 -47.46 -20.16
N PHE B 308 -6.44 -46.47 -19.28
CA PHE B 308 -7.22 -46.22 -18.08
C PHE B 308 -7.80 -44.83 -18.22
N PRO B 309 -9.01 -44.70 -18.79
CA PRO B 309 -9.56 -43.34 -18.98
C PRO B 309 -9.96 -42.65 -17.68
N ALA B 310 -9.99 -43.36 -16.55
CA ALA B 310 -10.29 -42.74 -15.26
C ALA B 310 -9.17 -43.11 -14.31
N ALA B 311 -8.28 -42.16 -14.06
CA ALA B 311 -7.20 -42.37 -13.10
C ALA B 311 -6.77 -41.03 -12.55
N PRO B 312 -7.57 -40.45 -11.64
CA PRO B 312 -7.24 -39.10 -11.13
C PRO B 312 -5.93 -39.12 -10.32
N PHE B 313 -5.14 -38.06 -10.50
CA PHE B 313 -3.89 -37.91 -9.76
C PHE B 313 -3.83 -36.53 -9.11
N SER B 314 -3.06 -36.42 -8.03
CA SER B 314 -3.00 -35.19 -7.27
C SER B 314 -1.62 -35.03 -6.67
N GLY B 315 -1.22 -33.76 -6.53
CA GLY B 315 0.02 -33.39 -5.88
C GLY B 315 -0.23 -32.24 -4.92
N TRP B 316 0.57 -31.18 -5.02
CA TRP B 316 0.30 -29.94 -4.32
C TRP B 316 0.63 -28.79 -5.27
N TYR B 317 0.06 -27.64 -4.99
CA TYR B 317 0.10 -26.52 -5.93
C TYR B 317 1.44 -25.80 -5.92
N MET B 318 1.82 -25.31 -7.10
CA MET B 318 2.81 -24.24 -7.21
C MET B 318 2.05 -22.92 -7.22
N SER B 319 2.55 -21.93 -6.47
CA SER B 319 1.73 -20.77 -6.15
C SER B 319 1.33 -19.96 -7.38
N THR B 320 2.14 -19.97 -8.44
CA THR B 320 1.76 -19.20 -9.63
C THR B 320 0.50 -19.73 -10.28
N GLU B 321 0.22 -21.05 -10.20
CA GLU B 321 -1.00 -21.55 -10.82
C GLU B 321 -2.21 -20.83 -10.27
N ILE B 322 -2.19 -20.58 -8.98
CA ILE B 322 -3.29 -19.89 -8.31
C ILE B 322 -3.14 -18.38 -8.43
N GLY B 323 -1.97 -17.88 -8.02
CA GLY B 323 -1.82 -16.42 -7.93
C GLY B 323 -1.83 -15.73 -9.29
N THR B 324 -1.03 -16.23 -10.23
CA THR B 324 -1.01 -15.61 -11.55
C THR B 324 -2.15 -16.11 -12.43
N ARG B 325 -2.14 -17.41 -12.78
CA ARG B 325 -3.08 -17.88 -13.79
C ARG B 325 -4.52 -17.80 -13.28
N ASN B 326 -4.85 -18.55 -12.23
CA ASN B 326 -6.25 -18.71 -11.83
C ASN B 326 -6.86 -17.39 -11.39
N LEU B 327 -6.09 -16.53 -10.73
CA LEU B 327 -6.68 -15.29 -10.25
C LEU B 327 -6.48 -14.11 -11.19
N CYS B 328 -5.42 -14.10 -12.02
CA CYS B 328 -5.12 -12.91 -12.82
C CYS B 328 -5.37 -13.03 -14.32
N ASP B 329 -5.56 -14.23 -14.89
CA ASP B 329 -5.92 -14.35 -16.30
C ASP B 329 -7.16 -13.52 -16.60
N PRO B 330 -7.21 -12.80 -17.74
CA PRO B 330 -8.41 -12.02 -18.05
C PRO B 330 -9.66 -12.87 -18.19
N HIS B 331 -9.51 -14.11 -18.59
CA HIS B 331 -10.63 -15.02 -18.75
C HIS B 331 -10.87 -15.89 -17.52
N ARG B 332 -10.09 -15.75 -16.46
CA ARG B 332 -10.34 -16.43 -15.19
C ARG B 332 -10.92 -15.42 -14.21
N TYR B 333 -10.46 -15.37 -12.95
CA TYR B 333 -11.10 -14.47 -11.98
C TYR B 333 -10.80 -13.00 -12.25
N ASN B 334 -9.69 -12.70 -12.91
CA ASN B 334 -9.46 -11.38 -13.48
C ASN B 334 -9.47 -10.27 -12.43
N ILE B 335 -8.69 -10.46 -11.36
CA ILE B 335 -8.73 -9.52 -10.23
C ILE B 335 -7.64 -8.44 -10.31
N LEU B 336 -6.81 -8.46 -11.35
CA LEU B 336 -5.57 -7.67 -11.36
C LEU B 336 -5.85 -6.19 -11.22
N GLU B 337 -6.78 -5.67 -12.03
CA GLU B 337 -7.03 -4.23 -11.97
C GLU B 337 -7.55 -3.84 -10.61
N ASP B 338 -8.53 -4.60 -10.10
CA ASP B 338 -9.11 -4.30 -8.81
C ASP B 338 -8.05 -4.27 -7.73
N VAL B 339 -7.12 -5.24 -7.75
CA VAL B 339 -6.07 -5.23 -6.75
C VAL B 339 -5.20 -3.98 -6.89
N ALA B 340 -4.85 -3.64 -8.13
CA ALA B 340 -3.95 -2.51 -8.37
C ALA B 340 -4.57 -1.18 -7.94
N VAL B 341 -5.86 -0.98 -8.19
CA VAL B 341 -6.55 0.21 -7.71
C VAL B 341 -6.52 0.27 -6.19
N CYS B 342 -6.72 -0.88 -5.55
CA CYS B 342 -6.65 -0.92 -4.10
C CYS B 342 -5.23 -0.62 -3.61
N MET B 343 -4.22 -1.09 -4.35
CA MET B 343 -2.84 -0.79 -3.99
C MET B 343 -2.45 0.67 -4.22
N ASP B 344 -3.38 1.49 -4.74
CA ASP B 344 -3.12 2.87 -5.14
C ASP B 344 -2.05 2.95 -6.23
N LEU B 345 -1.99 1.94 -7.10
CA LEU B 345 -1.12 2.04 -8.26
C LEU B 345 -1.76 2.88 -9.36
N ASP B 346 -0.93 3.53 -10.15
CA ASP B 346 -1.39 4.33 -11.28
C ASP B 346 -1.69 3.40 -12.44
N THR B 347 -2.98 3.13 -12.67
CA THR B 347 -3.41 2.19 -13.69
C THR B 347 -3.71 2.85 -15.03
N ARG B 348 -3.57 4.17 -15.14
CA ARG B 348 -3.89 4.79 -16.41
C ARG B 348 -2.78 4.66 -17.44
N THR B 349 -1.62 4.12 -17.06
CA THR B 349 -0.47 4.02 -17.94
C THR B 349 0.27 2.71 -17.67
N THR B 350 0.65 2.01 -18.76
CA THR B 350 1.27 0.69 -18.59
C THR B 350 2.69 0.78 -18.07
N SER B 351 3.41 1.86 -18.38
CA SER B 351 4.83 1.93 -18.04
C SER B 351 5.07 2.11 -16.55
N SER B 352 4.06 2.48 -15.78
CA SER B 352 4.19 2.40 -14.32
C SER B 352 4.29 0.95 -13.82
N LEU B 353 4.08 -0.04 -14.69
CA LEU B 353 4.20 -1.46 -14.34
C LEU B 353 3.28 -1.86 -13.19
N TRP B 354 2.07 -1.27 -13.18
CA TRP B 354 1.11 -1.60 -12.14
C TRP B 354 0.66 -3.05 -12.23
N LYS B 355 0.55 -3.58 -13.45
CA LYS B 355 0.16 -4.97 -13.62
C LYS B 355 1.17 -5.89 -12.94
N ASP B 356 2.47 -5.67 -13.19
CA ASP B 356 3.50 -6.49 -12.58
C ASP B 356 3.49 -6.35 -11.06
N LYS B 357 3.44 -5.11 -10.54
CA LYS B 357 3.43 -4.91 -9.09
C LYS B 357 2.24 -5.63 -8.45
N ALA B 358 1.04 -5.47 -9.01
CA ALA B 358 -0.15 -6.03 -8.38
C ALA B 358 -0.16 -7.55 -8.45
N ALA B 359 0.43 -8.14 -9.49
CA ALA B 359 0.47 -9.61 -9.57
C ALA B 359 1.50 -10.20 -8.60
N VAL B 360 2.59 -9.48 -8.32
CA VAL B 360 3.56 -10.01 -7.37
C VAL B 360 2.92 -10.10 -5.97
N GLU B 361 2.10 -9.11 -5.62
CA GLU B 361 1.49 -9.12 -4.30
C GLU B 361 0.41 -10.19 -4.20
N ILE B 362 -0.33 -10.46 -5.29
CA ILE B 362 -1.33 -11.53 -5.28
C ILE B 362 -0.65 -12.87 -5.08
N ASN B 363 0.56 -13.03 -5.61
CA ASN B 363 1.32 -14.24 -5.36
C ASN B 363 1.82 -14.31 -3.92
N VAL B 364 2.38 -13.21 -3.40
CA VAL B 364 2.77 -13.13 -1.99
C VAL B 364 1.62 -13.57 -1.12
N ALA B 365 0.41 -13.08 -1.43
CA ALA B 365 -0.77 -13.40 -0.65
C ALA B 365 -1.05 -14.90 -0.68
N VAL B 366 -0.97 -15.51 -1.86
CA VAL B 366 -1.26 -16.94 -2.00
C VAL B 366 -0.31 -17.75 -1.12
N LEU B 367 1.00 -17.48 -1.26
CA LEU B 367 2.01 -18.19 -0.49
C LEU B 367 1.80 -17.99 1.00
N HIS B 368 1.64 -16.73 1.42
CA HIS B 368 1.48 -16.44 2.83
C HIS B 368 0.23 -17.09 3.40
N SER B 369 -0.84 -17.11 2.61
CA SER B 369 -2.08 -17.70 3.11
C SER B 369 -1.93 -19.21 3.28
N TYR B 370 -1.33 -19.90 2.31
CA TYR B 370 -1.17 -21.35 2.46
C TYR B 370 -0.22 -21.69 3.61
N GLN B 371 0.82 -20.88 3.81
CA GLN B 371 1.72 -21.13 4.93
C GLN B 371 1.00 -20.91 6.25
N LEU B 372 0.27 -19.80 6.36
CA LEU B 372 -0.53 -19.53 7.55
C LEU B 372 -1.44 -20.71 7.86
N ALA B 373 -2.11 -21.23 6.83
CA ALA B 373 -3.03 -22.34 6.96
C ALA B 373 -2.36 -23.70 7.08
N LYS B 374 -1.02 -23.76 6.99
CA LYS B 374 -0.29 -25.03 7.07
C LYS B 374 -0.76 -26.03 6.01
N VAL B 375 -0.89 -25.53 4.77
CA VAL B 375 -1.19 -26.33 3.59
C VAL B 375 0.02 -26.28 2.66
N THR B 376 0.58 -27.45 2.33
CA THR B 376 1.76 -27.53 1.46
C THR B 376 1.61 -26.63 0.22
N ILE B 377 2.72 -26.00 -0.17
CA ILE B 377 2.75 -25.14 -1.34
C ILE B 377 4.21 -24.84 -1.65
N VAL B 378 4.54 -24.68 -2.94
CA VAL B 378 5.90 -24.40 -3.37
C VAL B 378 5.84 -23.20 -4.30
N ASP B 379 6.78 -22.26 -4.12
CA ASP B 379 6.88 -21.10 -4.98
C ASP B 379 7.71 -21.43 -6.22
N HIS B 380 7.54 -20.62 -7.27
CA HIS B 380 8.16 -20.87 -8.57
C HIS B 380 9.69 -20.78 -8.56
N HIS B 381 10.30 -20.15 -7.54
CA HIS B 381 11.75 -20.19 -7.42
C HIS B 381 12.23 -21.55 -6.93
N ALA B 382 11.59 -22.07 -5.88
CA ALA B 382 11.98 -23.37 -5.33
C ALA B 382 11.66 -24.50 -6.30
N ALA B 383 10.49 -24.44 -6.95
CA ALA B 383 10.07 -25.51 -7.84
C ALA B 383 10.96 -25.60 -9.07
N THR B 384 11.28 -24.45 -9.69
CA THR B 384 12.17 -24.44 -10.84
C THR B 384 13.59 -24.85 -10.43
N ALA B 385 14.01 -24.50 -9.21
CA ALA B 385 15.33 -24.94 -8.77
C ALA B 385 15.39 -26.45 -8.63
N SER B 386 14.34 -27.05 -8.06
CA SER B 386 14.39 -28.49 -7.92
C SER B 386 14.10 -29.20 -9.24
N PHE B 387 13.43 -28.52 -10.19
CA PHE B 387 13.34 -29.12 -11.52
C PHE B 387 14.71 -29.20 -12.18
N MET B 388 15.61 -28.24 -11.91
CA MET B 388 16.95 -28.30 -12.47
C MET B 388 17.71 -29.53 -11.97
N LYS B 389 17.50 -29.90 -10.70
CA LYS B 389 18.11 -31.13 -10.20
C LYS B 389 17.51 -32.36 -10.88
N HIS B 390 16.20 -32.31 -11.16
CA HIS B 390 15.56 -33.42 -11.88
C HIS B 390 16.23 -33.66 -13.22
N LEU B 391 16.44 -32.59 -14.02
CA LEU B 391 17.11 -32.71 -15.31
C LEU B 391 18.50 -33.29 -15.14
N GLU B 392 19.19 -32.91 -14.07
CA GLU B 392 20.50 -33.48 -13.73
C GLU B 392 20.38 -34.97 -13.41
N ASN B 393 19.53 -35.31 -12.44
CA ASN B 393 19.32 -36.73 -12.11
C ASN B 393 18.94 -37.52 -13.37
N GLU B 394 18.05 -36.95 -14.20
CA GLU B 394 17.54 -37.70 -15.34
C GLU B 394 18.59 -37.86 -16.44
N GLN B 395 19.43 -36.85 -16.65
CA GLN B 395 20.53 -37.00 -17.59
C GLN B 395 21.42 -38.19 -17.22
N LYS B 396 21.68 -38.36 -15.92
CA LYS B 396 22.52 -39.48 -15.48
C LYS B 396 21.80 -40.81 -15.64
N ALA B 397 20.50 -40.84 -15.32
CA ALA B 397 19.76 -42.10 -15.28
C ALA B 397 19.31 -42.58 -16.66
N ARG B 398 18.95 -41.66 -17.55
CA ARG B 398 18.33 -42.06 -18.82
C ARG B 398 18.85 -41.34 -20.04
N GLY B 399 19.73 -40.35 -19.88
CA GLY B 399 20.29 -39.64 -21.00
C GLY B 399 19.40 -38.57 -21.57
N GLY B 400 18.55 -37.96 -20.76
CA GLY B 400 17.61 -36.99 -21.26
C GLY B 400 16.43 -36.84 -20.33
N CYS B 401 15.52 -35.94 -20.72
CA CYS B 401 14.28 -35.67 -20.00
C CYS B 401 13.36 -34.84 -20.88
N PRO B 402 12.22 -35.40 -21.29
CA PRO B 402 11.24 -34.64 -22.08
C PRO B 402 10.66 -33.47 -21.28
N ALA B 403 10.67 -32.29 -21.89
CA ALA B 403 10.23 -31.08 -21.19
C ALA B 403 9.68 -30.05 -22.17
N ASP B 404 8.54 -29.45 -21.81
CA ASP B 404 7.86 -28.46 -22.62
C ASP B 404 8.20 -27.07 -22.05
N TRP B 405 9.28 -26.47 -22.58
CA TRP B 405 9.79 -25.17 -22.11
C TRP B 405 8.70 -24.17 -21.74
N ALA B 406 7.72 -23.98 -22.63
CA ALA B 406 6.68 -22.98 -22.39
C ALA B 406 5.77 -23.33 -21.21
N TRP B 407 5.69 -24.61 -20.83
CA TRP B 407 4.96 -25.02 -19.64
C TRP B 407 5.83 -25.08 -18.40
N ILE B 408 7.14 -25.30 -18.55
CA ILE B 408 8.02 -25.37 -17.40
C ILE B 408 8.37 -23.98 -16.86
N VAL B 409 8.55 -22.98 -17.73
CA VAL B 409 8.92 -21.63 -17.32
C VAL B 409 7.69 -20.96 -16.72
N PRO B 410 7.76 -20.45 -15.48
CA PRO B 410 6.58 -19.94 -14.80
C PRO B 410 6.01 -18.72 -15.52
N PRO B 411 4.73 -18.42 -15.30
CA PRO B 411 4.09 -17.29 -15.98
C PRO B 411 4.39 -15.92 -15.38
N ILE B 412 5.13 -15.80 -14.28
CA ILE B 412 5.77 -14.55 -13.90
C ILE B 412 7.25 -14.84 -13.67
N SER B 413 8.06 -13.78 -13.77
CA SER B 413 9.48 -13.81 -13.42
C SER B 413 10.26 -14.91 -14.14
N GLY B 414 9.83 -15.28 -15.35
CA GLY B 414 10.47 -16.30 -16.16
C GLY B 414 11.99 -16.35 -16.15
N SER B 415 12.67 -15.28 -16.60
CA SER B 415 14.13 -15.33 -16.67
C SER B 415 14.80 -15.16 -15.31
N LEU B 416 14.05 -14.82 -14.27
CA LEU B 416 14.56 -14.90 -12.91
C LEU B 416 14.66 -16.34 -12.42
N THR B 417 14.09 -17.31 -13.13
CA THR B 417 14.26 -18.69 -12.70
C THR B 417 15.25 -19.40 -13.63
N PRO B 418 15.94 -20.44 -13.17
CA PRO B 418 16.97 -21.06 -14.01
C PRO B 418 16.43 -21.83 -15.20
N VAL B 419 15.16 -22.27 -15.20
CA VAL B 419 14.66 -23.05 -16.33
C VAL B 419 14.52 -22.20 -17.59
N PHE B 420 14.35 -20.88 -17.42
CA PHE B 420 14.29 -19.99 -18.58
C PHE B 420 15.53 -20.14 -19.44
N HIS B 421 16.70 -20.27 -18.80
CA HIS B 421 18.00 -20.32 -19.43
C HIS B 421 18.43 -21.72 -19.83
N GLN B 422 17.53 -22.70 -19.73
CA GLN B 422 17.83 -24.10 -20.04
C GLN B 422 17.10 -24.51 -21.31
N GLU B 423 17.85 -24.91 -22.34
CA GLU B 423 17.21 -25.48 -23.51
C GLU B 423 16.64 -26.85 -23.17
N MET B 424 15.54 -27.20 -23.84
CA MET B 424 14.80 -28.42 -23.52
C MET B 424 14.33 -29.10 -24.80
N VAL B 425 14.10 -30.41 -24.71
CA VAL B 425 13.65 -31.22 -25.83
C VAL B 425 12.32 -31.85 -25.44
N ASN B 426 11.27 -31.51 -26.19
CA ASN B 426 9.94 -32.07 -25.95
C ASN B 426 9.74 -33.29 -26.84
N TYR B 427 9.31 -34.40 -26.25
CA TYR B 427 8.99 -35.62 -26.97
C TYR B 427 8.11 -36.48 -26.06
N PHE B 428 7.55 -37.56 -26.63
CA PHE B 428 6.53 -38.38 -25.99
C PHE B 428 7.10 -39.74 -25.65
N LEU B 429 7.12 -40.07 -24.37
CA LEU B 429 7.47 -41.42 -23.93
C LEU B 429 6.27 -42.08 -23.29
N SER B 430 6.24 -43.44 -23.36
CA SER B 430 5.19 -44.22 -22.74
C SER B 430 5.77 -45.06 -21.60
N PRO B 431 5.07 -45.21 -20.46
CA PRO B 431 3.74 -44.76 -20.01
C PRO B 431 3.54 -43.25 -19.92
N ALA B 432 2.28 -42.83 -19.89
CA ALA B 432 2.00 -41.42 -20.15
C ALA B 432 0.60 -41.06 -19.68
N PHE B 433 0.47 -39.81 -19.27
CA PHE B 433 -0.82 -39.15 -19.15
C PHE B 433 -1.06 -38.41 -20.45
N ARG B 434 -2.24 -38.62 -21.04
CA ARG B 434 -2.60 -38.09 -22.35
C ARG B 434 -3.96 -37.38 -22.23
N TYR B 435 -4.19 -36.40 -23.08
CA TYR B 435 -5.50 -35.80 -23.14
C TYR B 435 -6.49 -36.74 -23.84
N GLN B 436 -7.76 -36.58 -23.53
CA GLN B 436 -8.80 -37.37 -24.17
C GLN B 436 -10.02 -36.48 -24.39
N PRO B 437 -10.90 -36.83 -25.33
CA PRO B 437 -12.08 -36.00 -25.58
C PRO B 437 -13.02 -35.99 -24.38
N ASP B 438 -13.84 -34.95 -24.33
CA ASP B 438 -14.93 -34.89 -23.36
C ASP B 438 -15.94 -36.00 -23.65
N PRO B 439 -16.43 -36.69 -22.63
CA PRO B 439 -17.39 -37.78 -22.86
C PRO B 439 -18.78 -37.31 -23.26
N TRP B 440 -19.06 -36.01 -23.30
CA TRP B 440 -20.38 -35.54 -23.76
C TRP B 440 -20.36 -34.97 -25.18
N LYS C 27 -10.14 34.96 44.69
CA LYS C 27 -9.77 34.48 43.36
C LYS C 27 -10.23 33.03 43.18
N PHE C 28 -11.51 32.87 42.86
CA PHE C 28 -12.04 31.59 42.44
C PHE C 28 -12.32 31.68 40.95
N PRO C 29 -11.72 30.83 40.12
CA PRO C 29 -11.85 30.97 38.66
C PRO C 29 -13.31 31.02 38.21
N ARG C 30 -13.58 31.95 37.30
CA ARG C 30 -14.86 32.01 36.60
C ARG C 30 -14.84 31.05 35.42
N VAL C 31 -15.90 30.25 35.28
CA VAL C 31 -15.94 29.14 34.34
C VAL C 31 -17.24 29.23 33.54
N LYS C 32 -17.11 29.35 32.22
CA LYS C 32 -18.24 29.66 31.36
C LYS C 32 -18.57 28.50 30.44
N ASN C 33 -19.86 28.32 30.17
CA ASN C 33 -20.32 27.42 29.12
C ASN C 33 -20.82 28.26 27.95
N TRP C 34 -20.11 28.19 26.83
CA TRP C 34 -20.35 29.08 25.69
C TRP C 34 -21.54 28.67 24.84
N GLU C 35 -21.99 27.41 24.94
CA GLU C 35 -23.19 27.00 24.23
C GLU C 35 -24.44 27.60 24.87
N VAL C 36 -24.43 27.71 26.20
CA VAL C 36 -25.59 28.15 26.96
C VAL C 36 -25.40 29.55 27.53
N GLY C 37 -24.16 29.98 27.77
CA GLY C 37 -23.88 31.26 28.37
C GLY C 37 -23.89 31.27 29.89
N SER C 38 -23.94 30.10 30.51
CA SER C 38 -24.01 29.99 31.97
C SER C 38 -22.61 30.08 32.58
N ILE C 39 -22.56 30.71 33.76
CA ILE C 39 -21.33 30.96 34.51
C ILE C 39 -21.42 30.24 35.85
N THR C 40 -20.32 29.57 36.24
CA THR C 40 -20.10 29.14 37.62
C THR C 40 -18.71 29.60 38.09
N TYR C 41 -18.46 29.41 39.39
CA TYR C 41 -17.17 29.66 40.00
C TYR C 41 -16.68 28.39 40.68
N ASP C 42 -15.41 28.04 40.46
CA ASP C 42 -14.84 26.83 41.01
C ASP C 42 -14.21 27.18 42.36
N THR C 43 -14.94 26.92 43.45
CA THR C 43 -14.40 27.10 44.78
C THR C 43 -13.63 25.88 45.28
N LEU C 44 -13.80 24.72 44.60
CA LEU C 44 -13.10 23.51 44.99
C LEU C 44 -11.61 23.56 44.67
N SER C 45 -11.23 24.26 43.59
CA SER C 45 -9.83 24.34 43.21
C SER C 45 -8.92 24.83 44.35
N ALA C 46 -9.48 25.56 45.34
CA ALA C 46 -8.67 26.00 46.47
C ALA C 46 -8.09 24.83 47.26
N GLN C 47 -8.75 23.67 47.27
CA GLN C 47 -8.26 22.47 47.95
C GLN C 47 -7.20 21.72 47.18
N ALA C 48 -6.67 22.26 46.09
CA ALA C 48 -5.69 21.52 45.30
C ALA C 48 -4.50 21.13 46.16
N GLN C 49 -4.30 19.83 46.35
CA GLN C 49 -3.22 19.34 47.19
C GLN C 49 -1.87 19.61 46.57
N GLN C 50 -1.43 18.73 45.67
CA GLN C 50 -0.10 18.85 45.09
C GLN C 50 -0.11 19.97 44.04
N ASP C 51 0.97 20.06 43.27
CA ASP C 51 1.13 21.08 42.24
C ASP C 51 1.12 20.42 40.87
N GLY C 52 0.43 21.07 39.93
CA GLY C 52 0.49 20.68 38.54
C GLY C 52 1.70 21.27 37.86
N PRO C 53 1.75 21.18 36.53
CA PRO C 53 2.97 21.55 35.80
C PRO C 53 2.98 22.96 35.25
N CYS C 54 1.89 23.70 35.38
CA CYS C 54 1.75 25.01 34.77
C CYS C 54 2.31 26.10 35.68
N THR C 55 2.75 27.20 35.07
CA THR C 55 3.14 28.40 35.79
C THR C 55 2.57 29.62 35.08
N PRO C 56 2.66 30.80 35.68
CA PRO C 56 2.22 32.01 34.98
C PRO C 56 3.00 32.27 33.69
N ARG C 57 4.24 31.81 33.62
CA ARG C 57 5.03 31.99 32.41
C ARG C 57 4.49 31.16 31.25
N ARG C 58 4.13 29.89 31.48
CA ARG C 58 3.69 29.03 30.38
C ARG C 58 2.76 27.94 30.89
N CYS C 59 1.79 27.58 30.04
CA CYS C 59 0.82 26.52 30.32
C CYS C 59 1.29 25.21 29.71
N LEU C 60 1.25 24.13 30.50
CA LEU C 60 1.66 22.80 30.09
C LEU C 60 0.54 21.78 30.22
N GLY C 61 -0.72 22.22 30.11
CA GLY C 61 -1.84 21.33 30.30
C GLY C 61 -1.96 20.20 29.29
N SER C 62 -1.31 20.34 28.14
CA SER C 62 -1.44 19.35 27.08
C SER C 62 -0.41 18.22 27.18
N LEU C 63 0.54 18.28 28.11
CA LEU C 63 1.50 17.20 28.26
C LEU C 63 0.84 16.00 28.94
N VAL C 64 1.13 14.80 28.43
CA VAL C 64 0.53 13.59 28.99
C VAL C 64 1.06 13.31 30.40
N PHE C 65 2.40 13.20 30.53
CA PHE C 65 3.08 13.06 31.81
C PHE C 65 3.80 14.36 32.16
N PRO C 66 3.20 15.24 32.98
CA PRO C 66 3.79 16.53 33.41
C PRO C 66 5.27 16.50 33.83
N ALA C 79 9.29 10.82 55.86
CA ALA C 79 8.85 11.64 56.99
C ALA C 79 7.60 11.05 57.62
N PRO C 80 7.72 10.56 58.86
CA PRO C 80 6.51 10.15 59.60
C PRO C 80 5.57 11.29 59.91
N GLU C 81 6.05 12.53 59.89
CA GLU C 81 5.18 13.67 60.17
C GLU C 81 4.34 14.05 58.96
N GLN C 82 4.84 13.83 57.75
CA GLN C 82 4.08 14.19 56.57
C GLN C 82 2.99 13.15 56.27
N LEU C 83 3.30 11.87 56.45
CA LEU C 83 2.25 10.84 56.39
C LEU C 83 1.14 11.17 57.36
N LEU C 84 1.50 11.65 58.55
CA LEU C 84 0.52 11.99 59.57
C LEU C 84 -0.49 13.02 59.08
N SER C 85 0.00 14.13 58.51
CA SER C 85 -0.89 15.23 58.14
C SER C 85 -1.77 14.84 56.96
N GLN C 86 -1.20 14.09 56.01
CA GLN C 86 -2.01 13.47 54.95
C GLN C 86 -3.08 12.56 55.56
N ALA C 87 -2.66 11.65 56.42
CA ALA C 87 -3.60 10.75 57.09
C ALA C 87 -4.71 11.54 57.76
N ARG C 88 -4.35 12.62 58.46
CA ARG C 88 -5.33 13.39 59.21
C ARG C 88 -6.39 13.99 58.29
N ASP C 89 -5.96 14.65 57.21
CA ASP C 89 -6.91 15.33 56.35
C ASP C 89 -7.90 14.37 55.70
N PHE C 90 -7.45 13.16 55.36
CA PHE C 90 -8.36 12.20 54.74
C PHE C 90 -9.41 11.71 55.74
N ILE C 91 -9.00 11.52 57.00
CA ILE C 91 -9.94 11.09 58.03
C ILE C 91 -10.97 12.18 58.29
N ASN C 92 -10.54 13.44 58.27
CA ASN C 92 -11.48 14.54 58.40
C ASN C 92 -12.44 14.59 57.21
N GLN C 93 -11.95 14.29 56.00
CA GLN C 93 -12.81 14.25 54.82
C GLN C 93 -13.90 13.20 54.99
N TYR C 94 -13.49 11.96 55.28
CA TYR C 94 -14.44 10.85 55.45
C TYR C 94 -15.54 11.21 56.45
N TYR C 95 -15.18 11.75 57.61
CA TYR C 95 -16.21 11.96 58.62
C TYR C 95 -17.09 13.15 58.30
N SER C 96 -16.57 14.13 57.55
CA SER C 96 -17.43 15.19 57.02
C SER C 96 -18.46 14.62 56.04
N SER C 97 -18.05 13.64 55.25
CA SER C 97 -18.93 13.02 54.26
C SER C 97 -19.99 12.12 54.89
N ILE C 98 -19.84 11.70 56.14
CA ILE C 98 -20.87 10.89 56.79
C ILE C 98 -21.60 11.67 57.87
N LYS C 99 -21.45 13.00 57.90
CA LYS C 99 -22.08 13.86 58.90
C LYS C 99 -21.66 13.51 60.33
N ARG C 100 -20.52 12.83 60.50
CA ARG C 100 -20.02 12.43 61.80
C ARG C 100 -18.75 13.19 62.17
N SER C 101 -18.66 14.45 61.74
CA SER C 101 -17.50 15.31 61.99
C SER C 101 -17.70 15.98 63.34
N GLY C 102 -17.05 15.44 64.38
CA GLY C 102 -17.18 15.97 65.72
C GLY C 102 -17.31 14.88 66.75
N SER C 103 -18.01 13.80 66.38
CA SER C 103 -18.23 12.64 67.21
C SER C 103 -16.95 12.06 67.80
N GLN C 104 -17.08 11.19 68.81
CA GLN C 104 -15.91 10.55 69.39
C GLN C 104 -15.36 9.48 68.46
N ALA C 105 -16.20 8.86 67.63
CA ALA C 105 -15.68 8.03 66.54
C ALA C 105 -14.67 8.80 65.71
N HIS C 106 -14.95 10.07 65.44
CA HIS C 106 -13.97 10.91 64.76
C HIS C 106 -12.65 10.93 65.52
N GLU C 107 -12.71 11.16 66.84
CA GLU C 107 -11.49 11.32 67.62
C GLU C 107 -10.79 10.00 67.89
N GLN C 108 -11.54 8.91 68.12
CA GLN C 108 -10.89 7.63 68.37
C GLN C 108 -10.10 7.20 67.15
N ARG C 109 -10.65 7.43 65.96
CA ARG C 109 -9.95 7.13 64.73
C ARG C 109 -8.68 7.97 64.61
N LEU C 110 -8.72 9.24 65.01
CA LEU C 110 -7.56 10.12 64.89
C LEU C 110 -6.38 9.62 65.73
N GLN C 111 -6.63 9.30 67.00
CA GLN C 111 -5.55 8.82 67.86
C GLN C 111 -5.10 7.41 67.47
N GLU C 112 -5.98 6.62 66.83
CA GLU C 112 -5.59 5.29 66.37
C GLU C 112 -4.53 5.36 65.28
N VAL C 113 -4.75 6.20 64.27
CA VAL C 113 -3.72 6.44 63.25
C VAL C 113 -2.43 6.88 63.92
N GLU C 114 -2.53 7.87 64.80
CA GLU C 114 -1.38 8.36 65.56
C GLU C 114 -0.59 7.23 66.20
N ALA C 115 -1.27 6.37 66.97
CA ALA C 115 -0.55 5.32 67.70
C ALA C 115 -0.01 4.26 66.76
N GLU C 116 -0.76 3.92 65.70
CA GLU C 116 -0.31 2.86 64.79
C GLU C 116 0.93 3.29 63.99
N VAL C 117 0.96 4.53 63.49
CA VAL C 117 2.15 4.98 62.78
C VAL C 117 3.33 5.17 63.74
N ALA C 118 3.06 5.48 65.01
CA ALA C 118 4.15 5.54 65.99
C ALA C 118 4.65 4.14 66.32
N ALA C 119 3.73 3.17 66.43
CA ALA C 119 4.12 1.79 66.67
C ALA C 119 4.80 1.15 65.47
N THR C 120 4.29 1.37 64.25
CA THR C 120 4.79 0.61 63.10
C THR C 120 5.28 1.45 61.93
N GLY C 121 5.10 2.77 61.92
CA GLY C 121 5.53 3.59 60.82
C GLY C 121 4.49 3.83 59.74
N THR C 122 3.39 3.09 59.78
CA THR C 122 2.31 3.19 58.82
C THR C 122 1.01 2.91 59.59
N TYR C 123 -0.11 2.85 58.88
CA TYR C 123 -1.37 2.52 59.53
C TYR C 123 -2.32 1.85 58.55
N GLN C 124 -3.33 1.19 59.13
CA GLN C 124 -4.32 0.44 58.37
C GLN C 124 -5.60 1.25 58.20
N LEU C 125 -6.21 1.12 57.02
CA LEU C 125 -7.52 1.71 56.73
C LEU C 125 -8.62 0.74 57.11
N ARG C 126 -9.69 1.26 57.71
CA ARG C 126 -10.93 0.52 57.89
C ARG C 126 -11.55 0.25 56.53
N GLU C 127 -12.25 -0.89 56.43
CA GLU C 127 -12.79 -1.32 55.14
C GLU C 127 -13.70 -0.25 54.53
N SER C 128 -14.40 0.51 55.38
CA SER C 128 -15.28 1.55 54.86
C SER C 128 -14.49 2.76 54.38
N GLU C 129 -13.41 3.11 55.09
CA GLU C 129 -12.52 4.19 54.63
C GLU C 129 -11.91 3.84 53.29
N LEU C 130 -11.58 2.56 53.08
CA LEU C 130 -11.03 2.12 51.80
C LEU C 130 -12.04 2.25 50.67
N VAL C 131 -13.30 1.87 50.94
CA VAL C 131 -14.33 2.03 49.92
C VAL C 131 -14.53 3.50 49.58
N PHE C 132 -14.69 4.35 50.60
CA PHE C 132 -14.90 5.78 50.35
C PHE C 132 -13.70 6.39 49.63
N GLY C 133 -12.49 5.99 49.99
CA GLY C 133 -11.30 6.53 49.39
C GLY C 133 -11.08 6.08 47.96
N ALA C 134 -11.53 4.87 47.63
CA ALA C 134 -11.49 4.40 46.24
C ALA C 134 -12.49 5.16 45.37
N LYS C 135 -13.72 5.34 45.85
CA LYS C 135 -14.72 6.07 45.06
C LYS C 135 -14.33 7.54 44.90
N GLN C 136 -13.66 8.13 45.89
CA GLN C 136 -13.26 9.52 45.81
C GLN C 136 -12.12 9.70 44.82
N ALA C 137 -11.20 8.74 44.77
CA ALA C 137 -10.10 8.82 43.83
C ALA C 137 -10.62 8.79 42.39
N TRP C 138 -11.57 7.89 42.09
CA TRP C 138 -12.24 7.90 40.80
C TRP C 138 -12.87 9.27 40.53
N ARG C 139 -13.73 9.71 41.46
CA ARG C 139 -14.40 11.01 41.40
C ARG C 139 -13.42 12.17 41.19
N ASN C 140 -12.17 12.02 41.59
CA ASN C 140 -11.23 13.13 41.49
C ASN C 140 -10.35 13.06 40.25
N ALA C 141 -10.46 12.01 39.47
CA ALA C 141 -9.66 11.77 38.28
C ALA C 141 -10.06 12.75 37.18
N PRO C 142 -9.23 13.75 36.87
CA PRO C 142 -9.69 14.81 35.94
C PRO C 142 -9.82 14.33 34.51
N ARG C 143 -9.10 13.29 34.11
CA ARG C 143 -9.14 12.82 32.73
C ARG C 143 -10.23 11.78 32.46
N CYS C 144 -11.12 11.49 33.43
CA CYS C 144 -12.14 10.46 33.26
C CYS C 144 -13.49 11.08 32.91
N VAL C 145 -14.02 10.71 31.75
CA VAL C 145 -15.32 11.23 31.29
C VAL C 145 -16.50 10.47 31.88
N GLY C 146 -16.25 9.33 32.53
CA GLY C 146 -17.35 8.49 32.99
C GLY C 146 -17.66 8.62 34.47
N ARG C 147 -17.40 9.80 35.04
CA ARG C 147 -17.52 9.95 36.50
C ARG C 147 -18.95 10.13 36.99
N ILE C 148 -19.95 10.26 36.12
CA ILE C 148 -21.34 10.24 36.58
C ILE C 148 -21.61 8.98 37.42
N GLN C 149 -20.85 7.92 37.16
CA GLN C 149 -20.99 6.61 37.81
C GLN C 149 -20.18 6.47 39.09
N TRP C 150 -19.50 7.53 39.55
CA TRP C 150 -18.44 7.36 40.55
C TRP C 150 -18.93 6.71 41.84
N GLY C 151 -20.18 6.91 42.21
CA GLY C 151 -20.64 6.33 43.46
C GLY C 151 -20.99 4.85 43.40
N LYS C 152 -21.02 4.26 42.22
CA LYS C 152 -21.36 2.85 42.03
C LYS C 152 -20.07 2.15 41.61
N LEU C 153 -19.33 1.65 42.60
CA LEU C 153 -18.05 0.98 42.38
C LEU C 153 -17.90 -0.17 43.36
N GLN C 154 -17.55 -1.35 42.84
CA GLN C 154 -17.42 -2.57 43.65
C GLN C 154 -15.96 -2.72 44.08
N VAL C 155 -15.71 -2.58 45.38
CA VAL C 155 -14.35 -2.56 45.92
C VAL C 155 -14.03 -3.93 46.48
N PHE C 156 -13.08 -4.61 45.86
CA PHE C 156 -12.60 -5.89 46.38
C PHE C 156 -11.34 -5.62 47.20
N ASP C 157 -11.36 -6.03 48.47
CA ASP C 157 -10.24 -5.84 49.38
C ASP C 157 -9.32 -7.05 49.30
N ALA C 158 -8.18 -6.89 48.60
CA ALA C 158 -7.14 -7.92 48.48
C ALA C 158 -5.93 -7.62 49.35
N ARG C 159 -6.08 -6.82 50.41
CA ARG C 159 -4.96 -6.42 51.27
C ARG C 159 -4.35 -7.58 52.06
N ASP C 160 -4.86 -8.80 51.92
CA ASP C 160 -4.29 -9.98 52.57
C ASP C 160 -3.72 -10.94 51.53
N CYS C 161 -3.14 -10.41 50.45
CA CYS C 161 -2.75 -11.24 49.32
C CYS C 161 -1.41 -11.93 49.58
N ARG C 162 -1.40 -13.26 49.41
CA ARG C 162 -0.22 -14.08 49.66
C ARG C 162 0.91 -13.73 48.69
N SER C 163 0.84 -14.25 47.48
CA SER C 163 1.89 -14.07 46.49
C SER C 163 1.25 -13.85 45.11
N ALA C 164 2.02 -14.14 44.07
CA ALA C 164 1.52 -13.95 42.70
C ALA C 164 0.37 -14.91 42.38
N GLN C 165 0.39 -16.12 42.95
CA GLN C 165 -0.69 -17.06 42.68
C GLN C 165 -2.00 -16.60 43.29
N GLU C 166 -1.95 -16.03 44.50
CA GLU C 166 -3.16 -15.44 45.07
C GLU C 166 -3.57 -14.20 44.30
N MET C 167 -2.61 -13.30 44.06
CA MET C 167 -2.87 -12.12 43.24
C MET C 167 -3.60 -12.49 41.96
N PHE C 168 -3.18 -13.59 41.34
CA PHE C 168 -3.82 -14.03 40.09
C PHE C 168 -5.26 -14.48 40.33
N THR C 169 -5.55 -15.04 41.50
CA THR C 169 -6.91 -15.47 41.78
C THR C 169 -7.81 -14.29 42.14
N TYR C 170 -7.29 -13.34 42.91
CA TYR C 170 -8.00 -12.08 43.11
C TYR C 170 -8.34 -11.41 41.77
N ILE C 171 -7.43 -11.46 40.81
CA ILE C 171 -7.64 -10.79 39.54
C ILE C 171 -8.71 -11.50 38.73
N CYS C 172 -8.59 -12.83 38.61
CA CYS C 172 -9.59 -13.58 37.86
C CYS C 172 -10.98 -13.41 38.46
N ASN C 173 -11.07 -13.27 39.78
CA ASN C 173 -12.36 -12.96 40.41
C ASN C 173 -12.86 -11.59 39.96
N HIS C 174 -11.98 -10.58 40.01
CA HIS C 174 -12.32 -9.27 39.49
C HIS C 174 -12.79 -9.37 38.06
N ILE C 175 -11.98 -9.98 37.19
CA ILE C 175 -12.34 -10.07 35.77
C ILE C 175 -13.71 -10.74 35.61
N LYS C 176 -13.91 -11.86 36.34
CA LYS C 176 -15.17 -12.59 36.28
C LYS C 176 -16.34 -11.72 36.72
N TYR C 177 -16.23 -11.09 37.90
CA TYR C 177 -17.34 -10.27 38.38
C TYR C 177 -17.60 -9.09 37.47
N ALA C 178 -16.54 -8.44 36.97
CA ALA C 178 -16.72 -7.20 36.22
C ALA C 178 -17.24 -7.48 34.83
N THR C 179 -16.86 -8.61 34.22
CA THR C 179 -17.35 -8.90 32.87
C THR C 179 -18.82 -9.27 32.93
N ASN C 180 -19.19 -10.19 33.82
CA ASN C 180 -20.59 -10.44 34.14
C ASN C 180 -21.42 -10.72 32.88
N ARG C 181 -20.84 -11.50 31.97
CA ARG C 181 -21.49 -11.97 30.74
C ARG C 181 -21.84 -10.85 29.78
N GLY C 182 -21.16 -9.69 29.88
CA GLY C 182 -21.42 -8.59 28.98
C GLY C 182 -22.22 -7.46 29.60
N ASN C 183 -22.78 -7.64 30.77
CA ASN C 183 -23.44 -6.54 31.46
C ASN C 183 -22.42 -6.01 32.48
N LEU C 184 -21.60 -5.07 32.04
CA LEU C 184 -20.39 -4.74 32.78
C LEU C 184 -20.74 -3.95 34.05
N ARG C 185 -19.89 -4.12 35.07
CA ARG C 185 -20.06 -3.53 36.39
C ARG C 185 -18.71 -2.99 36.85
N SER C 186 -18.69 -1.73 37.31
CA SER C 186 -17.42 -1.17 37.75
C SER C 186 -16.92 -1.86 39.03
N ALA C 187 -15.59 -1.94 39.14
CA ALA C 187 -14.98 -2.75 40.18
C ALA C 187 -13.52 -2.33 40.37
N ILE C 188 -13.02 -2.50 41.59
CA ILE C 188 -11.60 -2.27 41.87
C ILE C 188 -11.15 -3.29 42.90
N THR C 189 -9.92 -3.78 42.73
CA THR C 189 -9.29 -4.68 43.69
C THR C 189 -8.04 -3.99 44.24
N VAL C 190 -7.87 -4.00 45.55
CA VAL C 190 -6.83 -3.23 46.22
C VAL C 190 -5.88 -4.18 46.93
N PHE C 191 -4.62 -4.17 46.52
CA PHE C 191 -3.57 -5.05 47.00
C PHE C 191 -2.77 -4.40 48.12
N PRO C 192 -1.87 -5.13 48.77
CA PRO C 192 -1.15 -4.56 49.93
C PRO C 192 -0.37 -3.29 49.60
N GLN C 193 -0.46 -2.34 50.52
CA GLN C 193 0.23 -1.09 50.41
C GLN C 193 1.73 -1.28 50.55
N ARG C 194 2.48 -0.34 49.99
CA ARG C 194 3.92 -0.33 50.21
C ARG C 194 4.21 0.11 51.65
N CYS C 195 5.39 -0.26 52.12
CA CYS C 195 5.98 0.31 53.32
C CYS C 195 7.47 -0.01 53.32
N PRO C 196 8.25 0.63 54.21
CA PRO C 196 9.71 0.41 54.21
C PRO C 196 10.18 -1.04 54.31
N GLY C 197 11.43 -1.27 53.92
CA GLY C 197 12.13 -2.53 54.14
C GLY C 197 11.79 -3.62 53.15
N ARG C 198 10.57 -3.57 52.61
CA ARG C 198 10.03 -4.62 51.76
C ARG C 198 9.45 -4.03 50.49
N GLY C 199 9.47 -4.84 49.43
CA GLY C 199 8.99 -4.40 48.14
C GLY C 199 7.49 -4.19 48.10
N ASP C 200 7.02 -3.84 46.91
CA ASP C 200 5.62 -3.53 46.64
C ASP C 200 4.98 -4.62 45.80
N PHE C 201 3.66 -4.58 45.72
CA PHE C 201 2.91 -5.40 44.79
C PHE C 201 2.70 -4.61 43.50
N ARG C 202 3.00 -5.23 42.35
CA ARG C 202 2.98 -4.52 41.08
C ARG C 202 2.50 -5.43 39.96
N ILE C 203 1.55 -4.93 39.17
CA ILE C 203 1.09 -5.58 37.95
C ILE C 203 1.85 -4.96 36.78
N TRP C 204 2.70 -5.74 36.12
CA TRP C 204 3.57 -5.18 35.10
C TRP C 204 2.80 -4.76 33.85
N ASN C 205 1.69 -5.45 33.55
CA ASN C 205 0.90 -5.08 32.38
C ASN C 205 0.19 -3.76 32.63
N SER C 206 0.05 -2.95 31.57
CA SER C 206 -0.63 -1.68 31.71
C SER C 206 -2.14 -1.87 31.86
N GLN C 207 -2.69 -2.94 31.28
CA GLN C 207 -4.10 -3.32 31.46
C GLN C 207 -4.18 -4.82 31.70
N LEU C 208 -5.33 -5.27 32.19
CA LEU C 208 -5.51 -6.69 32.43
C LEU C 208 -5.63 -7.45 31.12
N VAL C 209 -6.30 -6.86 30.13
CA VAL C 209 -6.37 -7.38 28.78
C VAL C 209 -5.47 -6.51 27.89
N ARG C 210 -4.51 -7.13 27.21
CA ARG C 210 -3.63 -6.41 26.30
C ARG C 210 -3.28 -7.34 25.15
N TYR C 211 -3.37 -6.84 23.92
CA TYR C 211 -3.01 -7.65 22.75
C TYR C 211 -1.52 -7.59 22.49
N ALA C 212 -0.99 -8.66 21.92
CA ALA C 212 0.45 -8.75 21.71
C ALA C 212 0.91 -7.81 20.60
N GLY C 213 2.17 -7.41 20.68
CA GLY C 213 2.84 -6.66 19.64
C GLY C 213 4.24 -7.16 19.37
N TYR C 214 4.41 -7.86 18.25
CA TYR C 214 5.69 -8.44 17.85
C TYR C 214 6.31 -7.61 16.73
N ARG C 215 7.61 -7.38 16.80
CA ARG C 215 8.27 -6.68 15.70
C ARG C 215 8.72 -7.68 14.64
N GLN C 216 8.98 -7.17 13.44
CA GLN C 216 9.18 -8.02 12.27
C GLN C 216 10.53 -7.74 11.61
N GLN C 217 10.91 -8.64 10.71
CA GLN C 217 12.03 -8.38 9.80
C GLN C 217 11.70 -7.22 8.86
N ASP C 218 10.41 -7.03 8.56
CA ASP C 218 9.94 -5.83 7.89
C ASP C 218 10.35 -4.58 8.67
N GLY C 219 10.53 -4.70 9.99
CA GLY C 219 10.62 -3.59 10.90
C GLY C 219 9.27 -3.22 11.51
N SER C 220 8.19 -3.57 10.82
CA SER C 220 6.85 -3.31 11.31
C SER C 220 6.55 -4.12 12.57
N VAL C 221 5.36 -3.90 13.13
CA VAL C 221 4.89 -4.62 14.31
C VAL C 221 3.54 -5.22 13.98
N ARG C 222 3.44 -6.55 14.05
CA ARG C 222 2.14 -7.19 13.95
C ARG C 222 1.51 -7.22 15.34
N GLY C 223 0.24 -6.86 15.40
CA GLY C 223 -0.45 -6.71 16.65
C GLY C 223 -0.50 -5.26 17.09
N ASP C 224 -0.47 -5.03 18.40
CA ASP C 224 -0.61 -3.69 18.96
C ASP C 224 0.77 -3.09 19.13
N PRO C 225 1.14 -2.07 18.36
CA PRO C 225 2.45 -1.44 18.58
C PRO C 225 2.61 -0.87 19.98
N ALA C 226 1.52 -0.55 20.68
CA ALA C 226 1.60 -0.03 22.04
C ALA C 226 2.19 -1.02 23.03
N ASN C 227 2.24 -2.32 22.71
CA ASN C 227 2.60 -3.33 23.69
C ASN C 227 3.86 -4.11 23.31
N VAL C 228 4.74 -3.53 22.49
CA VAL C 228 5.95 -4.25 22.11
C VAL C 228 6.82 -4.51 23.33
N GLU C 229 6.97 -3.52 24.21
CA GLU C 229 7.78 -3.71 25.40
C GLU C 229 7.27 -4.89 26.23
N ILE C 230 6.00 -4.88 26.60
CA ILE C 230 5.47 -5.94 27.46
C ILE C 230 5.34 -7.27 26.72
N THR C 231 5.34 -7.26 25.39
CA THR C 231 5.38 -8.52 24.66
C THR C 231 6.77 -9.12 24.68
N GLU C 232 7.81 -8.28 24.66
CA GLU C 232 9.18 -8.78 24.86
C GLU C 232 9.38 -9.30 26.27
N LEU C 233 8.84 -8.60 27.26
CA LEU C 233 8.97 -9.02 28.65
C LEU C 233 8.28 -10.36 28.89
N CYS C 234 7.05 -10.50 28.40
CA CYS C 234 6.33 -11.76 28.58
C CYS C 234 7.10 -12.91 27.95
N ILE C 235 7.77 -12.68 26.83
CA ILE C 235 8.55 -13.74 26.20
C ILE C 235 9.83 -14.01 26.97
N GLN C 236 10.53 -12.94 27.40
CA GLN C 236 11.77 -13.14 28.15
C GLN C 236 11.54 -13.94 29.42
N HIS C 237 10.39 -13.74 30.07
CA HIS C 237 10.03 -14.47 31.28
C HIS C 237 9.25 -15.74 31.00
N GLY C 238 9.44 -16.36 29.82
CA GLY C 238 8.95 -17.69 29.60
C GLY C 238 7.94 -17.87 28.48
N TRP C 239 7.02 -16.92 28.33
CA TRP C 239 5.86 -17.14 27.49
C TRP C 239 6.25 -17.43 26.05
N THR C 240 5.62 -18.45 25.48
CA THR C 240 5.82 -18.75 24.07
C THR C 240 4.79 -18.00 23.23
N PRO C 241 5.21 -17.26 22.21
CA PRO C 241 4.29 -16.34 21.53
C PRO C 241 3.44 -17.00 20.45
N GLY C 242 2.39 -16.29 20.07
CA GLY C 242 1.61 -16.59 18.90
C GLY C 242 2.06 -15.77 17.70
N ASN C 243 1.18 -15.67 16.72
CA ASN C 243 1.49 -14.87 15.55
C ASN C 243 0.28 -14.14 15.01
N GLY C 244 -0.76 -13.96 15.81
CA GLY C 244 -1.94 -13.26 15.36
C GLY C 244 -1.90 -11.77 15.65
N ARG C 245 -2.79 -11.04 15.00
CA ARG C 245 -2.94 -9.61 15.26
C ARG C 245 -3.59 -9.34 16.60
N PHE C 246 -4.19 -10.34 17.23
CA PHE C 246 -4.98 -10.12 18.45
C PHE C 246 -4.73 -11.22 19.48
N ASP C 247 -3.46 -11.53 19.72
CA ASP C 247 -3.09 -12.51 20.74
C ASP C 247 -3.10 -11.88 22.12
N VAL C 248 -3.95 -12.40 23.01
CA VAL C 248 -4.07 -11.86 24.36
C VAL C 248 -2.84 -12.22 25.18
N LEU C 249 -2.24 -11.21 25.80
CA LEU C 249 -0.99 -11.39 26.51
C LEU C 249 -1.19 -12.06 27.87
N PRO C 250 -0.17 -12.74 28.38
CA PRO C 250 -0.18 -13.19 29.77
C PRO C 250 0.06 -12.04 30.73
N LEU C 251 -0.53 -12.17 31.92
CA LEU C 251 -0.26 -11.25 33.02
C LEU C 251 1.09 -11.57 33.65
N LEU C 252 1.95 -10.56 33.76
CA LEU C 252 3.20 -10.66 34.52
C LEU C 252 2.96 -9.97 35.87
N LEU C 253 2.57 -10.78 36.84
CA LEU C 253 2.32 -10.29 38.19
C LEU C 253 3.57 -10.48 39.05
N GLN C 254 3.81 -9.53 39.95
CA GLN C 254 5.05 -9.49 40.72
C GLN C 254 4.73 -9.24 42.19
N ALA C 255 5.21 -10.18 43.07
CA ALA C 255 5.16 -10.20 44.51
C ALA C 255 6.38 -9.49 45.10
N PRO C 256 6.25 -8.96 46.33
CA PRO C 256 7.36 -8.21 46.93
C PRO C 256 8.66 -9.01 46.96
N ASP C 257 9.73 -8.35 46.51
CA ASP C 257 11.09 -8.88 46.54
C ASP C 257 11.24 -10.18 45.74
N GLU C 258 10.35 -10.38 44.76
CA GLU C 258 10.42 -11.55 43.90
C GLU C 258 10.39 -11.13 42.44
N PRO C 259 11.13 -11.82 41.58
CA PRO C 259 10.89 -11.68 40.15
C PRO C 259 9.45 -11.99 39.83
N PRO C 260 8.91 -11.41 38.77
CA PRO C 260 7.48 -11.61 38.47
C PRO C 260 7.22 -12.99 37.90
N GLU C 261 6.00 -13.48 38.13
CA GLU C 261 5.58 -14.78 37.63
C GLU C 261 4.66 -14.61 36.42
N LEU C 262 4.78 -15.53 35.47
CA LEU C 262 4.06 -15.48 34.22
C LEU C 262 2.78 -16.30 34.34
N PHE C 263 1.63 -15.65 34.18
CA PHE C 263 0.32 -16.28 34.32
C PHE C 263 -0.48 -16.11 33.04
N LEU C 264 -1.25 -17.13 32.69
CA LEU C 264 -2.06 -17.14 31.47
C LEU C 264 -3.54 -17.00 31.84
N LEU C 265 -4.21 -16.05 31.22
CA LEU C 265 -5.64 -15.88 31.44
C LEU C 265 -6.41 -16.96 30.69
N PRO C 266 -7.34 -17.66 31.35
CA PRO C 266 -8.15 -18.65 30.64
C PRO C 266 -8.94 -18.00 29.51
N PRO C 267 -8.91 -18.57 28.31
CA PRO C 267 -9.66 -17.97 27.19
C PRO C 267 -11.12 -17.69 27.50
N GLU C 268 -11.78 -18.61 28.22
CA GLU C 268 -13.17 -18.44 28.60
C GLU C 268 -13.38 -17.21 29.49
N LEU C 269 -12.31 -16.71 30.10
CA LEU C 269 -12.42 -15.58 31.01
C LEU C 269 -12.44 -14.25 30.28
N VAL C 270 -11.79 -14.16 29.12
CA VAL C 270 -11.57 -12.90 28.41
C VAL C 270 -12.65 -12.75 27.35
N LEU C 271 -13.72 -12.04 27.68
CA LEU C 271 -14.80 -11.80 26.72
C LEU C 271 -14.32 -10.85 25.64
N GLU C 272 -14.41 -11.27 24.37
CA GLU C 272 -14.05 -10.43 23.25
C GLU C 272 -15.25 -10.21 22.34
N VAL C 273 -15.13 -9.24 21.45
CA VAL C 273 -16.18 -8.90 20.49
C VAL C 273 -15.62 -8.91 19.09
N PRO C 274 -16.00 -9.84 18.22
CA PRO C 274 -15.61 -9.70 16.81
C PRO C 274 -16.37 -8.54 16.18
N LEU C 275 -15.68 -7.74 15.36
CA LEU C 275 -16.23 -6.47 14.88
C LEU C 275 -16.79 -6.63 13.47
N GLU C 276 -18.06 -6.29 13.28
CA GLU C 276 -18.68 -6.25 11.97
C GLU C 276 -19.45 -4.94 11.83
N HIS C 277 -19.93 -4.68 10.61
CA HIS C 277 -20.57 -3.41 10.32
C HIS C 277 -22.01 -3.63 9.87
N PRO C 278 -22.96 -2.83 10.35
CA PRO C 278 -24.37 -3.14 10.09
C PRO C 278 -24.73 -3.23 8.62
N THR C 279 -23.98 -2.57 7.73
CA THR C 279 -24.35 -2.55 6.32
C THR C 279 -23.19 -2.83 5.36
N LEU C 280 -21.94 -2.69 5.79
CA LEU C 280 -20.79 -2.94 4.93
C LEU C 280 -20.38 -4.40 5.16
N GLU C 281 -20.81 -5.27 4.24
CA GLU C 281 -20.72 -6.71 4.48
C GLU C 281 -19.28 -7.18 4.64
N TRP C 282 -18.33 -6.52 3.95
CA TRP C 282 -16.93 -6.92 3.97
C TRP C 282 -16.19 -6.57 5.26
N PHE C 283 -16.76 -5.73 6.13
CA PHE C 283 -16.03 -5.30 7.33
C PHE C 283 -15.72 -6.50 8.23
N ALA C 284 -16.66 -7.45 8.32
CA ALA C 284 -16.43 -8.65 9.09
C ALA C 284 -15.13 -9.33 8.71
N ALA C 285 -14.85 -9.42 7.40
CA ALA C 285 -13.73 -10.18 6.87
C ALA C 285 -12.37 -9.56 7.19
N LEU C 286 -12.34 -8.32 7.67
CA LEU C 286 -11.07 -7.74 8.08
C LEU C 286 -10.50 -8.41 9.34
N GLY C 287 -11.29 -9.20 10.07
CA GLY C 287 -10.77 -9.95 11.20
C GLY C 287 -10.57 -9.14 12.47
N LEU C 288 -11.24 -8.00 12.60
CA LEU C 288 -11.02 -7.09 13.71
C LEU C 288 -11.81 -7.51 14.95
N ARG C 289 -11.18 -7.34 16.11
CA ARG C 289 -11.78 -7.65 17.40
C ARG C 289 -11.33 -6.60 18.41
N TRP C 290 -12.08 -6.49 19.51
CA TRP C 290 -11.56 -5.91 20.74
C TRP C 290 -12.19 -6.64 21.93
N TYR C 291 -11.70 -6.34 23.13
CA TYR C 291 -12.16 -7.01 24.33
C TYR C 291 -13.21 -6.18 25.04
N ALA C 292 -13.90 -6.84 25.99
CA ALA C 292 -15.02 -6.24 26.68
C ALA C 292 -14.59 -5.26 27.76
N LEU C 293 -13.51 -5.57 28.49
CA LEU C 293 -13.28 -5.01 29.80
C LEU C 293 -12.10 -4.06 29.79
N PRO C 294 -12.30 -2.76 29.96
CA PRO C 294 -11.17 -1.84 30.13
C PRO C 294 -10.77 -1.79 31.60
N ALA C 295 -9.59 -2.32 31.93
CA ALA C 295 -9.17 -2.47 33.32
C ALA C 295 -7.71 -2.06 33.41
N VAL C 296 -7.49 -0.84 33.92
CA VAL C 296 -6.16 -0.27 33.98
C VAL C 296 -5.43 -0.85 35.19
N SER C 297 -4.21 -1.36 34.97
CA SER C 297 -3.48 -2.07 36.00
C SER C 297 -2.16 -1.43 36.42
N ASN C 298 -1.77 -0.31 35.82
CA ASN C 298 -0.44 0.24 36.02
C ASN C 298 -0.42 1.53 36.83
N MET C 299 -1.54 1.92 37.43
CA MET C 299 -1.61 3.17 38.18
C MET C 299 -1.59 2.92 39.68
N LEU C 300 -1.12 3.92 40.43
CA LEU C 300 -0.99 3.85 41.88
C LEU C 300 -2.16 4.57 42.52
N LEU C 301 -2.79 3.92 43.51
CA LEU C 301 -3.88 4.48 44.27
C LEU C 301 -3.34 5.06 45.58
N GLU C 302 -3.72 6.30 45.89
CA GLU C 302 -3.23 7.03 47.06
C GLU C 302 -4.40 7.41 47.95
N ILE C 303 -4.33 7.04 49.23
CA ILE C 303 -5.39 7.34 50.19
C ILE C 303 -4.76 7.79 51.50
N GLY C 304 -5.03 9.04 51.88
CA GLY C 304 -4.53 9.58 53.14
C GLY C 304 -3.07 9.31 53.42
N GLY C 305 -2.21 9.50 52.43
CA GLY C 305 -0.80 9.25 52.61
C GLY C 305 -0.40 7.82 52.39
N LEU C 306 -1.34 6.88 52.33
CA LEU C 306 -1.05 5.52 51.95
C LEU C 306 -1.04 5.38 50.44
N GLU C 307 -0.20 4.47 49.95
CA GLU C 307 0.07 4.33 48.52
C GLU C 307 -0.05 2.86 48.13
N PHE C 308 -0.93 2.57 47.16
CA PHE C 308 -1.21 1.21 46.72
C PHE C 308 -0.70 1.02 45.29
N PRO C 309 0.52 0.53 45.12
CA PRO C 309 1.11 0.44 43.77
C PRO C 309 0.44 -0.55 42.84
N ALA C 310 -0.44 -1.44 43.35
CA ALA C 310 -1.25 -2.33 42.52
C ALA C 310 -2.69 -2.26 43.00
N ALA C 311 -3.56 -1.64 42.20
CA ALA C 311 -4.97 -1.48 42.53
C ALA C 311 -5.80 -1.41 41.25
N PRO C 312 -5.92 -2.54 40.53
CA PRO C 312 -6.55 -2.49 39.21
C PRO C 312 -8.03 -2.13 39.30
N PHE C 313 -8.48 -1.29 38.35
CA PHE C 313 -9.86 -0.81 38.30
C PHE C 313 -10.39 -0.92 36.89
N SER C 314 -11.72 -1.06 36.75
CA SER C 314 -12.33 -1.39 35.48
C SER C 314 -13.70 -0.73 35.37
N GLY C 315 -14.09 -0.39 34.14
CA GLY C 315 -15.41 0.15 33.91
C GLY C 315 -16.04 -0.50 32.69
N TRP C 316 -16.57 0.33 31.79
CA TRP C 316 -16.89 -0.11 30.44
C TRP C 316 -16.41 0.95 29.46
N TYR C 317 -16.33 0.55 28.20
CA TYR C 317 -15.67 1.37 27.21
C TYR C 317 -16.56 2.48 26.66
N MET C 318 -15.94 3.61 26.32
CA MET C 318 -16.53 4.58 25.42
C MET C 318 -16.11 4.21 23.99
N SER C 319 -17.05 4.24 23.05
CA SER C 319 -16.74 3.65 21.74
C SER C 319 -15.56 4.32 21.07
N THR C 320 -15.31 5.62 21.33
CA THR C 320 -14.20 6.27 20.63
C THR C 320 -12.84 5.73 21.08
N GLU C 321 -12.74 5.19 22.30
CA GLU C 321 -11.46 4.63 22.71
C GLU C 321 -11.05 3.51 21.78
N ILE C 322 -12.03 2.68 21.38
CA ILE C 322 -11.73 1.53 20.54
C ILE C 322 -11.70 1.93 19.07
N GLY C 323 -12.76 2.60 18.60
CA GLY C 323 -12.91 2.84 17.17
C GLY C 323 -12.07 3.97 16.60
N THR C 324 -11.69 4.94 17.44
CA THR C 324 -10.82 6.03 16.98
C THR C 324 -9.37 5.84 17.41
N ARG C 325 -9.09 5.84 18.72
CA ARG C 325 -7.70 5.82 19.15
C ARG C 325 -7.04 4.46 18.89
N ASN C 326 -7.60 3.37 19.46
CA ASN C 326 -6.92 2.08 19.39
C ASN C 326 -6.81 1.60 17.95
N LEU C 327 -7.87 1.77 17.15
CA LEU C 327 -7.83 1.20 15.80
C LEU C 327 -7.33 2.18 14.74
N CYS C 328 -7.45 3.50 14.95
CA CYS C 328 -7.08 4.47 13.92
C CYS C 328 -5.84 5.30 14.22
N ASP C 329 -5.33 5.33 15.46
CA ASP C 329 -4.09 6.07 15.72
C ASP C 329 -2.99 5.56 14.79
N PRO C 330 -2.15 6.46 14.23
CA PRO C 330 -1.09 5.99 13.32
C PRO C 330 -0.09 5.08 14.00
N HIS C 331 0.09 5.21 15.31
CA HIS C 331 1.02 4.39 16.07
C HIS C 331 0.33 3.25 16.83
N ARG C 332 -0.94 3.00 16.55
CA ARG C 332 -1.66 1.83 17.07
C ARG C 332 -1.95 0.89 15.89
N TYR C 333 -3.17 0.38 15.73
CA TYR C 333 -3.45 -0.55 14.63
C TYR C 333 -3.50 0.14 13.27
N ASN C 334 -3.83 1.45 13.23
CA ASN C 334 -3.65 2.26 12.02
C ASN C 334 -4.39 1.66 10.82
N ILE C 335 -5.67 1.31 11.02
CA ILE C 335 -6.43 0.60 9.98
C ILE C 335 -7.19 1.54 9.07
N LEU C 336 -7.07 2.86 9.27
CA LEU C 336 -7.90 3.84 8.57
C LEU C 336 -7.84 3.66 7.05
N GLU C 337 -6.64 3.62 6.49
CA GLU C 337 -6.53 3.56 5.05
C GLU C 337 -7.08 2.24 4.52
N ASP C 338 -6.94 1.16 5.28
CA ASP C 338 -7.52 -0.14 4.90
C ASP C 338 -9.02 -0.02 4.71
N VAL C 339 -9.70 0.57 5.69
CA VAL C 339 -11.16 0.68 5.61
C VAL C 339 -11.55 1.61 4.47
N ALA C 340 -10.83 2.73 4.30
CA ALA C 340 -11.10 3.64 3.20
C ALA C 340 -10.99 2.94 1.85
N VAL C 341 -9.90 2.20 1.64
CA VAL C 341 -9.76 1.39 0.42
C VAL C 341 -10.93 0.44 0.25
N CYS C 342 -11.41 -0.18 1.34
CA CYS C 342 -12.54 -1.10 1.19
C CYS C 342 -13.85 -0.36 0.91
N MET C 343 -13.99 0.87 1.41
CA MET C 343 -15.13 1.73 1.14
C MET C 343 -15.05 2.40 -0.24
N ASP C 344 -14.01 2.12 -1.01
CA ASP C 344 -13.81 2.72 -2.34
C ASP C 344 -13.87 4.25 -2.27
N LEU C 345 -13.13 4.81 -1.33
CA LEU C 345 -13.01 6.25 -1.20
C LEU C 345 -11.76 6.72 -1.94
N ASP C 346 -11.75 8.00 -2.33
CA ASP C 346 -10.57 8.57 -2.98
C ASP C 346 -9.57 8.99 -1.91
N THR C 347 -8.50 8.21 -1.77
CA THR C 347 -7.49 8.51 -0.78
C THR C 347 -6.35 9.36 -1.33
N ARG C 348 -6.43 9.81 -2.59
CA ARG C 348 -5.31 10.53 -3.20
C ARG C 348 -5.27 11.99 -2.78
N THR C 349 -6.34 12.51 -2.20
CA THR C 349 -6.46 13.91 -1.79
C THR C 349 -7.05 13.96 -0.37
N THR C 350 -6.75 15.04 0.36
CA THR C 350 -7.28 15.14 1.72
C THR C 350 -8.68 15.76 1.78
N SER C 351 -9.11 16.50 0.76
CA SER C 351 -10.31 17.30 0.88
C SER C 351 -11.59 16.55 0.54
N SER C 352 -11.50 15.31 0.05
CA SER C 352 -12.67 14.44 0.06
C SER C 352 -13.06 13.97 1.46
N LEU C 353 -12.21 14.18 2.47
CA LEU C 353 -12.46 13.75 3.86
C LEU C 353 -12.65 12.24 3.97
N TRP C 354 -11.87 11.49 3.19
CA TRP C 354 -11.94 10.03 3.28
C TRP C 354 -11.50 9.53 4.65
N LYS C 355 -10.55 10.21 5.27
CA LYS C 355 -10.16 9.85 6.64
C LYS C 355 -11.35 9.98 7.59
N ASP C 356 -12.07 11.09 7.50
CA ASP C 356 -13.19 11.32 8.42
C ASP C 356 -14.30 10.30 8.19
N LYS C 357 -14.60 10.01 6.92
CA LYS C 357 -15.67 9.08 6.60
C LYS C 357 -15.35 7.67 7.08
N ALA C 358 -14.11 7.22 6.87
CA ALA C 358 -13.74 5.89 7.32
C ALA C 358 -13.75 5.80 8.85
N ALA C 359 -13.27 6.83 9.54
CA ALA C 359 -13.28 6.80 10.99
C ALA C 359 -14.69 6.63 11.55
N VAL C 360 -15.65 7.38 11.00
CA VAL C 360 -17.03 7.30 11.50
C VAL C 360 -17.58 5.88 11.39
N GLU C 361 -17.37 5.23 10.24
CA GLU C 361 -17.93 3.91 10.04
C GLU C 361 -17.24 2.86 10.91
N ILE C 362 -15.95 3.04 11.18
CA ILE C 362 -15.27 2.15 12.13
C ILE C 362 -15.89 2.29 13.53
N ASN C 363 -16.31 3.50 13.88
CA ASN C 363 -16.96 3.67 15.17
C ASN C 363 -18.37 3.09 15.17
N VAL C 364 -19.09 3.23 14.04
CA VAL C 364 -20.39 2.57 13.88
C VAL C 364 -20.26 1.06 14.02
N ALA C 365 -19.21 0.49 13.42
CA ALA C 365 -18.98 -0.95 13.55
C ALA C 365 -18.80 -1.36 15.00
N VAL C 366 -18.05 -0.57 15.76
CA VAL C 366 -17.75 -0.90 17.15
C VAL C 366 -19.03 -0.83 17.99
N LEU C 367 -19.77 0.27 17.88
CA LEU C 367 -21.05 0.40 18.57
C LEU C 367 -21.98 -0.76 18.23
N HIS C 368 -22.26 -0.96 16.93
CA HIS C 368 -23.15 -2.02 16.49
C HIS C 368 -22.70 -3.39 17.00
N SER C 369 -21.39 -3.68 16.89
CA SER C 369 -20.88 -4.99 17.27
C SER C 369 -21.04 -5.26 18.77
N TYR C 370 -20.72 -4.27 19.61
CA TYR C 370 -20.88 -4.45 21.06
C TYR C 370 -22.35 -4.59 21.44
N GLN C 371 -23.22 -3.76 20.87
CA GLN C 371 -24.65 -3.89 21.11
C GLN C 371 -25.17 -5.26 20.72
N LEU C 372 -24.91 -5.68 19.48
CA LEU C 372 -25.46 -6.96 19.03
C LEU C 372 -25.01 -8.10 19.95
N ALA C 373 -23.79 -8.03 20.48
CA ALA C 373 -23.26 -9.01 21.42
C ALA C 373 -23.63 -8.72 22.86
N LYS C 374 -24.42 -7.66 23.11
CA LYS C 374 -24.93 -7.38 24.45
C LYS C 374 -23.82 -7.10 25.45
N VAL C 375 -22.76 -6.43 24.99
CA VAL C 375 -21.70 -5.96 25.87
C VAL C 375 -21.86 -4.47 26.06
N THR C 376 -21.83 -4.03 27.31
CA THR C 376 -22.00 -2.63 27.65
C THR C 376 -21.01 -1.76 26.91
N ILE C 377 -21.52 -0.70 26.28
CA ILE C 377 -20.69 0.29 25.60
C ILE C 377 -21.50 1.57 25.55
N VAL C 378 -20.81 2.70 25.46
CA VAL C 378 -21.47 3.99 25.43
C VAL C 378 -20.82 4.79 24.33
N ASP C 379 -21.63 5.54 23.58
CA ASP C 379 -21.06 6.35 22.52
C ASP C 379 -20.62 7.69 23.09
N HIS C 380 -19.84 8.44 22.30
CA HIS C 380 -19.28 9.68 22.84
C HIS C 380 -20.34 10.76 23.05
N HIS C 381 -21.42 10.74 22.26
CA HIS C 381 -22.49 11.71 22.53
C HIS C 381 -23.12 11.43 23.89
N ALA C 382 -23.51 10.17 24.15
CA ALA C 382 -24.14 9.81 25.42
C ALA C 382 -23.20 10.06 26.61
N ALA C 383 -21.92 9.71 26.45
CA ALA C 383 -20.98 9.89 27.55
C ALA C 383 -20.75 11.37 27.86
N THR C 384 -20.62 12.21 26.81
CA THR C 384 -20.38 13.63 27.10
C THR C 384 -21.61 14.31 27.68
N ALA C 385 -22.81 13.87 27.30
CA ALA C 385 -24.01 14.43 27.92
C ALA C 385 -24.11 14.03 29.40
N SER C 386 -23.65 12.81 29.73
CA SER C 386 -23.68 12.39 31.13
CA SER C 386 -23.68 12.39 31.13
C SER C 386 -22.61 13.10 31.93
N PHE C 387 -21.46 13.40 31.31
CA PHE C 387 -20.45 14.15 32.05
C PHE C 387 -20.89 15.58 32.32
N MET C 388 -21.70 16.16 31.42
CA MET C 388 -22.27 17.48 31.69
C MET C 388 -23.20 17.45 32.92
N LYS C 389 -24.07 16.44 33.01
CA LYS C 389 -24.87 16.24 34.22
C LYS C 389 -23.99 16.15 35.44
N HIS C 390 -22.89 15.38 35.35
CA HIS C 390 -21.99 15.23 36.48
C HIS C 390 -21.38 16.57 36.92
N LEU C 391 -20.98 17.43 35.96
CA LEU C 391 -20.46 18.74 36.32
C LEU C 391 -21.48 19.52 37.16
N GLU C 392 -22.76 19.45 36.76
CA GLU C 392 -23.84 20.07 37.52
C GLU C 392 -23.95 19.50 38.94
N ASN C 393 -24.09 18.17 39.06
CA ASN C 393 -24.17 17.54 40.38
C ASN C 393 -22.98 17.92 41.25
N GLU C 394 -21.78 17.95 40.65
CA GLU C 394 -20.59 18.17 41.43
C GLU C 394 -20.47 19.62 41.87
N GLN C 395 -21.03 20.55 41.09
CA GLN C 395 -20.99 21.94 41.46
C GLN C 395 -21.77 22.19 42.74
N LYS C 396 -22.88 21.45 42.93
CA LYS C 396 -23.60 21.52 44.20
C LYS C 396 -22.86 20.76 45.30
N ALA C 397 -22.43 19.53 44.99
CA ALA C 397 -21.82 18.68 46.00
C ALA C 397 -20.60 19.34 46.63
N ARG C 398 -19.69 19.87 45.78
CA ARG C 398 -18.35 20.26 46.22
C ARG C 398 -17.91 21.64 45.75
N GLY C 399 -18.73 22.37 45.01
CA GLY C 399 -18.31 23.68 44.52
C GLY C 399 -17.44 23.66 43.28
N GLY C 400 -17.31 22.52 42.61
CA GLY C 400 -16.54 22.45 41.38
C GLY C 400 -16.27 21.02 40.97
N CYS C 401 -15.35 20.87 40.02
CA CYS C 401 -14.99 19.55 39.54
C CYS C 401 -13.73 19.63 38.68
N PRO C 402 -12.63 18.99 39.10
CA PRO C 402 -11.41 19.04 38.28
C PRO C 402 -11.56 18.21 37.02
N ALA C 403 -11.30 18.85 35.87
CA ALA C 403 -11.51 18.20 34.59
C ALA C 403 -10.47 18.71 33.61
N ASP C 404 -9.90 17.76 32.84
CA ASP C 404 -8.82 17.98 31.88
C ASP C 404 -9.46 18.04 30.50
N TRP C 405 -9.68 19.27 30.02
CA TRP C 405 -10.43 19.50 28.77
C TRP C 405 -9.93 18.64 27.63
N ALA C 406 -8.60 18.54 27.49
CA ALA C 406 -8.00 17.82 26.36
C ALA C 406 -8.33 16.33 26.41
N TRP C 407 -8.63 15.79 27.59
CA TRP C 407 -8.99 14.38 27.70
C TRP C 407 -10.49 14.17 27.80
N ILE C 408 -11.26 15.20 28.18
CA ILE C 408 -12.71 15.04 28.27
C ILE C 408 -13.34 15.09 26.89
N VAL C 409 -12.87 15.99 26.01
CA VAL C 409 -13.43 16.13 24.65
C VAL C 409 -13.03 14.92 23.82
N PRO C 410 -13.98 14.24 23.17
CA PRO C 410 -13.66 13.01 22.40
C PRO C 410 -12.76 13.29 21.20
N PRO C 411 -12.05 12.28 20.69
CA PRO C 411 -11.11 12.50 19.58
C PRO C 411 -11.74 12.50 18.19
N ILE C 412 -13.06 12.36 18.07
CA ILE C 412 -13.76 12.69 16.83
C ILE C 412 -14.95 13.56 17.21
N SER C 413 -15.36 14.42 16.28
CA SER C 413 -16.58 15.21 16.44
C SER C 413 -16.54 16.08 17.70
N GLY C 414 -15.37 16.58 18.07
CA GLY C 414 -15.20 17.33 19.30
C GLY C 414 -16.30 18.32 19.60
N SER C 415 -16.51 19.29 18.71
CA SER C 415 -17.48 20.35 18.96
C SER C 415 -18.93 19.92 18.73
N LEU C 416 -19.18 18.71 18.24
CA LEU C 416 -20.55 18.20 18.22
C LEU C 416 -21.04 17.74 19.60
N THR C 417 -20.11 17.56 20.59
CA THR C 417 -20.44 17.21 21.97
C THR C 417 -20.40 18.47 22.85
N PRO C 418 -21.20 18.51 23.91
CA PRO C 418 -21.33 19.75 24.68
C PRO C 418 -20.10 20.07 25.52
N VAL C 419 -19.26 19.08 25.83
CA VAL C 419 -18.06 19.36 26.62
C VAL C 419 -17.08 20.26 25.88
N PHE C 420 -17.12 20.27 24.54
CA PHE C 420 -16.22 21.14 23.79
C PHE C 420 -16.40 22.59 24.17
N HIS C 421 -17.65 23.01 24.38
CA HIS C 421 -18.03 24.38 24.70
C HIS C 421 -18.00 24.68 26.19
N GLN C 422 -17.53 23.74 27.02
CA GLN C 422 -17.47 23.90 28.46
C GLN C 422 -16.04 24.23 28.88
N GLU C 423 -15.84 25.43 29.44
CA GLU C 423 -14.56 25.74 30.07
C GLU C 423 -14.38 24.84 31.29
N MET C 424 -13.13 24.45 31.55
CA MET C 424 -12.87 23.56 32.66
C MET C 424 -11.62 24.01 33.41
N VAL C 425 -11.57 23.63 34.70
CA VAL C 425 -10.42 23.86 35.56
C VAL C 425 -9.85 22.50 35.99
N ASN C 426 -8.52 22.37 35.94
CA ASN C 426 -7.80 21.15 36.28
C ASN C 426 -6.88 21.40 37.47
N TYR C 427 -6.95 20.50 38.46
CA TYR C 427 -6.14 20.54 39.67
C TYR C 427 -6.14 19.14 40.29
N PHE C 428 -5.25 18.92 41.26
CA PHE C 428 -5.05 17.61 41.86
C PHE C 428 -5.68 17.55 43.25
N LEU C 429 -6.69 16.69 43.42
CA LEU C 429 -7.23 16.37 44.74
C LEU C 429 -6.75 15.00 45.19
N SER C 430 -6.93 14.73 46.48
CA SER C 430 -6.65 13.43 47.07
C SER C 430 -7.86 12.98 47.89
N PRO C 431 -8.13 11.65 47.97
CA PRO C 431 -7.52 10.50 47.29
C PRO C 431 -7.41 10.64 45.77
N ALA C 432 -6.53 9.87 45.13
CA ALA C 432 -6.26 10.10 43.72
C ALA C 432 -5.65 8.87 43.06
N PHE C 433 -5.86 8.75 41.76
CA PHE C 433 -5.08 7.84 40.93
C PHE C 433 -3.93 8.62 40.27
N ARG C 434 -2.70 8.14 40.47
CA ARG C 434 -1.47 8.73 39.93
C ARG C 434 -0.80 7.75 38.97
N TYR C 435 0.03 8.30 38.08
CA TYR C 435 0.94 7.44 37.34
C TYR C 435 2.15 7.11 38.21
N GLN C 436 2.93 6.12 37.78
CA GLN C 436 4.08 5.65 38.55
C GLN C 436 5.06 5.03 37.59
N PRO C 437 6.35 5.00 37.91
CA PRO C 437 7.33 4.46 36.97
C PRO C 437 7.16 2.96 36.80
N ASP C 438 7.70 2.47 35.69
CA ASP C 438 7.69 1.04 35.41
C ASP C 438 8.43 0.29 36.53
N PRO C 439 8.07 -0.97 36.77
CA PRO C 439 8.80 -1.74 37.80
C PRO C 439 10.26 -1.97 37.43
N TRP C 440 10.52 -2.31 36.18
CA TRP C 440 11.89 -2.45 35.70
C TRP C 440 12.59 -1.09 35.61
N PHE D 28 13.45 24.08 31.30
CA PHE D 28 12.98 23.93 29.93
C PHE D 28 12.03 22.74 29.74
N PRO D 29 10.77 23.04 29.45
CA PRO D 29 9.76 21.98 29.29
C PRO D 29 10.16 20.98 28.21
N ARG D 30 10.01 19.70 28.54
CA ARG D 30 10.13 18.62 27.57
C ARG D 30 8.79 18.41 26.87
N VAL D 31 8.84 18.17 25.56
CA VAL D 31 7.67 18.19 24.68
C VAL D 31 7.74 16.98 23.76
N LYS D 32 6.64 16.24 23.63
CA LYS D 32 6.66 14.95 22.96
C LYS D 32 5.66 14.88 21.82
N ASN D 33 6.09 14.32 20.69
CA ASN D 33 5.15 13.86 19.68
C ASN D 33 4.89 12.37 19.94
N TRP D 34 3.64 12.04 20.24
CA TRP D 34 3.32 10.65 20.55
C TRP D 34 3.10 9.80 19.30
N GLU D 35 2.85 10.42 18.15
CA GLU D 35 2.70 9.64 16.92
C GLU D 35 4.03 9.05 16.47
N VAL D 36 5.13 9.72 16.80
CA VAL D 36 6.45 9.38 16.28
C VAL D 36 7.45 9.01 17.38
N GLY D 37 7.27 9.49 18.62
CA GLY D 37 8.20 9.27 19.69
C GLY D 37 9.16 10.41 19.93
N SER D 38 9.14 11.43 19.08
CA SER D 38 10.17 12.45 19.10
C SER D 38 10.02 13.39 20.30
N ILE D 39 11.14 13.95 20.74
CA ILE D 39 11.22 14.77 21.95
C ILE D 39 12.01 16.05 21.63
N THR D 40 11.46 17.21 22.01
CA THR D 40 12.19 18.47 21.98
C THR D 40 11.97 19.20 23.29
N TYR D 41 12.73 20.28 23.49
CA TYR D 41 12.61 21.17 24.64
C TYR D 41 12.32 22.57 24.16
N ASP D 42 11.27 23.19 24.73
CA ASP D 42 10.89 24.57 24.43
C ASP D 42 11.77 25.53 25.23
N THR D 43 12.95 25.84 24.70
CA THR D 43 13.77 26.88 25.32
C THR D 43 13.17 28.27 25.15
N LEU D 44 12.37 28.47 24.09
CA LEU D 44 11.85 29.81 23.81
C LEU D 44 10.84 30.26 24.87
N SER D 45 10.09 29.32 25.47
CA SER D 45 9.13 29.68 26.51
C SER D 45 9.77 30.48 27.64
N ALA D 46 11.06 30.25 27.90
CA ALA D 46 11.76 30.94 28.97
C ALA D 46 11.88 32.43 28.73
N GLN D 47 11.43 32.93 27.57
CA GLN D 47 11.43 34.35 27.28
C GLN D 47 10.04 34.95 27.32
N ALA D 48 9.06 34.20 27.82
CA ALA D 48 7.69 34.70 27.90
C ALA D 48 7.66 35.99 28.71
N GLN D 49 7.15 37.06 28.10
CA GLN D 49 7.13 38.36 28.77
C GLN D 49 5.93 38.44 29.73
N GLN D 50 4.73 38.56 29.17
CA GLN D 50 3.53 38.65 30.00
C GLN D 50 3.20 37.28 30.60
N ASP D 51 2.43 37.31 31.68
CA ASP D 51 2.02 36.11 32.39
C ASP D 51 0.66 35.64 31.90
N GLY D 52 0.48 34.32 31.84
CA GLY D 52 -0.78 33.71 31.48
C GLY D 52 -1.65 33.45 32.69
N PRO D 53 -2.69 32.64 32.53
CA PRO D 53 -3.69 32.48 33.61
C PRO D 53 -3.50 31.28 34.53
N CYS D 54 -2.43 30.50 34.37
CA CYS D 54 -2.26 29.25 35.12
C CYS D 54 -1.29 29.44 36.27
N THR D 55 -1.48 28.64 37.32
CA THR D 55 -0.59 28.57 38.47
C THR D 55 -0.24 27.11 38.69
N PRO D 56 0.74 26.83 39.55
CA PRO D 56 0.96 25.44 39.97
C PRO D 56 -0.25 24.83 40.67
N ARG D 57 -1.19 25.65 41.14
CA ARG D 57 -2.37 25.13 41.82
C ARG D 57 -3.44 24.63 40.85
N ARG D 58 -3.60 25.29 39.70
CA ARG D 58 -4.71 25.03 38.78
C ARG D 58 -4.38 25.56 37.39
N CYS D 59 -4.75 24.79 36.37
CA CYS D 59 -4.56 25.12 34.96
C CYS D 59 -5.85 25.68 34.38
N LEU D 60 -5.75 26.82 33.68
CA LEU D 60 -6.88 27.48 33.06
C LEU D 60 -6.69 27.58 31.55
N GLY D 61 -6.01 26.59 30.95
CA GLY D 61 -5.75 26.60 29.54
C GLY D 61 -7.00 26.51 28.67
N SER D 62 -8.11 26.01 29.20
CA SER D 62 -9.29 25.85 28.39
C SER D 62 -10.21 27.06 28.40
N LEU D 63 -9.89 28.09 29.19
CA LEU D 63 -10.71 29.30 29.23
C LEU D 63 -10.44 30.16 28.00
N VAL D 64 -11.51 30.77 27.47
CA VAL D 64 -11.41 31.53 26.22
C VAL D 64 -10.77 32.90 26.46
N PHE D 65 -11.39 33.71 27.34
CA PHE D 65 -10.87 35.02 27.72
C PHE D 65 -10.44 35.02 29.18
N PRO D 66 -9.17 34.72 29.49
CA PRO D 66 -8.75 34.69 30.90
C PRO D 66 -8.68 36.06 31.57
N ARG D 67 -8.74 37.15 30.81
CA ARG D 67 -8.34 38.46 31.30
C ARG D 67 -9.52 39.39 31.59
N ALA D 79 4.87 54.59 32.97
CA ALA D 79 5.10 54.18 31.59
C ALA D 79 6.59 54.14 31.18
N PRO D 80 7.32 55.25 31.34
CA PRO D 80 8.55 55.45 30.54
C PRO D 80 9.52 54.27 30.49
N GLU D 81 9.94 53.73 31.64
CA GLU D 81 10.98 52.71 31.65
C GLU D 81 10.47 51.38 31.11
N GLN D 82 9.18 51.10 31.25
CA GLN D 82 8.63 49.85 30.75
C GLN D 82 8.51 49.88 29.22
N LEU D 83 8.11 51.01 28.67
CA LEU D 83 8.10 51.17 27.22
C LEU D 83 9.49 50.97 26.64
N LEU D 84 10.52 51.50 27.30
CA LEU D 84 11.86 51.45 26.75
C LEU D 84 12.38 50.01 26.67
N SER D 85 12.13 49.21 27.71
CA SER D 85 12.62 47.83 27.69
C SER D 85 11.86 47.00 26.66
N GLN D 86 10.56 47.27 26.47
CA GLN D 86 9.83 46.64 25.36
C GLN D 86 10.33 47.13 24.01
N ALA D 87 10.61 48.44 23.89
CA ALA D 87 11.09 48.99 22.63
C ALA D 87 12.47 48.45 22.27
N ARG D 88 13.40 48.47 23.24
CA ARG D 88 14.74 47.91 23.01
C ARG D 88 14.67 46.46 22.62
N ASP D 89 13.84 45.68 23.32
CA ASP D 89 13.73 44.28 22.97
C ASP D 89 13.29 44.11 21.53
N PHE D 90 12.31 44.90 21.10
CA PHE D 90 11.79 44.79 19.75
C PHE D 90 12.86 45.13 18.73
N ILE D 91 13.60 46.22 18.98
CA ILE D 91 14.66 46.62 18.06
C ILE D 91 15.72 45.53 17.96
N ASN D 92 16.05 44.88 19.09
CA ASN D 92 16.95 43.75 19.03
C ASN D 92 16.37 42.63 18.17
N GLN D 93 15.08 42.38 18.29
CA GLN D 93 14.46 41.35 17.45
C GLN D 93 14.62 41.72 15.97
N TYR D 94 14.29 42.96 15.62
CA TYR D 94 14.43 43.41 14.24
C TYR D 94 15.86 43.16 13.73
N TYR D 95 16.85 43.60 14.50
CA TYR D 95 18.20 43.54 13.97
C TYR D 95 18.73 42.12 13.90
N SER D 96 18.21 41.20 14.69
CA SER D 96 18.60 39.81 14.46
C SER D 96 17.93 39.22 13.23
N SER D 97 16.70 39.63 12.94
CA SER D 97 15.99 39.09 11.78
C SER D 97 16.74 39.34 10.49
N ILE D 98 17.42 40.49 10.39
CA ILE D 98 18.16 40.85 9.19
C ILE D 98 19.66 40.60 9.37
N LYS D 99 20.05 39.84 10.39
CA LYS D 99 21.44 39.41 10.58
C LYS D 99 22.41 40.56 10.75
N ARG D 100 22.00 41.65 11.41
CA ARG D 100 22.91 42.76 11.65
C ARG D 100 22.86 43.19 13.10
N SER D 101 22.80 42.20 14.00
CA SER D 101 22.82 42.50 15.43
C SER D 101 24.14 43.11 15.85
N GLY D 102 24.07 44.13 16.70
CA GLY D 102 25.26 44.78 17.18
C GLY D 102 25.97 45.69 16.19
N SER D 103 25.43 45.87 14.99
CA SER D 103 26.04 46.77 14.04
C SER D 103 25.94 48.22 14.52
N GLN D 104 26.62 49.13 13.79
CA GLN D 104 26.50 50.55 14.10
C GLN D 104 25.05 51.03 13.92
N ALA D 105 24.39 50.57 12.86
CA ALA D 105 23.01 50.98 12.64
C ALA D 105 22.09 50.46 13.73
N HIS D 106 22.43 49.32 14.34
CA HIS D 106 21.62 48.78 15.44
C HIS D 106 21.74 49.67 16.67
N GLU D 107 22.99 49.96 17.08
CA GLU D 107 23.28 50.95 18.11
C GLU D 107 22.50 52.23 17.90
N GLN D 108 22.71 52.86 16.74
CA GLN D 108 22.13 54.17 16.49
C GLN D 108 20.62 54.17 16.64
N ARG D 109 19.97 53.11 16.15
CA ARG D 109 18.51 53.03 16.21
C ARG D 109 18.02 52.89 17.66
N LEU D 110 18.75 52.13 18.48
CA LEU D 110 18.41 52.07 19.91
C LEU D 110 18.58 53.45 20.56
N GLN D 111 19.72 54.09 20.33
CA GLN D 111 19.92 55.47 20.79
C GLN D 111 18.81 56.37 20.28
N GLU D 112 18.39 56.18 19.02
CA GLU D 112 17.35 57.02 18.44
C GLU D 112 16.02 56.80 19.13
N VAL D 113 15.65 55.54 19.39
CA VAL D 113 14.40 55.26 20.08
C VAL D 113 14.44 55.83 21.50
N GLU D 114 15.52 55.53 22.24
CA GLU D 114 15.64 56.01 23.62
C GLU D 114 15.51 57.53 23.70
N ALA D 115 16.06 58.25 22.73
CA ALA D 115 15.99 59.70 22.81
C ALA D 115 14.57 60.20 22.54
N GLU D 116 13.85 59.54 21.64
CA GLU D 116 12.51 59.99 21.32
C GLU D 116 11.53 59.69 22.47
N VAL D 117 11.74 58.60 23.19
CA VAL D 117 10.87 58.30 24.33
C VAL D 117 11.13 59.30 25.46
N ALA D 118 12.39 59.67 25.66
CA ALA D 118 12.71 60.64 26.71
C ALA D 118 12.17 62.04 26.41
N ALA D 119 11.94 62.36 25.14
CA ALA D 119 11.42 63.67 24.76
C ALA D 119 9.89 63.72 24.70
N THR D 120 9.27 62.66 24.20
CA THR D 120 7.84 62.67 23.95
C THR D 120 7.08 61.65 24.77
N GLY D 121 7.76 60.74 25.45
CA GLY D 121 7.11 59.62 26.10
C GLY D 121 6.72 58.48 25.18
N THR D 122 6.98 58.58 23.88
CA THR D 122 6.61 57.52 22.93
C THR D 122 7.60 57.53 21.76
N TYR D 123 7.33 56.73 20.73
CA TYR D 123 8.22 56.73 19.57
C TYR D 123 7.48 56.19 18.35
N GLN D 124 8.09 56.36 17.18
CA GLN D 124 7.50 55.96 15.91
C GLN D 124 8.30 54.81 15.31
N LEU D 125 7.60 53.80 14.81
CA LEU D 125 8.28 52.73 14.10
C LEU D 125 8.71 53.17 12.71
N ARG D 126 9.91 52.80 12.32
CA ARG D 126 10.25 52.86 10.91
C ARG D 126 9.34 51.92 10.13
N GLU D 127 9.09 52.27 8.87
CA GLU D 127 8.27 51.44 7.98
C GLU D 127 8.70 49.98 8.05
N SER D 128 10.01 49.72 7.97
CA SER D 128 10.51 48.36 7.92
CA SER D 128 10.53 48.36 7.93
C SER D 128 10.24 47.61 9.22
N GLU D 129 10.24 48.33 10.35
CA GLU D 129 9.96 47.71 11.64
C GLU D 129 8.49 47.35 11.76
N LEU D 130 7.60 48.16 11.17
CA LEU D 130 6.18 47.83 11.21
C LEU D 130 5.90 46.53 10.45
N VAL D 131 6.50 46.38 9.27
CA VAL D 131 6.28 45.17 8.48
C VAL D 131 6.74 43.94 9.25
N PHE D 132 7.99 43.97 9.72
CA PHE D 132 8.49 42.88 10.55
C PHE D 132 7.64 42.67 11.79
N GLY D 133 7.16 43.76 12.40
CA GLY D 133 6.37 43.65 13.63
C GLY D 133 5.05 42.92 13.41
N ALA D 134 4.31 43.28 12.36
CA ALA D 134 3.05 42.59 12.07
C ALA D 134 3.29 41.11 11.81
N LYS D 135 4.37 40.78 11.08
CA LYS D 135 4.67 39.39 10.78
C LYS D 135 5.07 38.63 12.04
N GLN D 136 5.76 39.28 12.98
CA GLN D 136 6.14 38.60 14.22
C GLN D 136 4.93 38.34 15.10
N ALA D 137 3.98 39.30 15.13
CA ALA D 137 2.77 39.11 15.93
C ALA D 137 1.98 37.90 15.42
N TRP D 138 1.87 37.75 14.11
CA TRP D 138 1.28 36.54 13.53
C TRP D 138 2.07 35.31 13.92
N ARG D 139 3.40 35.37 13.77
CA ARG D 139 4.27 34.26 14.16
C ARG D 139 4.06 33.84 15.61
N ASN D 140 3.79 34.81 16.50
CA ASN D 140 3.68 34.58 17.94
C ASN D 140 2.26 34.17 18.39
N ALA D 141 1.27 34.16 17.52
CA ALA D 141 -0.11 33.93 17.93
C ALA D 141 -0.41 32.45 18.26
N PRO D 142 -0.63 32.08 19.53
CA PRO D 142 -0.69 30.64 19.87
C PRO D 142 -1.89 29.92 19.32
N ARG D 143 -2.96 30.62 19.00
CA ARG D 143 -4.21 30.00 18.61
C ARG D 143 -4.40 29.88 17.10
N CYS D 144 -3.37 30.14 16.29
CA CYS D 144 -3.47 30.17 14.83
C CYS D 144 -2.76 28.96 14.25
N VAL D 145 -3.51 28.08 13.59
CA VAL D 145 -2.93 26.91 12.95
C VAL D 145 -2.29 27.24 11.61
N GLY D 146 -2.56 28.41 11.03
CA GLY D 146 -2.01 28.76 9.73
C GLY D 146 -0.65 29.42 9.73
N ARG D 147 0.15 29.26 10.79
CA ARG D 147 1.38 30.05 10.89
C ARG D 147 2.51 29.58 9.97
N ILE D 148 2.31 28.54 9.17
CA ILE D 148 3.32 28.23 8.15
C ILE D 148 3.50 29.42 7.21
N GLN D 149 2.46 30.24 7.06
CA GLN D 149 2.41 31.35 6.12
C GLN D 149 3.00 32.66 6.67
N TRP D 150 3.48 32.68 7.92
CA TRP D 150 3.69 33.95 8.64
C TRP D 150 4.65 34.92 7.94
N GLY D 151 5.53 34.42 7.09
CA GLY D 151 6.35 35.34 6.34
C GLY D 151 5.71 35.92 5.09
N LYS D 152 4.54 35.42 4.69
CA LYS D 152 3.88 35.92 3.48
C LYS D 152 2.68 36.73 3.95
N LEU D 153 2.89 38.04 4.07
CA LEU D 153 1.90 38.92 4.67
C LEU D 153 2.09 40.28 4.02
N GLN D 154 1.01 40.83 3.47
CA GLN D 154 1.04 42.17 2.86
C GLN D 154 0.63 43.18 3.92
N VAL D 155 1.50 44.16 4.18
CA VAL D 155 1.33 45.10 5.30
C VAL D 155 0.98 46.45 4.69
N PHE D 156 -0.25 46.91 4.89
CA PHE D 156 -0.64 48.24 4.44
C PHE D 156 -0.44 49.23 5.58
N ASP D 157 0.35 50.26 5.34
CA ASP D 157 0.65 51.26 6.35
C ASP D 157 -0.41 52.35 6.23
N ALA D 158 -1.38 52.33 7.13
CA ALA D 158 -2.38 53.39 7.20
C ALA D 158 -2.14 54.33 8.39
N ARG D 159 -0.90 54.45 8.86
CA ARG D 159 -0.63 55.29 10.04
C ARG D 159 -0.91 56.77 9.80
N ASP D 160 -1.02 57.23 8.55
CA ASP D 160 -1.36 58.62 8.28
C ASP D 160 -2.88 58.86 8.16
N CYS D 161 -3.68 57.85 8.48
CA CYS D 161 -5.13 57.94 8.37
C CYS D 161 -5.66 58.95 9.36
N ARG D 162 -6.67 59.71 8.93
CA ARG D 162 -7.11 60.85 9.74
C ARG D 162 -8.61 60.99 9.91
N SER D 163 -9.44 60.19 9.25
CA SER D 163 -10.88 60.31 9.42
C SER D 163 -11.50 58.92 9.31
N ALA D 164 -12.80 58.83 9.63
CA ALA D 164 -13.48 57.56 9.47
C ALA D 164 -13.75 57.25 8.00
N GLN D 165 -13.81 58.29 7.15
CA GLN D 165 -13.97 58.07 5.72
C GLN D 165 -12.68 57.56 5.09
N GLU D 166 -11.52 58.09 5.51
CA GLU D 166 -10.25 57.53 5.10
C GLU D 166 -10.09 56.10 5.57
N MET D 167 -10.61 55.80 6.76
CA MET D 167 -10.56 54.42 7.28
C MET D 167 -11.24 53.47 6.31
N PHE D 168 -12.44 53.84 5.85
CA PHE D 168 -13.24 52.99 4.98
C PHE D 168 -12.53 52.74 3.66
N THR D 169 -11.81 53.74 3.16
CA THR D 169 -11.09 53.59 1.91
C THR D 169 -9.97 52.58 2.06
N TYR D 170 -9.12 52.78 3.08
CA TYR D 170 -8.15 51.77 3.48
C TYR D 170 -8.76 50.38 3.63
N ILE D 171 -9.98 50.29 4.17
CA ILE D 171 -10.55 48.96 4.41
C ILE D 171 -11.01 48.32 3.11
N CYS D 172 -11.63 49.09 2.21
CA CYS D 172 -12.10 48.53 0.95
C CYS D 172 -10.93 48.11 0.07
N ASN D 173 -9.84 48.88 0.08
CA ASN D 173 -8.64 48.46 -0.64
C ASN D 173 -8.08 47.16 -0.08
N HIS D 174 -8.03 47.05 1.24
CA HIS D 174 -7.63 45.80 1.88
C HIS D 174 -8.46 44.63 1.34
N ILE D 175 -9.79 44.75 1.38
CA ILE D 175 -10.67 43.66 0.96
C ILE D 175 -10.43 43.31 -0.50
N LYS D 176 -10.19 44.31 -1.33
CA LYS D 176 -9.94 44.05 -2.73
C LYS D 176 -8.63 43.31 -2.92
N TYR D 177 -7.55 43.81 -2.28
CA TYR D 177 -6.25 43.17 -2.44
C TYR D 177 -6.26 41.72 -1.90
N ALA D 178 -6.95 41.49 -0.77
CA ALA D 178 -6.91 40.18 -0.12
C ALA D 178 -7.83 39.18 -0.79
N THR D 179 -9.02 39.60 -1.21
CA THR D 179 -9.93 38.73 -1.94
C THR D 179 -9.31 38.30 -3.27
N ASN D 180 -8.87 39.26 -4.08
CA ASN D 180 -8.19 38.94 -5.33
C ASN D 180 -9.03 37.96 -6.16
N ARG D 181 -10.32 38.26 -6.25
CA ARG D 181 -11.35 37.47 -6.94
C ARG D 181 -11.22 35.97 -6.70
N GLY D 182 -10.92 35.58 -5.45
CA GLY D 182 -10.93 34.21 -5.03
C GLY D 182 -9.55 33.63 -4.72
N ASN D 183 -8.50 34.20 -5.32
CA ASN D 183 -7.14 33.77 -5.01
C ASN D 183 -6.62 34.61 -3.84
N LEU D 184 -6.99 34.18 -2.63
CA LEU D 184 -6.82 34.97 -1.42
C LEU D 184 -5.35 35.27 -1.12
N ARG D 185 -5.10 36.47 -0.59
CA ARG D 185 -3.78 36.92 -0.17
C ARG D 185 -3.87 37.44 1.25
N SER D 186 -2.99 36.96 2.13
CA SER D 186 -2.97 37.43 3.51
C SER D 186 -2.54 38.89 3.55
N ALA D 187 -3.17 39.66 4.44
CA ALA D 187 -2.87 41.09 4.53
C ALA D 187 -3.26 41.64 5.90
N ILE D 188 -2.62 42.75 6.27
CA ILE D 188 -2.99 43.52 7.45
C ILE D 188 -2.90 45.02 7.10
N THR D 189 -3.87 45.80 7.58
CA THR D 189 -3.82 47.25 7.49
C THR D 189 -3.72 47.82 8.91
N VAL D 190 -2.65 48.54 9.21
CA VAL D 190 -2.49 49.07 10.56
C VAL D 190 -2.72 50.57 10.54
N PHE D 191 -3.73 51.00 11.28
CA PHE D 191 -4.11 52.38 11.48
C PHE D 191 -3.29 52.97 12.60
N PRO D 192 -3.38 54.29 12.82
CA PRO D 192 -2.48 54.96 13.79
C PRO D 192 -2.52 54.39 15.20
N GLN D 193 -1.36 54.42 15.84
CA GLN D 193 -1.18 53.94 17.19
C GLN D 193 -1.92 54.81 18.21
N ARG D 194 -2.28 54.19 19.33
CA ARG D 194 -2.83 54.92 20.46
C ARG D 194 -1.81 55.94 20.95
N CYS D 195 -2.30 57.11 21.32
CA CYS D 195 -1.39 58.08 21.93
C CYS D 195 -2.16 58.91 22.94
N PRO D 196 -1.49 59.37 24.00
CA PRO D 196 -2.18 60.16 25.01
C PRO D 196 -2.73 61.45 24.43
N GLY D 197 -3.91 61.83 24.89
CA GLY D 197 -4.53 63.07 24.49
C GLY D 197 -5.36 62.98 23.23
N ARG D 198 -5.77 61.78 22.84
CA ARG D 198 -6.52 61.51 21.62
C ARG D 198 -7.12 60.12 21.71
N GLY D 199 -8.38 60.00 21.31
CA GLY D 199 -9.03 58.70 21.29
C GLY D 199 -8.41 57.76 20.27
N ASP D 200 -8.80 56.50 20.39
CA ASP D 200 -8.33 55.44 19.49
C ASP D 200 -9.12 55.39 18.20
N PHE D 201 -8.45 55.00 17.11
CA PHE D 201 -9.15 54.39 16.00
C PHE D 201 -9.68 53.01 16.43
N ARG D 202 -10.92 52.70 16.06
CA ARG D 202 -11.51 51.38 16.33
C ARG D 202 -12.46 50.98 15.23
N ILE D 203 -12.50 49.67 14.95
CA ILE D 203 -13.53 49.04 14.14
C ILE D 203 -14.44 48.27 15.08
N TRP D 204 -15.74 48.63 15.11
CA TRP D 204 -16.63 47.97 16.09
C TRP D 204 -16.89 46.51 15.71
N ASN D 205 -17.05 46.22 14.42
CA ASN D 205 -17.35 44.85 13.99
C ASN D 205 -16.19 43.91 14.32
N SER D 206 -16.54 42.68 14.73
CA SER D 206 -15.52 41.67 15.03
C SER D 206 -14.80 41.19 13.77
N GLN D 207 -15.47 41.26 12.62
CA GLN D 207 -14.87 40.93 11.32
C GLN D 207 -15.35 41.93 10.28
N LEU D 208 -14.56 42.09 9.23
CA LEU D 208 -14.97 42.96 8.13
C LEU D 208 -16.21 42.43 7.42
N VAL D 209 -16.38 41.11 7.36
CA VAL D 209 -17.58 40.51 6.78
C VAL D 209 -18.27 39.67 7.87
N ARG D 210 -19.53 40.02 8.15
CA ARG D 210 -20.36 39.35 9.16
C ARG D 210 -21.79 39.32 8.63
N TYR D 211 -22.48 38.21 8.85
CA TYR D 211 -23.87 38.14 8.48
C TYR D 211 -24.72 38.69 9.62
N ALA D 212 -25.76 39.44 9.26
CA ALA D 212 -26.67 39.96 10.27
C ALA D 212 -27.34 38.83 11.07
N GLY D 213 -27.61 39.13 12.35
CA GLY D 213 -28.46 38.28 13.18
C GLY D 213 -29.59 39.05 13.84
N TYR D 214 -30.83 38.75 13.47
CA TYR D 214 -32.00 39.51 13.91
C TYR D 214 -32.74 38.81 15.04
N ARG D 215 -32.98 39.53 16.13
CA ARG D 215 -33.78 39.00 17.24
C ARG D 215 -35.23 38.83 16.81
N GLN D 216 -35.88 37.81 17.37
CA GLN D 216 -37.21 37.41 16.94
C GLN D 216 -38.21 37.55 18.07
N GLN D 217 -39.49 37.35 17.71
CA GLN D 217 -40.55 37.32 18.70
C GLN D 217 -40.30 36.22 19.73
N ASP D 218 -40.14 34.99 19.25
CA ASP D 218 -40.06 33.80 20.10
C ASP D 218 -38.80 33.75 20.96
N GLY D 219 -38.11 34.89 21.10
CA GLY D 219 -36.82 34.89 21.76
C GLY D 219 -35.70 34.27 20.97
N SER D 220 -35.92 33.92 19.70
CA SER D 220 -34.94 33.24 18.86
C SER D 220 -34.24 34.26 17.95
N VAL D 221 -33.65 33.78 16.85
CA VAL D 221 -32.82 34.62 15.99
C VAL D 221 -32.95 34.12 14.55
N ARG D 222 -33.04 35.05 13.61
CA ARG D 222 -32.88 34.77 12.18
C ARG D 222 -31.58 35.37 11.72
N GLY D 223 -30.73 34.55 11.11
CA GLY D 223 -29.38 34.97 10.73
C GLY D 223 -28.32 34.35 11.64
N ASP D 224 -27.20 35.04 11.87
CA ASP D 224 -26.15 34.49 12.69
C ASP D 224 -26.34 34.97 14.13
N PRO D 225 -26.64 34.08 15.09
CA PRO D 225 -26.85 34.53 16.48
C PRO D 225 -25.60 35.10 17.12
N ALA D 226 -24.42 34.79 16.58
CA ALA D 226 -23.19 35.34 17.12
C ALA D 226 -23.09 36.85 16.89
N ASN D 227 -23.90 37.39 15.99
CA ASN D 227 -23.79 38.78 15.59
C ASN D 227 -25.05 39.58 15.97
N VAL D 228 -25.78 39.12 16.98
CA VAL D 228 -27.00 39.82 17.38
C VAL D 228 -26.66 41.20 17.94
N GLU D 229 -25.60 41.30 18.76
CA GLU D 229 -25.30 42.57 19.42
C GLU D 229 -24.85 43.62 18.43
N ILE D 230 -23.82 43.32 17.63
CA ILE D 230 -23.35 44.25 16.62
C ILE D 230 -24.45 44.54 15.60
N THR D 231 -25.33 43.57 15.34
CA THR D 231 -26.49 43.86 14.49
C THR D 231 -27.36 44.96 15.11
N GLU D 232 -27.57 44.90 16.43
CA GLU D 232 -28.44 45.89 17.06
C GLU D 232 -27.74 47.25 17.15
N LEU D 233 -26.41 47.27 17.21
CA LEU D 233 -25.68 48.53 17.17
C LEU D 233 -25.76 49.16 15.78
N CYS D 234 -25.80 48.35 14.72
CA CYS D 234 -25.93 48.90 13.38
C CYS D 234 -27.30 49.56 13.17
N ILE D 235 -28.37 48.87 13.60
CA ILE D 235 -29.71 49.45 13.51
C ILE D 235 -29.77 50.77 14.27
N GLN D 236 -29.45 50.70 15.56
CA GLN D 236 -29.39 51.83 16.47
C GLN D 236 -28.71 53.02 15.82
N HIS D 237 -27.68 52.75 15.00
CA HIS D 237 -26.92 53.77 14.29
C HIS D 237 -27.41 53.96 12.86
N GLY D 238 -28.69 53.67 12.59
CA GLY D 238 -29.36 54.14 11.39
C GLY D 238 -29.44 53.19 10.22
N TRP D 239 -28.84 52.01 10.30
CA TRP D 239 -28.86 51.10 9.16
C TRP D 239 -30.27 50.56 8.93
N THR D 240 -30.70 50.57 7.67
CA THR D 240 -31.96 49.93 7.31
C THR D 240 -31.78 48.42 7.24
N PRO D 241 -32.48 47.65 8.08
CA PRO D 241 -32.22 46.21 8.15
C PRO D 241 -32.83 45.44 7.00
N GLY D 242 -32.27 44.25 6.76
CA GLY D 242 -32.89 43.24 5.93
C GLY D 242 -33.66 42.23 6.79
N ASN D 243 -34.05 41.12 6.14
CA ASN D 243 -34.63 40.01 6.90
C ASN D 243 -34.29 38.65 6.30
N GLY D 244 -33.09 38.52 5.74
CA GLY D 244 -32.59 37.25 5.26
C GLY D 244 -31.64 36.58 6.26
N ARG D 245 -31.18 35.40 5.86
CA ARG D 245 -30.28 34.61 6.68
C ARG D 245 -28.81 34.97 6.49
N PHE D 246 -28.48 35.64 5.40
CA PHE D 246 -27.08 35.92 5.07
C PHE D 246 -26.92 37.38 4.60
N ASP D 247 -27.47 38.30 5.39
CA ASP D 247 -27.42 39.73 5.12
C ASP D 247 -26.10 40.30 5.63
N VAL D 248 -25.26 40.79 4.71
CA VAL D 248 -23.96 41.31 5.11
C VAL D 248 -24.16 42.65 5.83
N LEU D 249 -23.53 42.77 7.00
CA LEU D 249 -23.64 43.93 7.86
C LEU D 249 -22.79 45.09 7.35
N PRO D 250 -23.20 46.32 7.63
CA PRO D 250 -22.34 47.47 7.37
C PRO D 250 -21.24 47.55 8.42
N LEU D 251 -20.27 48.43 8.15
CA LEU D 251 -19.17 48.62 9.08
C LEU D 251 -19.46 49.83 9.96
N LEU D 252 -19.04 49.74 11.23
CA LEU D 252 -19.13 50.84 12.18
C LEU D 252 -17.71 51.27 12.49
N LEU D 253 -17.29 52.39 11.91
CA LEU D 253 -15.92 52.86 12.05
C LEU D 253 -15.87 54.04 13.00
N GLN D 254 -14.84 54.04 13.84
CA GLN D 254 -14.65 55.03 14.89
C GLN D 254 -13.34 55.73 14.64
N ALA D 255 -13.41 57.00 14.38
CA ALA D 255 -12.25 57.87 14.37
C ALA D 255 -12.06 58.44 15.78
N PRO D 256 -10.84 58.89 16.11
CA PRO D 256 -10.59 59.40 17.47
C PRO D 256 -11.61 60.43 17.93
N ASP D 257 -12.25 60.17 19.08
CA ASP D 257 -13.08 61.14 19.79
C ASP D 257 -14.38 61.46 19.05
N GLU D 258 -14.87 60.51 18.28
CA GLU D 258 -16.07 60.61 17.47
C GLU D 258 -16.93 59.38 17.71
N PRO D 259 -18.25 59.52 17.68
CA PRO D 259 -19.11 58.34 17.67
C PRO D 259 -18.83 57.49 16.44
N PRO D 260 -19.20 56.21 16.48
CA PRO D 260 -19.00 55.36 15.30
C PRO D 260 -19.80 55.89 14.12
N GLU D 261 -19.28 55.65 12.92
CA GLU D 261 -19.94 56.07 11.69
C GLU D 261 -20.18 54.85 10.81
N LEU D 262 -21.35 54.81 10.19
CA LEU D 262 -21.78 53.64 9.41
C LEU D 262 -21.37 53.77 7.95
N PHE D 263 -20.85 52.67 7.39
CA PHE D 263 -20.48 52.59 5.97
C PHE D 263 -20.92 51.25 5.40
N LEU D 264 -21.56 51.27 4.23
CA LEU D 264 -22.02 50.04 3.58
C LEU D 264 -20.93 49.47 2.67
N LEU D 265 -20.69 48.18 2.78
CA LEU D 265 -19.74 47.54 1.87
C LEU D 265 -20.39 47.40 0.51
N PRO D 266 -19.72 47.82 -0.57
CA PRO D 266 -20.25 47.55 -1.92
C PRO D 266 -20.40 46.06 -2.13
N PRO D 267 -21.58 45.59 -2.54
CA PRO D 267 -21.80 44.14 -2.67
C PRO D 267 -20.79 43.45 -3.55
N GLU D 268 -20.35 44.09 -4.64
CA GLU D 268 -19.35 43.48 -5.51
C GLU D 268 -17.97 43.40 -4.89
N LEU D 269 -17.80 43.94 -3.69
CA LEU D 269 -16.54 43.80 -2.97
C LEU D 269 -16.52 42.57 -2.08
N VAL D 270 -17.68 42.03 -1.73
CA VAL D 270 -17.82 40.95 -0.74
C VAL D 270 -18.07 39.65 -1.49
N LEU D 271 -17.01 38.87 -1.71
CA LEU D 271 -17.14 37.63 -2.44
C LEU D 271 -17.77 36.56 -1.55
N GLU D 272 -18.73 35.82 -2.09
CA GLU D 272 -19.46 34.83 -1.33
C GLU D 272 -19.53 33.54 -2.14
N VAL D 273 -19.70 32.43 -1.44
CA VAL D 273 -19.76 31.12 -2.06
C VAL D 273 -21.10 30.50 -1.68
N PRO D 274 -21.98 30.20 -2.64
CA PRO D 274 -23.16 29.39 -2.31
C PRO D 274 -22.73 27.94 -2.06
N LEU D 275 -23.41 27.30 -1.12
CA LEU D 275 -23.04 25.97 -0.69
C LEU D 275 -23.88 24.93 -1.41
N GLU D 276 -23.20 24.01 -2.09
CA GLU D 276 -23.85 22.83 -2.62
C GLU D 276 -22.96 21.62 -2.32
N HIS D 277 -23.53 20.41 -2.45
CA HIS D 277 -22.83 19.18 -2.14
C HIS D 277 -22.56 18.41 -3.43
N PRO D 278 -21.38 17.77 -3.56
CA PRO D 278 -21.05 17.12 -4.83
C PRO D 278 -22.01 16.02 -5.24
N THR D 279 -22.57 15.25 -4.30
CA THR D 279 -23.56 14.27 -4.65
C THR D 279 -24.94 14.53 -4.05
N LEU D 280 -25.06 15.29 -2.96
CA LEU D 280 -26.39 15.46 -2.37
C LEU D 280 -27.06 16.70 -2.98
N GLU D 281 -27.69 16.49 -4.14
CA GLU D 281 -28.26 17.59 -4.93
C GLU D 281 -29.30 18.38 -4.18
N TRP D 282 -30.01 17.76 -3.22
CA TRP D 282 -30.99 18.56 -2.48
C TRP D 282 -30.30 19.59 -1.59
N PHE D 283 -29.02 19.39 -1.27
CA PHE D 283 -28.32 20.30 -0.36
C PHE D 283 -28.37 21.74 -0.86
N ALA D 284 -28.24 21.96 -2.17
CA ALA D 284 -28.27 23.32 -2.69
C ALA D 284 -29.59 24.01 -2.37
N ALA D 285 -30.66 23.25 -2.12
CA ALA D 285 -31.95 23.82 -1.79
C ALA D 285 -32.02 24.34 -0.36
N LEU D 286 -31.04 23.97 0.48
CA LEU D 286 -30.92 24.58 1.79
C LEU D 286 -30.66 26.08 1.69
N GLY D 287 -30.11 26.55 0.56
CA GLY D 287 -29.85 27.96 0.39
C GLY D 287 -28.78 28.53 1.31
N LEU D 288 -27.73 27.75 1.56
CA LEU D 288 -26.65 28.19 2.43
C LEU D 288 -25.58 28.89 1.62
N ARG D 289 -24.83 29.76 2.30
CA ARG D 289 -23.70 30.47 1.72
C ARG D 289 -22.79 30.91 2.85
N TRP D 290 -21.51 31.07 2.54
CA TRP D 290 -20.58 31.76 3.43
C TRP D 290 -19.73 32.69 2.58
N TYR D 291 -19.06 33.63 3.25
CA TYR D 291 -18.22 34.59 2.54
C TYR D 291 -16.78 34.07 2.39
N ALA D 292 -16.07 34.68 1.45
CA ALA D 292 -14.74 34.18 1.08
C ALA D 292 -13.67 34.58 2.09
N LEU D 293 -13.76 35.80 2.63
CA LEU D 293 -12.62 36.42 3.31
C LEU D 293 -12.80 36.46 4.83
N PRO D 294 -11.96 35.77 5.59
CA PRO D 294 -12.00 35.90 7.05
C PRO D 294 -11.08 37.01 7.53
N ALA D 295 -11.63 38.14 7.97
CA ALA D 295 -10.81 39.31 8.33
C ALA D 295 -11.18 39.79 9.72
N VAL D 296 -10.37 39.43 10.71
CA VAL D 296 -10.61 39.80 12.09
C VAL D 296 -10.24 41.27 12.28
N SER D 297 -11.18 42.05 12.81
CA SER D 297 -10.99 43.50 12.87
C SER D 297 -11.06 44.10 14.27
N ASN D 298 -11.09 43.28 15.33
CA ASN D 298 -11.37 43.77 16.69
C ASN D 298 -10.25 43.48 17.69
N MET D 299 -9.11 42.98 17.23
CA MET D 299 -7.99 42.72 18.10
C MET D 299 -6.97 43.86 18.01
N LEU D 300 -6.09 43.90 19.01
CA LEU D 300 -5.15 44.98 19.18
C LEU D 300 -3.77 44.44 18.85
N LEU D 301 -3.08 45.13 17.95
CA LEU D 301 -1.70 44.79 17.60
C LEU D 301 -0.72 45.57 18.48
N GLU D 302 0.22 44.86 19.09
CA GLU D 302 1.21 45.44 19.99
C GLU D 302 2.60 45.14 19.45
N ILE D 303 3.40 46.19 19.28
CA ILE D 303 4.74 46.10 18.69
C ILE D 303 5.67 47.03 19.48
N GLY D 304 6.69 46.47 20.11
CA GLY D 304 7.67 47.27 20.85
C GLY D 304 7.07 48.17 21.91
N GLY D 305 6.04 47.69 22.60
CA GLY D 305 5.34 48.53 23.56
C GLY D 305 4.39 49.54 22.94
N LEU D 306 4.37 49.72 21.62
CA LEU D 306 3.32 50.55 21.04
C LEU D 306 2.09 49.69 20.77
N GLU D 307 0.93 50.33 20.79
CA GLU D 307 -0.35 49.65 20.66
C GLU D 307 -1.13 50.24 19.50
N PHE D 308 -1.69 49.35 18.67
CA PHE D 308 -2.48 49.74 17.50
C PHE D 308 -3.86 49.12 17.66
N PRO D 309 -4.83 49.85 18.23
CA PRO D 309 -6.13 49.22 18.52
C PRO D 309 -6.97 48.91 17.29
N ALA D 310 -6.66 49.49 16.13
CA ALA D 310 -7.29 49.10 14.87
C ALA D 310 -6.21 48.62 13.91
N ALA D 311 -6.23 47.32 13.63
CA ALA D 311 -5.28 46.75 12.67
C ALA D 311 -5.88 45.47 12.08
N PRO D 312 -6.92 45.57 11.26
CA PRO D 312 -7.58 44.35 10.73
C PRO D 312 -6.63 43.48 9.92
N PHE D 313 -6.74 42.16 10.09
CA PHE D 313 -5.90 41.23 9.36
C PHE D 313 -6.76 40.10 8.77
N SER D 314 -6.23 39.42 7.77
CA SER D 314 -7.01 38.38 7.10
C SER D 314 -6.07 37.41 6.41
N GLY D 315 -6.52 36.17 6.30
CA GLY D 315 -5.85 35.14 5.53
C GLY D 315 -6.86 34.41 4.65
N TRP D 316 -6.94 33.08 4.77
CA TRP D 316 -8.02 32.32 4.17
C TRP D 316 -8.54 31.29 5.18
N TYR D 317 -9.70 30.74 4.87
CA TYR D 317 -10.42 29.90 5.80
C TYR D 317 -9.84 28.50 5.88
N MET D 318 -9.94 27.90 7.07
CA MET D 318 -9.91 26.46 7.22
C MET D 318 -11.35 25.96 7.24
N SER D 319 -11.66 24.96 6.38
CA SER D 319 -13.04 24.61 6.10
C SER D 319 -13.84 24.25 7.35
N THR D 320 -13.20 23.68 8.37
CA THR D 320 -13.97 23.37 9.57
C THR D 320 -14.51 24.59 10.30
N GLU D 321 -13.95 25.79 10.10
CA GLU D 321 -14.54 26.95 10.78
C GLU D 321 -15.94 27.20 10.27
N ILE D 322 -16.13 27.03 8.97
CA ILE D 322 -17.44 27.24 8.37
C ILE D 322 -18.31 26.00 8.57
N GLY D 323 -17.79 24.83 8.17
CA GLY D 323 -18.63 23.63 8.08
C GLY D 323 -19.05 23.09 9.44
N THR D 324 -18.13 23.06 10.41
CA THR D 324 -18.44 22.52 11.73
C THR D 324 -18.92 23.60 12.69
N ARG D 325 -18.07 24.58 13.01
CA ARG D 325 -18.40 25.61 13.99
C ARG D 325 -19.53 26.53 13.53
N ASN D 326 -19.30 27.29 12.44
CA ASN D 326 -20.27 28.30 12.03
C ASN D 326 -21.62 27.69 11.64
N LEU D 327 -21.62 26.52 11.01
CA LEU D 327 -22.90 25.96 10.59
C LEU D 327 -23.48 24.91 11.55
N CYS D 328 -22.67 24.19 12.34
CA CYS D 328 -23.22 23.16 13.20
C CYS D 328 -23.19 23.45 14.70
N ASP D 329 -22.52 24.52 15.17
CA ASP D 329 -22.64 24.88 16.57
C ASP D 329 -24.12 25.10 16.92
N PRO D 330 -24.60 24.55 18.03
CA PRO D 330 -26.00 24.72 18.40
C PRO D 330 -26.42 26.17 18.49
N HIS D 331 -25.51 27.02 18.97
CA HIS D 331 -25.71 28.44 19.14
C HIS D 331 -25.29 29.25 17.90
N ARG D 332 -25.07 28.58 16.76
CA ARG D 332 -24.91 29.30 15.50
C ARG D 332 -26.02 28.90 14.53
N TYR D 333 -25.69 28.49 13.31
CA TYR D 333 -26.77 28.23 12.36
C TYR D 333 -27.49 26.91 12.66
N ASN D 334 -26.80 25.97 13.31
CA ASN D 334 -27.44 24.83 13.95
C ASN D 334 -28.29 24.04 12.96
N ILE D 335 -27.62 23.57 11.89
CA ILE D 335 -28.29 22.87 10.78
C ILE D 335 -28.11 21.35 10.83
N LEU D 336 -27.38 20.83 11.82
CA LEU D 336 -27.00 19.42 11.84
C LEU D 336 -28.20 18.48 11.70
N GLU D 337 -29.26 18.73 12.46
CA GLU D 337 -30.40 17.82 12.47
C GLU D 337 -31.16 17.90 11.15
N ASP D 338 -31.31 19.11 10.60
CA ASP D 338 -32.01 19.26 9.33
C ASP D 338 -31.30 18.49 8.22
N VAL D 339 -29.96 18.57 8.19
CA VAL D 339 -29.21 17.85 7.17
C VAL D 339 -29.34 16.35 7.39
N ALA D 340 -29.39 15.92 8.65
CA ALA D 340 -29.42 14.49 8.95
C ALA D 340 -30.74 13.87 8.54
N VAL D 341 -31.85 14.53 8.85
CA VAL D 341 -33.15 14.06 8.37
C VAL D 341 -33.14 13.97 6.85
N CYS D 342 -32.65 15.03 6.19
CA CYS D 342 -32.60 15.04 4.73
C CYS D 342 -31.78 13.88 4.19
N MET D 343 -30.69 13.52 4.87
CA MET D 343 -29.89 12.37 4.46
C MET D 343 -30.57 11.05 4.80
N ASP D 344 -31.70 11.08 5.50
CA ASP D 344 -32.45 9.90 5.92
C ASP D 344 -31.71 9.09 6.99
N LEU D 345 -31.08 9.77 7.93
CA LEU D 345 -30.45 9.08 9.05
C LEU D 345 -31.45 8.88 10.19
N ASP D 346 -31.09 8.02 11.14
CA ASP D 346 -31.94 7.77 12.31
C ASP D 346 -31.54 8.77 13.40
N THR D 347 -32.29 9.88 13.49
CA THR D 347 -31.95 10.94 14.43
C THR D 347 -32.48 10.69 15.83
N ARG D 348 -32.96 9.48 16.14
CA ARG D 348 -33.60 9.22 17.43
C ARG D 348 -32.74 8.43 18.39
N THR D 349 -31.58 7.95 17.97
CA THR D 349 -30.60 7.43 18.90
C THR D 349 -29.25 8.02 18.52
N THR D 350 -28.46 8.35 19.54
CA THR D 350 -27.13 8.90 19.31
C THR D 350 -26.20 7.86 18.72
N SER D 351 -26.43 6.59 19.05
CA SER D 351 -25.55 5.50 18.67
C SER D 351 -25.51 5.24 17.17
N SER D 352 -26.40 5.81 16.37
CA SER D 352 -26.23 5.66 14.93
C SER D 352 -25.10 6.55 14.41
N LEU D 353 -24.67 7.54 15.20
CA LEU D 353 -23.64 8.50 14.80
C LEU D 353 -24.13 9.34 13.62
N TRP D 354 -25.42 9.63 13.60
CA TRP D 354 -25.95 10.54 12.59
C TRP D 354 -25.35 11.93 12.71
N LYS D 355 -25.06 12.38 13.94
CA LYS D 355 -24.42 13.69 14.12
C LYS D 355 -23.07 13.74 13.42
N ASP D 356 -22.27 12.69 13.59
CA ASP D 356 -20.97 12.64 12.95
C ASP D 356 -21.09 12.58 11.44
N LYS D 357 -22.10 11.84 10.92
CA LYS D 357 -22.25 11.66 9.49
C LYS D 357 -22.74 12.94 8.81
N ALA D 358 -23.75 13.61 9.36
CA ALA D 358 -24.18 14.87 8.76
C ALA D 358 -23.07 15.92 8.80
N ALA D 359 -22.33 15.98 9.91
CA ALA D 359 -21.24 16.95 9.99
C ALA D 359 -20.17 16.73 8.92
N VAL D 360 -19.80 15.48 8.67
CA VAL D 360 -18.79 15.21 7.64
C VAL D 360 -19.26 15.69 6.27
N GLU D 361 -20.52 15.40 5.91
CA GLU D 361 -21.03 15.86 4.62
C GLU D 361 -21.07 17.39 4.54
N ILE D 362 -21.47 18.06 5.62
CA ILE D 362 -21.49 19.52 5.59
C ILE D 362 -20.09 20.05 5.34
N ASN D 363 -19.09 19.40 5.93
CA ASN D 363 -17.73 19.81 5.65
C ASN D 363 -17.34 19.51 4.21
N VAL D 364 -17.73 18.34 3.68
CA VAL D 364 -17.50 18.02 2.27
C VAL D 364 -18.11 19.10 1.39
N ALA D 365 -19.36 19.50 1.68
CA ALA D 365 -20.03 20.49 0.84
C ALA D 365 -19.27 21.83 0.85
N VAL D 366 -18.77 22.25 2.02
CA VAL D 366 -18.01 23.51 2.11
C VAL D 366 -16.79 23.44 1.22
N LEU D 367 -16.01 22.36 1.36
CA LEU D 367 -14.79 22.21 0.56
C LEU D 367 -15.10 22.22 -0.93
N HIS D 368 -16.08 21.41 -1.33
CA HIS D 368 -16.38 21.30 -2.76
C HIS D 368 -16.90 22.62 -3.31
N SER D 369 -17.66 23.35 -2.51
CA SER D 369 -18.23 24.60 -2.99
C SER D 369 -17.15 25.66 -3.15
N TYR D 370 -16.14 25.68 -2.29
CA TYR D 370 -15.10 26.70 -2.44
C TYR D 370 -14.13 26.34 -3.57
N GLN D 371 -13.88 25.05 -3.77
CA GLN D 371 -13.07 24.65 -4.92
C GLN D 371 -13.80 24.94 -6.22
N LEU D 372 -15.12 24.67 -6.24
CA LEU D 372 -15.92 24.95 -7.42
C LEU D 372 -15.90 26.42 -7.78
N ALA D 373 -16.00 27.29 -6.77
CA ALA D 373 -16.02 28.73 -7.04
C ALA D 373 -14.62 29.31 -7.17
N LYS D 374 -13.58 28.50 -7.02
CA LYS D 374 -12.19 28.96 -7.16
C LYS D 374 -11.83 29.98 -6.08
N VAL D 375 -12.27 29.72 -4.85
CA VAL D 375 -11.88 30.50 -3.69
C VAL D 375 -11.01 29.62 -2.81
N THR D 376 -9.83 30.14 -2.45
CA THR D 376 -8.91 29.46 -1.58
C THR D 376 -9.60 28.92 -0.33
N ILE D 377 -9.34 27.65 -0.03
CA ILE D 377 -9.79 27.08 1.22
C ILE D 377 -8.78 25.98 1.56
N VAL D 378 -8.65 25.67 2.84
CA VAL D 378 -7.78 24.58 3.25
C VAL D 378 -8.56 23.69 4.22
N ASP D 379 -8.47 22.38 4.00
CA ASP D 379 -9.15 21.45 4.90
C ASP D 379 -8.28 21.24 6.13
N HIS D 380 -8.89 20.66 7.18
CA HIS D 380 -8.21 20.53 8.46
C HIS D 380 -7.07 19.52 8.42
N HIS D 381 -7.04 18.62 7.42
CA HIS D 381 -5.95 17.67 7.34
C HIS D 381 -4.70 18.33 6.80
N ALA D 382 -4.83 19.08 5.72
CA ALA D 382 -3.67 19.75 5.16
C ALA D 382 -3.18 20.84 6.10
N ALA D 383 -4.11 21.57 6.73
CA ALA D 383 -3.74 22.69 7.62
C ALA D 383 -2.95 22.22 8.84
N THR D 384 -3.36 21.12 9.45
CA THR D 384 -2.62 20.63 10.61
C THR D 384 -1.31 19.99 10.18
N ALA D 385 -1.26 19.38 8.98
CA ALA D 385 0.00 18.88 8.45
C ALA D 385 0.99 20.03 8.23
N SER D 386 0.53 21.16 7.69
CA SER D 386 1.44 22.28 7.50
C SER D 386 1.85 22.90 8.84
N PHE D 387 0.95 22.92 9.83
CA PHE D 387 1.37 23.44 11.13
C PHE D 387 2.47 22.58 11.75
N MET D 388 2.44 21.25 11.53
CA MET D 388 3.51 20.42 12.06
C MET D 388 4.86 20.79 11.44
N LYS D 389 4.88 21.10 10.14
CA LYS D 389 6.10 21.59 9.52
C LYS D 389 6.55 22.92 10.13
N HIS D 390 5.59 23.79 10.45
CA HIS D 390 5.89 25.06 11.12
C HIS D 390 6.57 24.83 12.47
N LEU D 391 6.02 23.95 13.30
CA LEU D 391 6.64 23.65 14.60
C LEU D 391 8.08 23.22 14.40
N GLU D 392 8.32 22.38 13.40
CA GLU D 392 9.65 21.92 13.05
C GLU D 392 10.54 23.08 12.60
N ASN D 393 9.98 24.03 11.84
CA ASN D 393 10.81 25.17 11.44
C ASN D 393 11.16 26.02 12.65
N GLU D 394 10.18 26.29 13.51
CA GLU D 394 10.39 27.20 14.62
C GLU D 394 11.30 26.61 15.69
N GLN D 395 11.22 25.29 15.91
CA GLN D 395 12.16 24.66 16.84
C GLN D 395 13.60 24.99 16.45
N LYS D 396 13.94 24.82 15.17
CA LYS D 396 15.28 25.11 14.68
C LYS D 396 15.60 26.61 14.76
N ALA D 397 14.67 27.47 14.33
CA ALA D 397 14.97 28.89 14.25
C ALA D 397 14.96 29.57 15.62
N ARG D 398 14.04 29.19 16.51
CA ARG D 398 13.91 29.88 17.79
C ARG D 398 13.93 28.97 19.00
N GLY D 399 13.84 27.65 18.83
CA GLY D 399 13.87 26.78 19.98
C GLY D 399 12.52 26.55 20.62
N GLY D 400 11.44 26.82 19.89
CA GLY D 400 10.12 26.56 20.40
C GLY D 400 9.09 27.31 19.59
N CYS D 401 7.82 27.15 20.01
CA CYS D 401 6.68 27.75 19.34
C CYS D 401 5.51 27.77 20.31
N PRO D 402 5.00 28.95 20.69
CA PRO D 402 3.83 28.97 21.58
C PRO D 402 2.60 28.51 20.83
N ALA D 403 1.87 27.55 21.41
CA ALA D 403 0.70 27.00 20.74
C ALA D 403 -0.33 26.55 21.77
N ASP D 404 -1.58 26.87 21.49
CA ASP D 404 -2.73 26.55 22.33
C ASP D 404 -3.40 25.28 21.79
N TRP D 405 -3.11 24.13 22.44
CA TRP D 405 -3.57 22.84 21.93
C TRP D 405 -5.07 22.83 21.64
N ALA D 406 -5.88 23.36 22.55
CA ALA D 406 -7.33 23.30 22.37
C ALA D 406 -7.79 24.07 21.13
N TRP D 407 -7.03 25.07 20.68
CA TRP D 407 -7.42 25.81 19.50
C TRP D 407 -6.77 25.28 18.22
N ILE D 408 -5.61 24.61 18.34
CA ILE D 408 -4.94 24.08 17.16
C ILE D 408 -5.62 22.79 16.66
N VAL D 409 -6.07 21.92 17.56
CA VAL D 409 -6.78 20.68 17.19
C VAL D 409 -8.14 21.05 16.59
N PRO D 410 -8.45 20.58 15.38
CA PRO D 410 -9.72 20.94 14.72
C PRO D 410 -10.92 20.44 15.51
N PRO D 411 -12.10 21.04 15.31
CA PRO D 411 -13.30 20.63 16.06
C PRO D 411 -13.94 19.32 15.58
N ILE D 412 -13.52 18.73 14.47
CA ILE D 412 -13.88 17.35 14.15
C ILE D 412 -12.59 16.59 13.92
N SER D 413 -12.65 15.28 14.14
CA SER D 413 -11.63 14.32 13.70
C SER D 413 -10.27 14.58 14.33
N GLY D 414 -10.26 15.11 15.56
CA GLY D 414 -9.02 15.63 16.12
C GLY D 414 -7.86 14.66 16.08
N SER D 415 -8.08 13.43 16.56
CA SER D 415 -6.96 12.51 16.62
C SER D 415 -6.59 11.95 15.26
N LEU D 416 -7.41 12.17 14.25
CA LEU D 416 -7.00 11.84 12.88
C LEU D 416 -6.02 12.86 12.32
N THR D 417 -5.77 13.97 13.01
CA THR D 417 -4.77 14.93 12.56
C THR D 417 -3.55 14.88 13.45
N PRO D 418 -2.35 15.20 12.92
CA PRO D 418 -1.12 14.97 13.70
C PRO D 418 -0.95 15.90 14.89
N VAL D 419 -1.64 17.02 14.93
CA VAL D 419 -1.47 17.92 16.06
C VAL D 419 -2.11 17.37 17.32
N PHE D 420 -3.11 16.49 17.18
CA PHE D 420 -3.70 15.84 18.34
C PHE D 420 -2.62 15.21 19.20
N HIS D 421 -1.64 14.57 18.58
CA HIS D 421 -0.62 13.82 19.30
C HIS D 421 0.63 14.62 19.59
N GLN D 422 0.60 15.94 19.36
CA GLN D 422 1.74 16.81 19.61
C GLN D 422 1.48 17.59 20.91
N GLU D 423 2.25 17.30 21.94
CA GLU D 423 2.25 18.13 23.14
C GLU D 423 2.72 19.53 22.77
N MET D 424 2.14 20.53 23.43
CA MET D 424 2.41 21.92 23.07
C MET D 424 2.56 22.76 24.33
N VAL D 425 3.29 23.87 24.21
CA VAL D 425 3.57 24.77 25.31
C VAL D 425 2.96 26.12 24.95
N ASN D 426 2.07 26.62 25.79
CA ASN D 426 1.42 27.89 25.50
C ASN D 426 2.06 28.99 26.34
N TYR D 427 2.38 30.13 25.70
CA TYR D 427 2.95 31.29 26.39
C TYR D 427 2.85 32.51 25.48
N PHE D 428 3.19 33.66 26.05
CA PHE D 428 2.98 34.96 25.41
C PHE D 428 4.31 35.58 25.02
N LEU D 429 4.49 35.79 23.72
CA LEU D 429 5.59 36.58 23.20
C LEU D 429 5.06 37.84 22.53
N SER D 430 5.94 38.84 22.40
CA SER D 430 5.67 40.14 21.80
C SER D 430 6.64 40.40 20.65
N PRO D 431 6.21 41.04 19.55
CA PRO D 431 4.90 41.53 19.07
C PRO D 431 3.74 40.51 19.20
N ALA D 432 2.51 41.00 19.40
CA ALA D 432 1.37 40.12 19.62
C ALA D 432 0.08 40.73 19.07
N PHE D 433 -0.86 39.85 18.72
CA PHE D 433 -2.26 40.23 18.61
C PHE D 433 -2.95 39.89 19.92
N ARG D 434 -3.72 40.85 20.44
CA ARG D 434 -4.31 40.74 21.76
C ARG D 434 -5.78 41.08 21.69
N TYR D 435 -6.58 40.43 22.54
CA TYR D 435 -7.98 40.82 22.72
C TYR D 435 -8.04 42.14 23.47
N GLN D 436 -9.12 42.88 23.25
CA GLN D 436 -9.32 44.17 23.89
C GLN D 436 -10.81 44.37 24.12
N PRO D 437 -11.19 45.20 25.11
CA PRO D 437 -12.62 45.38 25.37
C PRO D 437 -13.36 45.97 24.18
N ASP D 438 -14.65 45.69 24.11
CA ASP D 438 -15.48 46.27 23.08
C ASP D 438 -15.64 47.77 23.31
N PRO D 439 -15.52 48.58 22.25
CA PRO D 439 -15.39 50.04 22.45
C PRO D 439 -16.65 50.71 22.99
N TRP D 440 -17.76 50.00 23.13
CA TRP D 440 -19.01 50.57 23.61
C TRP D 440 -19.37 50.11 25.03
CHA HEM E . 14.76 -9.32 -31.83
CHB HEM E . 12.17 -5.54 -30.21
CHC HEM E . 13.13 -3.15 -34.36
CHD HEM E . 15.12 -7.20 -36.18
C1A HEM E . 14.09 -8.46 -30.98
C2A HEM E . 13.93 -8.60 -29.54
C3A HEM E . 13.21 -7.55 -29.09
C4A HEM E . 12.89 -6.71 -30.23
CMA HEM E . 12.79 -7.28 -27.64
CAA HEM E . 14.50 -9.73 -28.67
CBA HEM E . 16.03 -9.59 -28.68
CGA HEM E . 16.67 -10.35 -27.55
O1A HEM E . 15.96 -10.77 -26.60
O2A HEM E . 17.92 -10.53 -27.61
C1B HEM E . 12.24 -4.54 -31.16
C2B HEM E . 11.71 -3.19 -31.04
C3B HEM E . 11.95 -2.51 -32.16
C4B HEM E . 12.66 -3.41 -33.08
CMB HEM E . 10.97 -2.65 -29.80
CAB HEM E . 11.53 -1.03 -32.38
CBB HEM E . 11.67 -0.36 -33.53
C1C HEM E . 13.79 -4.02 -35.21
C2C HEM E . 14.37 -3.70 -36.50
C3C HEM E . 14.93 -4.82 -37.00
C4C HEM E . 14.72 -5.89 -36.04
CMC HEM E . 14.35 -2.29 -37.15
CAC HEM E . 15.66 -5.06 -38.34
CBC HEM E . 15.63 -4.21 -39.38
C1D HEM E . 15.23 -8.13 -35.17
C2D HEM E . 15.82 -9.46 -35.25
C3D HEM E . 15.71 -10.04 -34.07
C4D HEM E . 15.05 -9.11 -33.16
CMD HEM E . 16.46 -10.13 -36.49
CAD HEM E . 16.23 -11.46 -33.72
CBD HEM E . 17.49 -11.24 -32.88
CGD HEM E . 18.18 -12.54 -32.64
O1D HEM E . 17.71 -13.56 -33.20
O2D HEM E . 19.22 -12.57 -31.91
NA HEM E . 13.44 -7.30 -31.35
NB HEM E . 12.81 -4.63 -32.43
NC HEM E . 14.02 -5.35 -34.98
ND HEM E . 14.78 -7.96 -33.88
FE HEM E . 13.55 -6.41 -33.23
N1 H4B F . 13.74 -14.81 -25.58
C2 H4B F . 14.39 -13.69 -25.95
N2 H4B F . 13.66 -12.65 -26.45
N3 H4B F . 15.73 -13.59 -25.86
C4 H4B F . 16.47 -14.62 -25.36
O4 H4B F . 17.71 -14.53 -25.27
C4A H4B F . 15.80 -15.78 -24.98
C8A H4B F . 14.42 -15.86 -25.09
N5 H4B F . 16.46 -16.84 -24.49
N8 H4B F . 13.77 -16.99 -24.73
C6 H4B F . 15.88 -18.15 -24.73
C7 H4B F . 14.44 -18.18 -24.21
C9 H4B F . 16.77 -19.22 -24.11
O9 H4B F . 17.21 -18.81 -22.82
C10 H4B F . 16.02 -20.55 -23.99
C11 H4B F . 16.96 -21.63 -23.44
O10 H4B F . 15.46 -20.94 -25.25
C02 K9C G . 15.56 -4.25 -30.15
C03 K9C G . 15.60 -3.85 -31.48
C04 K9C G . 16.59 -4.35 -32.30
C05 K9C G . 17.53 -5.25 -31.79
C06 K9C G . 17.45 -5.64 -30.47
C07 K9C G . 16.65 -3.94 -33.73
C08 K9C G . 18.33 -6.45 -29.97
C09 K9C G . 19.16 -7.11 -29.44
C10 K9C G . 20.23 -7.88 -28.77
C12 K9C G . 21.17 -10.11 -28.51
N01 K9C G . 16.48 -5.14 -29.68
N02 K9C G . 14.62 -3.77 -29.32
N11 K9C G . 19.99 -9.33 -28.93
C1 BTB H . 21.34 0.86 1.21
O1 BTB H . 22.20 -0.28 1.23
C2 BTB H . 20.59 0.94 2.53
C3 BTB H . 19.51 -0.13 2.60
O3 BTB H . 19.10 -0.41 3.95
C4 BTB H . 21.61 0.66 3.64
O4 BTB H . 21.46 1.47 4.80
N BTB H . 20.00 2.29 2.58
C5 BTB H . 18.94 2.37 1.55
C6 BTB H . 17.85 3.36 1.98
O6 BTB H . 16.90 2.71 2.84
C7 BTB H . 20.99 3.35 2.33
C8 BTB H . 21.11 4.26 3.54
O8 BTB H . 19.81 4.58 4.06
C1 BTB I . 23.99 -15.31 2.19
O1 BTB I . 23.51 -13.99 2.50
C2 BTB I . 23.39 -15.76 0.88
C3 BTB I . 23.65 -14.69 -0.18
O3 BTB I . 23.63 -15.28 -1.49
C4 BTB I . 24.07 -17.05 0.45
O4 BTB I . 24.92 -16.73 -0.66
N BTB I . 21.92 -15.96 1.01
C5 BTB I . 21.53 -16.36 2.38
C6 BTB I . 20.57 -15.29 2.88
O6 BTB I . 21.07 -14.02 2.40
C7 BTB I . 21.42 -16.97 0.05
C8 BTB I . 20.29 -16.38 -0.78
O8 BTB I . 20.62 -15.05 -1.20
C1 BTB J . 49.23 -6.47 -46.72
O1 BTB J . 50.09 -6.65 -45.58
C2 BTB J . 47.87 -5.88 -46.35
C3 BTB J . 46.95 -6.96 -45.76
O3 BTB J . 46.98 -8.19 -46.49
C4 BTB J . 48.03 -4.91 -45.19
O4 BTB J . 48.16 -5.66 -43.98
N BTB J . 47.23 -5.22 -47.54
C5 BTB J . 47.71 -5.78 -48.84
C6 BTB J . 46.90 -6.99 -49.33
O6 BTB J . 45.66 -7.11 -48.63
C7 BTB J . 47.40 -3.74 -47.55
C8 BTB J . 48.78 -3.23 -48.00
O8 BTB J . 48.85 -3.01 -49.41
C1 GOL K . 20.61 8.02 -53.75
O1 GOL K . 21.46 7.32 -52.88
C2 GOL K . 19.47 7.07 -54.07
O2 GOL K . 19.85 6.25 -55.14
C3 GOL K . 18.20 7.83 -54.43
O3 GOL K . 17.41 6.99 -55.24
C1 GOL L . 46.11 -14.33 -6.16
O1 GOL L . 45.47 -13.14 -6.56
C2 GOL L . 45.25 -15.54 -6.50
O2 GOL L . 44.32 -15.25 -7.52
C3 GOL L . 44.46 -15.96 -5.27
O3 GOL L . 43.59 -16.99 -5.67
CL CL M . 20.85 -5.60 -25.52
GD GD N . 18.89 2.14 5.01
ZN ZN O . 8.81 -27.65 -32.44
CHA HEM P . 1.37 -30.21 -14.83
CHB HEM P . 3.51 -28.96 -10.67
CHC HEM P . 2.49 -33.43 -8.91
CHD HEM P . 1.39 -34.87 -13.43
C1A HEM P . 1.88 -29.43 -13.82
C2A HEM P . 1.90 -27.98 -13.75
C3A HEM P . 2.49 -27.62 -12.59
C4A HEM P . 2.87 -28.85 -11.89
CMA HEM P . 2.72 -26.17 -12.10
CAA HEM P . 1.31 -27.02 -14.81
CBA HEM P . -0.21 -26.97 -14.62
CGA HEM P . -0.88 -25.91 -15.46
O1A HEM P . -0.25 -24.89 -15.83
O2A HEM P . -2.09 -26.07 -15.74
C1B HEM P . 3.39 -30.05 -9.81
C2B HEM P . 3.81 -30.10 -8.41
C3B HEM P . 3.54 -31.32 -7.92
C4B HEM P . 2.94 -32.12 -8.99
CMB HEM P . 4.46 -28.94 -7.61
CAB HEM P . 3.85 -31.72 -6.46
CBB HEM P . 3.67 -32.96 -5.94
C1C HEM P . 2.07 -34.24 -9.96
C2C HEM P . 1.62 -35.64 -9.92
C3C HEM P . 1.30 -36.02 -11.19
C4C HEM P . 1.57 -34.90 -12.07
CMC HEM P . 1.51 -36.47 -8.63
CAC HEM P . 0.79 -37.38 -11.75
CBC HEM P . 1.03 -38.56 -11.15
C1D HEM P . 1.20 -33.73 -14.19
C2D HEM P . 0.60 -33.65 -15.52
C3D HEM P . 0.61 -32.37 -15.89
C4D HEM P . 1.19 -31.58 -14.82
CMD HEM P . 0.07 -34.83 -16.37
CAD HEM P . 0.07 -31.78 -17.22
CBD HEM P . -1.43 -31.58 -17.14
CGD HEM P . -1.89 -30.76 -18.31
O1D HEM P . -1.17 -30.72 -19.33
O2D HEM P . -2.96 -30.12 -18.23
NA HEM P . 2.48 -29.92 -12.68
NB HEM P . 2.87 -31.30 -10.11
NC HEM P . 2.02 -33.86 -11.28
ND HEM P . 1.54 -32.45 -13.81
FE HEM P . 2.54 -31.97 -12.05
N1 H4B Q . 2.24 -23.21 -19.31
C2 H4B Q . 1.58 -23.78 -18.27
N2 H4B Q . 2.26 -24.33 -17.23
N3 H4B Q . 0.23 -23.80 -18.26
C4 H4B Q . -0.48 -23.26 -19.26
O4 H4B Q . -1.73 -23.30 -19.20
C4A H4B Q . 0.18 -22.68 -20.34
C8A H4B Q . 1.56 -22.66 -20.35
N5 H4B Q . -0.51 -22.13 -21.37
N8 H4B Q . 2.25 -22.07 -21.39
C6 H4B Q . 0.19 -21.97 -22.64
C7 H4B Q . 1.57 -21.33 -22.46
C9 H4B Q . -0.72 -21.25 -23.66
O9 H4B Q . -1.33 -20.06 -23.14
C10 H4B Q . 0.06 -20.94 -24.93
C11 H4B Q . -0.86 -20.49 -26.06
O10 H4B Q . 0.79 -22.10 -25.32
C02 K9C R . -0.32 -29.22 -9.78
C03 K9C R . -0.37 -30.61 -9.52
C04 K9C R . -1.20 -31.42 -10.30
C05 K9C R . -1.99 -30.83 -11.28
C06 K9C R . -1.90 -29.46 -11.51
C07 K9C R . -1.28 -32.91 -10.06
C08 K9C R . -2.67 -28.95 -12.41
C09 K9C R . -3.46 -28.55 -13.17
C10 K9C R . -4.52 -28.01 -14.04
C12 K9C R . -5.09 -27.46 -16.26
N01 K9C R . -1.08 -28.66 -10.75
N02 K9C R . 0.49 -28.42 -9.05
N11 K9C R . -4.21 -28.31 -15.43
C1 BTB S . 1.90 -1.10 9.77
O1 BTB S . 2.96 -1.86 10.39
C2 BTB S . 1.28 -1.82 8.56
C3 BTB S . 2.25 -1.94 7.37
O3 BTB S . 1.74 -2.82 6.32
C4 BTB S . 0.86 -3.25 8.92
O4 BTB S . 0.52 -3.94 7.72
N BTB S . 0.07 -1.05 8.17
C5 BTB S . 0.37 0.31 7.70
C6 BTB S . 0.28 0.55 6.19
O6 BTB S . -1.09 0.51 5.78
C7 BTB S . -1.00 -1.05 9.20
C8 BTB S . -2.25 -1.76 8.67
O8 BTB S . -2.64 -1.27 7.38
C1 BTB T . -28.80 -49.87 -17.54
O1 BTB T . -27.50 -49.44 -17.95
C2 BTB T . -29.14 -49.14 -16.26
C3 BTB T . -28.83 -47.70 -16.64
O3 BTB T . -29.43 -47.49 -17.91
C4 BTB T . -30.64 -49.25 -16.00
O4 BTB T . -31.34 -48.64 -17.08
N BTB T . -28.33 -49.57 -15.07
C5 BTB T . -27.61 -50.86 -15.23
C6 BTB T . -28.38 -52.11 -14.81
O6 BTB T . -29.55 -52.28 -15.62
C7 BTB T . -29.12 -49.57 -13.80
C8 BTB T . -28.34 -48.85 -12.69
O8 BTB T . -29.19 -47.93 -11.97
C1 GOL U . -5.84 -21.29 -20.94
O1 GOL U . -5.32 -20.00 -20.71
C2 GOL U . -4.84 -22.36 -20.49
O2 GOL U . -3.54 -22.04 -20.96
C3 GOL U . -5.28 -23.68 -21.09
O3 GOL U . -4.18 -24.55 -21.14
CL CL V . -5.81 -25.25 -11.01
GD GD W . -0.70 -2.37 5.97
C1 BTB X . 0.43 5.84 -1.39
O1 BTB X . 1.36 5.16 -0.55
C2 BTB X . -0.46 6.66 -0.47
C3 BTB X . -1.73 5.93 -0.15
O3 BTB X . -2.31 6.64 0.97
C4 BTB X . 0.28 6.85 0.84
O4 BTB X . 0.11 5.66 1.61
N BTB X . -0.87 7.96 -1.05
C5 BTB X . -0.71 7.99 -2.51
C6 BTB X . -2.06 8.42 -3.04
O6 BTB X . -3.05 7.61 -2.39
C7 BTB X . -0.19 9.12 -0.45
C8 BTB X . -1.22 9.96 0.33
O8 BTB X . -2.05 9.08 1.10
CHA HEM Y . -9.80 7.60 31.93
CHB HEM Y . -14.32 6.61 30.48
CHC HEM Y . -14.93 4.10 34.58
CHD HEM Y . -10.95 6.19 36.45
C1A HEM Y . -10.91 7.45 31.12
C2A HEM Y . -11.01 7.74 29.69
C3A HEM Y . -12.25 7.46 29.31
C4A HEM Y . -13.00 6.98 30.45
CMA HEM Y . -12.82 7.61 27.89
CAA HEM Y . -9.87 8.23 28.76
CBA HEM Y . -8.95 7.03 28.63
CGA HEM Y . -7.87 7.18 27.59
O1A HEM Y . -8.09 7.88 26.57
O2A HEM Y . -6.80 6.53 27.77
C1B HEM Y . -14.89 5.80 31.44
C2B HEM Y . -16.20 5.17 31.40
C3B HEM Y . -16.38 4.48 32.53
C4B HEM Y . -15.19 4.65 33.33
CMB HEM Y . -17.23 5.25 30.25
CAB HEM Y . -17.66 3.66 32.84
CBB HEM Y . -17.89 3.09 34.03
C1C HEM Y . -13.88 4.40 35.44
C2C HEM Y . -13.60 3.75 36.70
C3C HEM Y . -12.49 4.32 37.22
C4C HEM Y . -12.06 5.35 36.31
CMC HEM Y . -14.45 2.59 37.28
CAC HEM Y . -11.76 4.02 38.56
CBC HEM Y . -12.40 3.57 39.65
C1D HEM Y . -10.23 6.68 35.38
C2D HEM Y . -8.86 7.17 35.36
C3D HEM Y . -8.56 7.55 34.12
C4D HEM Y . -9.72 7.33 33.29
CMD HEM Y . -7.88 7.25 36.56
CAD HEM Y . -7.20 8.13 33.66
CBD HEM Y . -6.53 7.11 32.75
CGD HEM Y . -5.14 7.57 32.36
O1D HEM Y . -4.77 8.74 32.67
O2D HEM Y . -4.40 6.77 31.73
NA HEM Y . -12.14 7.01 31.54
NB HEM Y . -14.30 5.47 32.64
NC HEM Y . -12.92 5.36 35.24
ND HEM Y . -10.72 6.79 34.09
FE HEM Y . -12.66 6.37 33.53
N1 H4B Z . -7.29 12.23 25.43
C2 H4B Z . -7.47 10.93 25.84
N2 H4B Z . -8.66 10.51 26.32
N3 H4B Z . -6.47 10.04 25.76
C4 H4B Z . -5.25 10.40 25.28
O4 H4B Z . -4.32 9.56 25.21
C4A H4B Z . -5.05 11.72 24.89
C8A H4B Z . -6.10 12.63 24.96
N5 H4B Z . -3.85 12.12 24.41
N8 H4B Z . -5.91 13.91 24.56
C6 H4B Z . -3.52 13.53 24.48
C7 H4B Z . -4.67 14.38 23.98
C9 H4B Z . -2.21 13.77 23.74
O9 H4B Z . -2.25 13.30 22.39
C10 H4B Z . -1.88 15.25 23.69
C11 H4B Z . -0.50 15.47 23.09
O10 H4B Z . -1.94 15.72 25.04
C02 K9C AA . -12.49 3.35 30.34
C03 K9C AA . -12.66 2.94 31.66
C04 K9C AA . -11.53 2.67 32.43
C05 K9C AA . -10.28 2.81 31.89
C06 K9C AA . -10.14 3.24 30.57
C07 K9C AA . -11.63 2.24 33.87
C08 K9C AA . -8.95 3.32 30.08
C09 K9C AA . -7.90 3.30 29.55
C10 K9C AA . -6.59 3.15 28.89
C12 K9C AA . -4.53 4.28 28.30
N01 K9C AA . -11.24 3.47 29.83
N02 K9C AA . -13.56 3.60 29.52
N11 K9C AA . -5.83 4.41 28.98
C1 BTB BA . -12.22 -4.15 -1.02
O1 BTB BA . -10.84 -4.33 -1.34
C2 BTB BA . -13.02 -3.90 -2.29
C3 BTB BA . -13.17 -2.41 -2.59
O3 BTB BA . -14.03 -2.10 -3.70
C4 BTB BA . -12.21 -4.44 -3.47
O4 BTB BA . -12.90 -5.37 -4.32
N BTB BA . -14.35 -4.53 -2.04
C5 BTB BA . -15.05 -3.76 -0.99
C6 BTB BA . -16.53 -3.67 -1.31
O6 BTB BA . -16.74 -3.08 -2.60
C7 BTB BA . -14.24 -5.93 -1.62
C8 BTB BA . -15.42 -6.76 -2.14
O8 BTB BA . -16.13 -6.04 -3.15
C1 BTB CA . 11.33 -15.54 49.62
O1 BTB CA . 10.00 -15.10 49.34
C2 BTB CA . 11.71 -16.68 48.67
C3 BTB CA . 12.48 -17.71 49.48
O3 BTB CA . 11.62 -18.20 50.52
C4 BTB CA . 10.42 -17.33 48.15
O4 BTB CA . 9.45 -17.43 49.21
N BTB CA . 12.54 -16.21 47.52
C5 BTB CA . 12.84 -17.36 46.63
C6 BTB CA . 12.49 -17.06 45.17
O6 BTB CA . 11.09 -16.86 45.05
C7 BTB CA . 13.76 -15.56 48.02
C8 BTB CA . 15.04 -15.89 47.23
O8 BTB CA . 15.97 -16.54 48.10
C1 GOL DA . -17.12 -7.49 54.29
O1 GOL DA . -17.24 -6.47 55.26
C2 GOL DA . -15.79 -8.17 54.49
O2 GOL DA . -15.18 -7.60 55.63
C3 GOL DA . -14.87 -7.95 53.29
O3 GOL DA . -13.54 -8.19 53.69
C1 GOL EA . 15.45 -6.26 6.48
O1 GOL EA . 16.02 -5.09 7.03
C2 GOL EA . 16.54 -7.25 6.18
O2 GOL EA . 16.93 -7.85 7.38
C3 GOL EA . 17.74 -6.57 5.55
O3 GOL EA . 18.22 -7.40 4.51
CL CL FA . -7.90 1.01 25.75
GD GD GA . -15.16 -3.93 -4.66
ZN ZN HA . -2.29 25.44 32.17
CHA HEM IA . -6.90 32.17 14.59
CHB HEM IA . -6.20 29.74 10.46
CHC HEM IA . -3.91 33.59 8.56
CHD HEM IA . -3.72 35.51 13.00
C1A HEM IA . -7.02 31.23 13.61
C2A HEM IA . -7.89 30.08 13.62
C3A HEM IA . -7.70 29.41 12.46
C4A HEM IA . -6.69 30.11 11.70
CMA HEM IA . -8.38 28.13 11.93
CAA HEM IA . -8.88 29.80 14.78
CBA HEM IA . -10.13 30.64 14.49
CGA HEM IA . -11.30 30.37 15.42
O1A HEM IA . -11.47 29.21 15.85
O2A HEM IA . -12.09 31.32 15.70
C1B HEM IA . -5.57 30.55 9.54
C2B HEM IA . -5.27 30.25 8.14
C3B HEM IA . -4.64 31.32 7.60
C4B HEM IA . -4.50 32.33 8.64
CMB HEM IA . -5.66 28.96 7.37
CAB HEM IA . -4.19 31.38 6.12
CBB HEM IA . -3.40 32.34 5.63
C1C HEM IA . -3.67 34.51 9.58
C2C HEM IA . -3.08 35.84 9.47
C3C HEM IA . -3.05 36.38 10.72
C4C HEM IA . -3.59 35.38 11.63
CMC HEM IA . -2.64 36.44 8.11
CAC HEM IA . -2.48 37.75 11.20
CBC HEM IA . -1.63 38.46 10.45
C1D HEM IA . -4.58 34.80 13.82
C2D HEM IA . -4.93 35.12 15.18
C3D HEM IA . -5.79 34.20 15.62
C4D HEM IA . -6.06 33.27 14.54
CMD HEM IA . -4.39 36.29 16.03
CAD HEM IA . -6.44 34.15 17.03
CBD HEM IA . -7.88 34.66 16.90
CGD HEM IA . -8.65 34.65 18.20
O1D HEM IA . -8.05 34.30 19.26
O2D HEM IA . -9.87 34.99 18.21
NA HEM IA . -6.30 31.20 12.44
NB HEM IA . -5.07 31.81 9.80
NC HEM IA . -3.95 34.29 10.91
ND HEM IA . -5.29 33.67 13.46
FE HEM IA . -4.90 32.56 11.76
N1 H4B JA . -10.59 26.21 19.22
C2 H4B JA . -10.74 27.06 18.17
N2 H4B JA . -9.89 27.02 17.11
N3 H4B JA . -11.75 27.95 18.18
C4 H4B JA . -12.61 28.04 19.22
O4 H4B JA . -13.52 28.88 19.17
C4A H4B JA . -12.46 27.18 20.31
C8A H4B JA . -11.43 26.26 20.28
N5 H4B JA . -13.31 27.21 21.36
N8 H4B JA . -11.23 25.41 21.32
C6 H4B JA . -12.85 26.67 22.63
C7 H4B JA . -12.15 25.32 22.45
C9 H4B JA . -13.94 26.61 23.71
O9 H4B JA . -15.14 25.98 23.26
C10 H4B JA . -13.40 25.91 24.95
C11 H4B JA . -14.36 26.01 26.15
O10 H4B JA . -12.12 26.47 25.27
C02 K9C KA . -8.89 32.28 9.57
C03 K9C KA . -7.99 33.32 9.23
C04 K9C KA . -8.04 34.52 9.95
C05 K9C KA . -8.99 34.66 10.96
C06 K9C KA . -9.86 33.61 11.27
C07 K9C KA . -7.11 35.68 9.65
C08 K9C KA . -10.75 33.77 12.18
C09 K9C KA . -11.63 33.91 12.98
C10 K9C KA . -12.78 34.14 13.88
C12 K9C KA . -13.58 33.97 16.14
N01 K9C KA . -9.80 32.46 10.55
N02 K9C KA . -8.89 31.11 8.91
N11 K9C KA . -12.37 33.91 15.28
C1 BTB LA . -25.43 9.34 -9.18
O1 BTB LA . -25.37 10.09 -10.39
C2 BTB LA . -25.70 10.31 -8.04
C3 BTB LA . -24.94 9.85 -6.79
O3 BTB LA . -25.06 10.83 -5.74
C4 BTB LA . -25.11 11.67 -8.41
O4 BTB LA . -25.55 12.63 -7.46
N BTB LA . -27.16 10.37 -7.76
C5 BTB LA . -27.66 9.05 -7.32
C6 BTB LA . -28.25 9.12 -5.92
O6 BTB LA . -29.35 10.04 -5.90
C7 BTB LA . -28.00 10.88 -8.86
C8 BTB LA . -28.45 12.34 -8.65
O8 BTB LA . -29.21 12.53 -7.46
C1 BTB MA . -19.20 64.86 16.95
O1 BTB MA . -19.37 64.73 18.36
C2 BTB MA . -18.06 65.83 16.71
C3 BTB MA . -18.48 67.20 17.17
O3 BTB MA . -18.18 67.26 18.58
C4 BTB MA . -16.92 65.36 17.59
O4 BTB MA . -17.32 64.22 18.36
N BTB MA . -17.84 65.76 15.25
C5 BTB MA . -16.69 66.42 14.56
C6 BTB MA . -15.59 67.15 15.32
O6 BTB MA . -14.67 66.20 15.89
C7 BTB MA . -19.04 66.36 14.62
C8 BTB MA . -19.37 65.76 13.26
O8 BTB MA . -19.77 66.73 12.29
C1 GOL NA . -17.05 29.49 21.38
O1 GOL NA . -18.32 29.72 20.79
C2 GOL NA . -16.30 30.79 21.58
O2 GOL NA . -16.68 31.75 20.62
C3 GOL NA . -14.82 30.48 21.47
O3 GOL NA . -14.11 31.66 21.17
CL CL OA . -15.76 32.88 11.09
GD GD PA . -27.27 12.13 -5.66
#